data_6S88
#
_entry.id   6S88
#
_cell.length_a   175.710
_cell.length_b   96.775
_cell.length_c   124.796
_cell.angle_alpha   90.000
_cell.angle_beta   102.740
_cell.angle_gamma   90.000
#
_symmetry.space_group_name_H-M   'C 1 2 1'
#
loop_
_entity.id
_entity.type
_entity.pdbx_description
1 polymer 'Fumarate hydratase class II'
2 non-polymer ~{N}-[2-methoxy-5-(1,2,4,5-tetrahydro-3-benzazepin-3-ylsulfonyl)phenyl]-2-(4-oxidanylidene-3~{H}-phthalazin-1-yl)ethanamide
3 non-polymer 'FORMIC ACID'
4 non-polymer 'MAGNESIUM ION'
5 water water
#
_entity_poly.entity_id   1
_entity_poly.type   'polypeptide(L)'
_entity_poly.pdbx_seq_one_letter_code
;MAVDADSANYRIEHDTMGEVRVPAKALWRAQTQRAVENFPISGRGLERTQIRALGLLKGACAQVNSDLGLLAPEKADAII
AAAAEIADGQHDDQFPIDVFQTGSGTSSNMNTNEVIASIAAKGGVTLHPNDDVNMSQSSNDTFPTATHIAATEAAVAHLI
PALQQLHDALAAKALDWHTVVKSGRTHLMDAVPVTLGQEFSGYARQIEAGIERVRACLPRLGELAIGGTAVGTGLNAPDD
FGVRVVAVLVAQTGLSELRTAANSFEAQAARDGLVEASGALRTIAVSLTKIANDIRWMGSGPLTGLAEIQLPDLQPGSSI
MPGKVNPVLPEAVTQVAAQVIGNDAAIAWGGANGAFELNVYIPMMARNILESFKLLTNVSRLFAQRCIAGLTANVEHLRR
LAESSPSIVTPLNSAIGYEEAAAVAKQALKERKTIRQTVIDRGLIGDRLSIEDLDRRLDVLAMAKAEQLDSDRL
;
_entity_poly.pdbx_strand_id   A,B,C,D
#
loop_
_chem_comp.id
_chem_comp.type
_chem_comp.name
_chem_comp.formula
FMT non-polymer 'FORMIC ACID' 'C H2 O2'
L0K non-polymer ~{N}-[2-methoxy-5-(1,2,4,5-tetrahydro-3-benzazepin-3-ylsulfonyl)phenyl]-2-(4-oxidanylidene-3~{H}-phthalazin-1-yl)ethanamide 'C27 H26 N4 O5 S'
MG non-polymer 'MAGNESIUM ION' 'Mg 2'
#
# COMPACT_ATOMS: atom_id res chain seq x y z
N TYR A 10 -6.54 37.97 -24.66
CA TYR A 10 -5.64 38.11 -23.47
C TYR A 10 -6.15 39.22 -22.54
N ARG A 11 -7.48 39.29 -22.29
CA ARG A 11 -8.18 40.38 -21.53
C ARG A 11 -7.63 40.50 -20.09
N ILE A 12 -7.92 41.63 -19.40
CA ILE A 12 -7.26 42.03 -18.13
C ILE A 12 -8.30 42.19 -17.00
N GLU A 13 -7.93 41.86 -15.75
CA GLU A 13 -8.83 41.91 -14.56
C GLU A 13 -8.07 42.48 -13.34
N HIS A 14 -8.78 43.25 -12.51
CA HIS A 14 -8.26 43.98 -11.33
C HIS A 14 -8.75 43.27 -10.07
N ASP A 15 -7.81 42.82 -9.25
CA ASP A 15 -8.03 41.96 -8.06
C ASP A 15 -7.97 42.82 -6.79
N THR A 16 -8.18 42.21 -5.63
CA THR A 16 -7.92 42.79 -4.29
C THR A 16 -6.40 42.88 -4.05
N MET A 17 -5.57 42.34 -4.95
CA MET A 17 -4.09 42.26 -4.78
C MET A 17 -3.36 42.58 -6.10
N GLY A 18 -3.99 43.31 -7.04
CA GLY A 18 -3.30 43.84 -8.24
C GLY A 18 -4.04 43.54 -9.53
N GLU A 19 -3.30 43.35 -10.63
CA GLU A 19 -3.84 43.01 -11.99
C GLU A 19 -3.58 41.54 -12.29
N VAL A 20 -4.48 40.89 -13.04
CA VAL A 20 -4.34 39.49 -13.55
C VAL A 20 -4.74 39.46 -15.03
N ARG A 21 -3.88 38.93 -15.90
CA ARG A 21 -4.26 38.62 -17.30
C ARG A 21 -5.05 37.30 -17.31
N VAL A 22 -6.23 37.32 -17.91
CA VAL A 22 -7.12 36.15 -18.08
C VAL A 22 -7.31 35.91 -19.58
N PRO A 23 -7.15 34.68 -20.10
CA PRO A 23 -7.50 34.44 -21.51
C PRO A 23 -8.89 35.00 -21.86
N ALA A 24 -9.00 35.54 -23.09
CA ALA A 24 -10.19 36.28 -23.61
C ALA A 24 -11.43 35.38 -23.61
N LYS A 25 -11.31 34.15 -24.08
CA LYS A 25 -12.43 33.19 -24.18
C LYS A 25 -12.56 32.37 -22.89
N ALA A 26 -11.89 32.78 -21.82
CA ALA A 26 -12.04 32.16 -20.48
C ALA A 26 -13.29 32.75 -19.82
N LEU A 27 -14.11 31.89 -19.22
CA LEU A 27 -15.27 32.32 -18.40
C LEU A 27 -14.85 32.38 -16.92
N TRP A 28 -13.67 31.87 -16.56
CA TRP A 28 -13.23 32.09 -15.16
C TRP A 28 -12.75 33.52 -14.97
N ARG A 29 -12.52 33.94 -13.73
CA ARG A 29 -12.10 35.32 -13.38
C ARG A 29 -10.83 35.28 -12.55
N ALA A 30 -10.64 36.28 -11.69
CA ALA A 30 -9.33 36.60 -11.08
C ALA A 30 -8.94 35.51 -10.08
N GLN A 31 -9.86 35.02 -9.27
CA GLN A 31 -9.55 34.02 -8.22
C GLN A 31 -9.06 32.72 -8.90
N THR A 32 -9.69 32.31 -9.98
CA THR A 32 -9.26 31.10 -10.73
C THR A 32 -7.86 31.29 -11.34
N GLN A 33 -7.66 32.43 -12.00
CA GLN A 33 -6.36 32.74 -12.63
C GLN A 33 -5.24 32.72 -11.56
N ARG A 34 -5.45 33.30 -10.38
CA ARG A 34 -4.46 33.22 -9.26
C ARG A 34 -4.18 31.76 -8.87
N ALA A 35 -5.20 30.92 -8.80
CA ALA A 35 -5.06 29.47 -8.53
C ALA A 35 -4.27 28.80 -9.65
N VAL A 36 -4.49 29.17 -10.91
CA VAL A 36 -3.70 28.67 -12.07
C VAL A 36 -2.22 29.00 -11.82
N GLU A 37 -1.94 30.22 -11.38
CA GLU A 37 -0.56 30.70 -11.12
C GLU A 37 0.03 30.05 -9.86
N ASN A 38 -0.77 29.75 -8.83
N ASN A 38 -0.79 29.73 -8.85
CA ASN A 38 -0.27 29.22 -7.53
CA ASN A 38 -0.31 29.21 -7.54
C ASN A 38 0.06 27.71 -7.61
C ASN A 38 0.02 27.71 -7.58
N PHE A 39 -0.65 26.93 -8.44
CA PHE A 39 -0.57 25.45 -8.40
C PHE A 39 -0.19 24.80 -9.72
N PRO A 40 0.90 25.21 -10.40
CA PRO A 40 1.35 24.47 -11.59
C PRO A 40 2.15 23.19 -11.24
N ILE A 41 1.41 22.15 -10.91
CA ILE A 41 1.96 20.95 -10.22
C ILE A 41 1.81 19.75 -11.13
N SER A 42 0.59 19.38 -11.48
CA SER A 42 0.32 18.13 -12.25
C SER A 42 -0.03 18.44 -13.70
N GLY A 43 -0.56 19.62 -13.99
CA GLY A 43 -1.10 19.93 -15.33
C GLY A 43 -2.41 19.22 -15.63
N ARG A 44 -3.07 18.60 -14.64
CA ARG A 44 -4.36 17.89 -14.83
C ARG A 44 -5.35 18.55 -13.87
N GLY A 45 -6.50 18.96 -14.37
CA GLY A 45 -7.56 19.55 -13.52
C GLY A 45 -8.65 18.57 -13.22
N LEU A 46 -9.82 19.10 -12.81
CA LEU A 46 -10.98 18.25 -12.41
C LEU A 46 -11.43 17.45 -13.64
N GLU A 47 -11.94 16.27 -13.35
N GLU A 47 -11.85 16.21 -13.41
CA GLU A 47 -12.57 15.40 -14.36
CA GLU A 47 -12.45 15.35 -14.46
C GLU A 47 -13.96 15.94 -14.70
C GLU A 47 -13.94 15.71 -14.59
N ARG A 48 -14.52 15.38 -15.76
CA ARG A 48 -15.86 15.76 -16.26
C ARG A 48 -16.91 15.46 -15.19
N THR A 49 -16.77 14.40 -14.40
CA THR A 49 -17.80 13.98 -13.42
C THR A 49 -17.82 14.97 -12.24
N GLN A 50 -16.66 15.48 -11.78
N GLN A 50 -16.64 15.44 -11.83
CA GLN A 50 -16.62 16.45 -10.65
CA GLN A 50 -16.45 16.48 -10.80
C GLN A 50 -17.06 17.84 -11.15
C GLN A 50 -17.13 17.78 -11.22
N ILE A 51 -16.81 18.24 -12.41
CA ILE A 51 -17.31 19.49 -12.97
C ILE A 51 -18.83 19.39 -13.06
N ARG A 52 -19.34 18.28 -13.57
CA ARG A 52 -20.81 18.10 -13.66
C ARG A 52 -21.45 18.26 -12.28
N ALA A 53 -20.89 17.60 -11.25
CA ALA A 53 -21.44 17.59 -9.89
C ALA A 53 -21.42 19.01 -9.32
N LEU A 54 -20.37 19.79 -9.58
CA LEU A 54 -20.29 21.21 -9.12
C LEU A 54 -21.43 22.02 -9.77
N GLY A 55 -21.70 21.80 -11.05
CA GLY A 55 -22.88 22.44 -11.68
C GLY A 55 -24.18 21.98 -11.02
N LEU A 56 -24.39 20.68 -10.91
CA LEU A 56 -25.59 20.17 -10.21
C LEU A 56 -25.77 20.89 -8.87
N LEU A 57 -24.74 20.92 -8.01
CA LEU A 57 -24.84 21.47 -6.65
C LEU A 57 -25.19 22.96 -6.71
N LYS A 58 -24.53 23.74 -7.59
CA LYS A 58 -24.81 25.19 -7.66
C LYS A 58 -26.25 25.45 -8.11
N GLY A 59 -26.79 24.71 -9.08
CA GLY A 59 -28.20 24.80 -9.52
C GLY A 59 -29.13 24.53 -8.35
N ALA A 60 -28.88 23.46 -7.59
CA ALA A 60 -29.80 23.07 -6.50
C ALA A 60 -29.69 24.11 -5.41
N CYS A 61 -28.51 24.63 -5.12
CA CYS A 61 -28.39 25.66 -4.04
C CYS A 61 -29.17 26.92 -4.43
N ALA A 62 -29.08 27.30 -5.69
CA ALA A 62 -29.80 28.52 -6.11
C ALA A 62 -31.30 28.26 -6.04
N GLN A 63 -31.74 27.07 -6.43
CA GLN A 63 -33.19 26.70 -6.37
C GLN A 63 -33.66 26.91 -4.93
N VAL A 64 -32.89 26.39 -3.97
CA VAL A 64 -33.29 26.44 -2.56
C VAL A 64 -33.22 27.89 -2.05
N ASN A 65 -32.19 28.65 -2.38
CA ASN A 65 -32.07 30.04 -1.91
C ASN A 65 -33.26 30.84 -2.50
N SER A 66 -33.68 30.50 -3.70
CA SER A 66 -34.85 31.13 -4.35
C SER A 66 -36.12 30.74 -3.57
N ASP A 67 -36.31 29.44 -3.34
CA ASP A 67 -37.48 28.88 -2.61
C ASP A 67 -37.64 29.52 -1.22
N LEU A 68 -36.55 29.80 -0.50
CA LEU A 68 -36.55 30.37 0.86
C LEU A 68 -36.65 31.90 0.83
N GLY A 69 -36.68 32.50 -0.36
CA GLY A 69 -36.77 33.98 -0.53
C GLY A 69 -35.47 34.70 -0.25
N LEU A 70 -34.31 34.03 -0.26
CA LEU A 70 -32.99 34.63 0.07
C LEU A 70 -32.32 35.25 -1.14
N LEU A 71 -32.73 34.82 -2.32
CA LEU A 71 -32.09 35.16 -3.61
C LEU A 71 -33.18 35.55 -4.58
N ALA A 72 -33.03 36.71 -5.21
CA ALA A 72 -33.99 37.24 -6.21
C ALA A 72 -34.15 36.21 -7.30
N PRO A 73 -35.39 35.92 -7.74
CA PRO A 73 -35.60 34.85 -8.72
C PRO A 73 -34.93 35.03 -10.10
N GLU A 74 -34.71 36.25 -10.58
CA GLU A 74 -34.02 36.52 -11.88
C GLU A 74 -32.53 36.09 -11.77
N LYS A 75 -31.90 36.32 -10.62
CA LYS A 75 -30.53 35.82 -10.32
C LYS A 75 -30.55 34.29 -10.18
N ALA A 76 -31.54 33.73 -9.45
CA ALA A 76 -31.63 32.27 -9.24
C ALA A 76 -31.80 31.59 -10.60
N ASP A 77 -32.70 32.07 -11.46
CA ASP A 77 -32.89 31.55 -12.84
C ASP A 77 -31.61 31.57 -13.65
N ALA A 78 -30.82 32.63 -13.58
CA ALA A 78 -29.55 32.80 -14.32
C ALA A 78 -28.53 31.78 -13.80
N ILE A 79 -28.48 31.56 -12.49
CA ILE A 79 -27.56 30.55 -11.90
C ILE A 79 -27.99 29.16 -12.35
N ILE A 80 -29.28 28.85 -12.22
CA ILE A 80 -29.87 27.53 -12.61
C ILE A 80 -29.58 27.28 -14.09
N ALA A 81 -29.83 28.24 -15.00
CA ALA A 81 -29.51 28.03 -16.43
C ALA A 81 -27.99 27.78 -16.64
N ALA A 82 -27.12 28.58 -16.03
CA ALA A 82 -25.65 28.46 -16.15
C ALA A 82 -25.21 27.12 -15.56
N ALA A 83 -25.70 26.77 -14.39
CA ALA A 83 -25.31 25.50 -13.74
C ALA A 83 -25.71 24.32 -14.61
N ALA A 84 -26.85 24.39 -15.30
CA ALA A 84 -27.34 23.28 -16.16
C ALA A 84 -26.34 23.07 -17.31
N GLU A 85 -25.80 24.17 -17.87
CA GLU A 85 -24.83 24.07 -18.98
C GLU A 85 -23.58 23.39 -18.44
N ILE A 86 -23.14 23.75 -17.23
CA ILE A 86 -21.94 23.10 -16.62
C ILE A 86 -22.24 21.63 -16.40
N ALA A 87 -23.40 21.31 -15.82
CA ALA A 87 -23.77 19.90 -15.54
C ALA A 87 -23.86 19.08 -16.84
N ASP A 88 -24.22 19.71 -17.97
CA ASP A 88 -24.40 19.03 -19.27
C ASP A 88 -23.06 18.88 -20.01
N GLY A 89 -21.96 19.34 -19.39
CA GLY A 89 -20.60 19.11 -19.89
C GLY A 89 -20.22 20.12 -20.96
N GLN A 90 -20.86 21.27 -21.01
CA GLN A 90 -20.62 22.27 -22.08
C GLN A 90 -19.41 23.15 -21.73
N HIS A 91 -18.88 23.09 -20.51
CA HIS A 91 -17.84 24.06 -20.09
C HIS A 91 -16.69 23.34 -19.43
N ASP A 92 -16.41 22.12 -19.85
CA ASP A 92 -15.34 21.28 -19.26
C ASP A 92 -13.97 21.98 -19.45
N ASP A 93 -13.83 22.86 -20.45
CA ASP A 93 -12.55 23.61 -20.68
C ASP A 93 -12.47 24.89 -19.83
N GLN A 94 -13.44 25.17 -18.96
CA GLN A 94 -13.39 26.41 -18.13
C GLN A 94 -12.92 26.12 -16.71
N PHE A 95 -12.33 24.94 -16.48
CA PHE A 95 -11.88 24.51 -15.14
C PHE A 95 -10.40 24.17 -15.19
N PRO A 96 -9.51 25.19 -15.20
CA PRO A 96 -8.09 24.95 -15.44
C PRO A 96 -7.27 24.70 -14.18
N ILE A 97 -7.87 24.76 -12.98
CA ILE A 97 -7.09 24.64 -11.72
C ILE A 97 -6.57 23.22 -11.55
N ASP A 98 -5.34 23.09 -11.13
CA ASP A 98 -4.73 21.79 -10.81
C ASP A 98 -5.54 21.05 -9.75
N VAL A 99 -5.58 19.72 -9.84
CA VAL A 99 -6.03 18.85 -8.73
C VAL A 99 -5.32 19.22 -7.43
N PHE A 100 -4.02 19.52 -7.51
CA PHE A 100 -3.17 19.76 -6.32
C PHE A 100 -3.26 21.22 -5.92
N GLN A 101 -4.39 21.52 -5.33
CA GLN A 101 -4.78 22.87 -4.87
C GLN A 101 -5.06 22.85 -3.37
N THR A 102 -5.48 23.98 -2.81
CA THR A 102 -5.93 24.06 -1.42
C THR A 102 -6.84 22.86 -1.11
N GLY A 103 -6.61 22.24 0.04
CA GLY A 103 -7.12 20.88 0.31
C GLY A 103 -8.59 20.83 0.57
N SER A 104 -9.28 21.96 0.72
CA SER A 104 -10.74 22.00 0.89
C SER A 104 -11.42 21.98 -0.47
N GLY A 105 -10.67 22.23 -1.54
CA GLY A 105 -11.20 22.44 -2.89
C GLY A 105 -11.87 23.79 -3.03
N THR A 106 -11.56 24.74 -2.16
CA THR A 106 -12.12 26.11 -2.25
C THR A 106 -11.79 26.72 -3.63
N SER A 107 -10.59 26.54 -4.17
CA SER A 107 -10.22 27.14 -5.49
C SER A 107 -11.18 26.66 -6.57
N SER A 108 -11.51 25.38 -6.62
CA SER A 108 -12.45 24.85 -7.63
C SER A 108 -13.87 25.35 -7.32
N ASN A 109 -14.23 25.47 -6.06
CA ASN A 109 -15.54 26.06 -5.71
C ASN A 109 -15.66 27.45 -6.36
N MET A 110 -14.65 28.28 -6.14
CA MET A 110 -14.63 29.67 -6.64
C MET A 110 -14.62 29.65 -8.18
N ASN A 111 -13.95 28.67 -8.78
CA ASN A 111 -13.87 28.53 -10.23
C ASN A 111 -15.27 28.35 -10.79
N THR A 112 -16.06 27.52 -10.11
CA THR A 112 -17.47 27.28 -10.48
C THR A 112 -18.29 28.55 -10.33
N ASN A 113 -18.11 29.28 -9.24
CA ASN A 113 -18.89 30.52 -8.97
C ASN A 113 -18.56 31.58 -10.07
N GLU A 114 -17.29 31.72 -10.44
CA GLU A 114 -16.83 32.70 -11.45
C GLU A 114 -17.38 32.32 -12.82
N VAL A 115 -17.32 31.06 -13.21
CA VAL A 115 -17.79 30.60 -14.54
C VAL A 115 -19.31 30.85 -14.61
N ILE A 116 -20.07 30.50 -13.58
CA ILE A 116 -21.54 30.77 -13.59
C ILE A 116 -21.79 32.28 -13.76
N ALA A 117 -21.12 33.13 -12.97
CA ALA A 117 -21.29 34.59 -13.09
C ALA A 117 -20.99 35.06 -14.53
N SER A 118 -19.92 34.54 -15.15
CA SER A 118 -19.54 34.98 -16.53
C SER A 118 -20.57 34.49 -17.52
N ILE A 119 -21.13 33.29 -17.33
CA ILE A 119 -22.19 32.78 -18.24
C ILE A 119 -23.41 33.69 -18.08
N ALA A 120 -23.75 34.06 -16.85
CA ALA A 120 -24.95 34.88 -16.58
C ALA A 120 -24.78 36.26 -17.25
N ALA A 121 -23.60 36.86 -17.12
CA ALA A 121 -23.25 38.19 -17.67
C ALA A 121 -23.59 38.27 -19.15
N LYS A 122 -23.31 37.21 -19.93
CA LYS A 122 -23.57 37.13 -21.40
C LYS A 122 -25.06 37.22 -21.69
N GLY A 123 -25.93 36.84 -20.74
CA GLY A 123 -27.39 36.90 -20.88
C GLY A 123 -27.97 38.09 -20.14
N GLY A 124 -27.13 39.04 -19.74
CA GLY A 124 -27.58 40.35 -19.23
C GLY A 124 -27.79 40.38 -17.72
N VAL A 125 -27.35 39.36 -16.97
CA VAL A 125 -27.66 39.30 -15.52
C VAL A 125 -26.36 39.38 -14.77
N THR A 126 -26.29 40.26 -13.80
CA THR A 126 -25.11 40.47 -12.95
C THR A 126 -25.25 39.59 -11.70
N LEU A 127 -24.29 38.68 -11.51
CA LEU A 127 -24.20 37.81 -10.31
C LEU A 127 -22.85 38.06 -9.66
N HIS A 128 -22.84 38.24 -8.35
CA HIS A 128 -21.64 38.25 -7.51
C HIS A 128 -21.25 36.79 -7.24
N PRO A 129 -20.06 36.34 -7.66
CA PRO A 129 -19.68 34.94 -7.47
C PRO A 129 -19.85 34.45 -6.01
N ASN A 130 -19.37 35.24 -5.05
CA ASN A 130 -19.48 34.88 -3.63
C ASN A 130 -20.93 35.09 -3.14
N ASP A 131 -21.45 36.32 -3.25
CA ASP A 131 -22.65 36.74 -2.48
C ASP A 131 -23.90 36.06 -3.07
N ASP A 132 -23.91 35.80 -4.37
CA ASP A 132 -25.08 35.21 -5.06
C ASP A 132 -24.81 33.71 -5.31
N VAL A 133 -23.72 33.35 -5.95
CA VAL A 133 -23.61 31.96 -6.46
C VAL A 133 -23.20 31.07 -5.29
N ASN A 134 -22.48 31.61 -4.31
CA ASN A 134 -22.03 30.91 -3.09
C ASN A 134 -22.95 31.19 -1.90
N MET A 135 -24.12 31.74 -2.13
CA MET A 135 -25.03 32.08 -0.98
C MET A 135 -25.40 30.83 -0.17
N SER A 136 -25.28 30.94 1.14
CA SER A 136 -25.66 29.91 2.14
C SER A 136 -24.59 28.79 2.18
N GLN A 137 -23.52 28.95 1.42
CA GLN A 137 -22.52 27.86 1.24
C GLN A 137 -21.22 28.35 1.85
N SER A 138 -20.28 27.47 2.10
CA SER A 138 -18.96 27.94 2.55
C SER A 138 -17.91 27.42 1.59
N SER A 139 -16.67 27.75 1.91
CA SER A 139 -15.51 27.25 1.14
C SER A 139 -15.24 25.76 1.43
N ASN A 140 -15.93 25.11 2.42
CA ASN A 140 -15.59 23.77 3.00
C ASN A 140 -16.67 22.67 2.90
N ASP A 141 -17.95 23.00 2.64
CA ASP A 141 -19.02 21.98 2.54
C ASP A 141 -19.37 21.71 1.07
N THR A 142 -18.86 22.51 0.14
CA THR A 142 -19.34 22.47 -1.28
C THR A 142 -18.54 21.43 -2.07
N PHE A 143 -17.22 21.54 -2.08
CA PHE A 143 -16.38 20.63 -2.89
C PHE A 143 -16.59 19.21 -2.41
N PRO A 144 -16.54 18.85 -1.11
CA PRO A 144 -16.84 17.45 -0.75
C PRO A 144 -18.26 16.99 -1.06
N THR A 145 -19.26 17.89 -1.01
CA THR A 145 -20.62 17.53 -1.47
C THR A 145 -20.53 17.14 -2.95
N ALA A 146 -19.86 17.95 -3.78
CA ALA A 146 -19.77 17.65 -5.22
C ALA A 146 -19.04 16.30 -5.46
N THR A 147 -18.02 16.02 -4.65
CA THR A 147 -17.25 14.77 -4.74
C THR A 147 -18.16 13.57 -4.47
N HIS A 148 -18.99 13.68 -3.45
CA HIS A 148 -19.88 12.57 -3.06
C HIS A 148 -21.03 12.44 -4.06
N ILE A 149 -21.54 13.52 -4.65
CA ILE A 149 -22.51 13.43 -5.75
C ILE A 149 -21.88 12.69 -6.94
N ALA A 150 -20.68 13.09 -7.32
CA ALA A 150 -19.98 12.50 -8.48
C ALA A 150 -19.71 11.02 -8.22
N ALA A 151 -19.22 10.67 -7.04
CA ALA A 151 -18.88 9.26 -6.72
C ALA A 151 -20.17 8.42 -6.67
N THR A 152 -21.26 8.94 -6.10
CA THR A 152 -22.51 8.17 -5.98
C THR A 152 -23.08 7.95 -7.38
N GLU A 153 -23.09 8.99 -8.22
CA GLU A 153 -23.57 8.84 -9.62
C GLU A 153 -22.67 7.83 -10.40
N ALA A 154 -21.36 7.92 -10.22
CA ALA A 154 -20.43 6.95 -10.84
C ALA A 154 -20.78 5.54 -10.39
N ALA A 155 -21.04 5.31 -9.11
CA ALA A 155 -21.33 3.95 -8.58
C ALA A 155 -22.64 3.47 -9.18
N VAL A 156 -23.68 4.30 -9.13
CA VAL A 156 -25.07 3.85 -9.41
C VAL A 156 -25.36 3.83 -10.92
N ALA A 157 -25.05 4.88 -11.68
CA ALA A 157 -25.47 5.00 -13.07
C ALA A 157 -24.49 4.31 -14.03
N HIS A 158 -23.22 4.10 -13.61
CA HIS A 158 -22.11 3.74 -14.52
C HIS A 158 -21.43 2.45 -14.07
N LEU A 159 -20.85 2.38 -12.88
CA LEU A 159 -20.07 1.16 -12.52
C LEU A 159 -21.00 -0.07 -12.35
N ILE A 160 -22.10 0.05 -11.63
CA ILE A 160 -22.96 -1.15 -11.41
C ILE A 160 -23.45 -1.69 -12.74
N PRO A 161 -24.02 -0.88 -13.65
CA PRO A 161 -24.46 -1.46 -14.93
C PRO A 161 -23.31 -2.08 -15.72
N ALA A 162 -22.10 -1.50 -15.66
CA ALA A 162 -20.91 -2.07 -16.32
C ALA A 162 -20.59 -3.41 -15.69
N LEU A 163 -20.58 -3.48 -14.38
CA LEU A 163 -20.29 -4.78 -13.72
C LEU A 163 -21.41 -5.77 -14.04
N GLN A 164 -22.67 -5.34 -14.16
CA GLN A 164 -23.77 -6.27 -14.48
C GLN A 164 -23.56 -6.81 -15.90
N GLN A 165 -23.09 -5.98 -16.83
CA GLN A 165 -22.80 -6.44 -18.21
C GLN A 165 -21.69 -7.52 -18.17
N LEU A 166 -20.63 -7.30 -17.38
CA LEU A 166 -19.55 -8.31 -17.25
C LEU A 166 -20.09 -9.59 -16.59
N HIS A 167 -20.82 -9.48 -15.51
CA HIS A 167 -21.49 -10.63 -14.84
C HIS A 167 -22.26 -11.44 -15.89
N ASP A 168 -23.09 -10.77 -16.67
CA ASP A 168 -24.01 -11.47 -17.59
C ASP A 168 -23.18 -12.17 -18.67
N ALA A 169 -22.07 -11.58 -19.11
CA ALA A 169 -21.17 -12.18 -20.13
C ALA A 169 -20.52 -13.44 -19.55
N LEU A 170 -20.03 -13.34 -18.33
CA LEU A 170 -19.39 -14.50 -17.64
C LEU A 170 -20.43 -15.62 -17.43
N ALA A 171 -21.62 -15.29 -16.91
CA ALA A 171 -22.72 -16.25 -16.70
C ALA A 171 -23.13 -16.91 -18.02
N ALA A 172 -23.19 -16.17 -19.13
CA ALA A 172 -23.58 -16.74 -20.42
C ALA A 172 -22.52 -17.76 -20.84
N LYS A 173 -21.24 -17.47 -20.65
CA LYS A 173 -20.17 -18.48 -20.90
C LYS A 173 -20.33 -19.68 -19.98
N ALA A 174 -20.62 -19.49 -18.68
CA ALA A 174 -20.81 -20.56 -17.68
C ALA A 174 -21.89 -21.52 -18.22
N LEU A 175 -22.91 -20.97 -18.86
CA LEU A 175 -24.04 -21.81 -19.31
C LEU A 175 -23.62 -22.51 -20.60
N ASP A 176 -23.05 -21.80 -21.56
CA ASP A 176 -22.58 -22.38 -22.85
C ASP A 176 -21.59 -23.52 -22.60
N TRP A 177 -20.76 -23.42 -21.57
CA TRP A 177 -19.66 -24.37 -21.27
C TRP A 177 -19.99 -25.29 -20.10
N HIS A 178 -21.27 -25.49 -19.85
CA HIS A 178 -21.77 -26.31 -18.73
C HIS A 178 -21.15 -27.72 -18.74
N THR A 179 -20.97 -28.31 -19.91
CA THR A 179 -20.48 -29.72 -20.04
C THR A 179 -19.04 -29.79 -20.59
N VAL A 180 -18.33 -28.67 -20.63
CA VAL A 180 -16.96 -28.63 -21.19
C VAL A 180 -16.01 -29.07 -20.07
N VAL A 181 -15.82 -30.37 -19.97
CA VAL A 181 -15.00 -30.98 -18.89
C VAL A 181 -13.52 -30.69 -19.17
N LYS A 182 -12.75 -30.49 -18.10
CA LYS A 182 -11.31 -30.23 -18.18
C LYS A 182 -10.68 -30.63 -16.86
N SER A 183 -9.35 -30.68 -16.86
N SER A 183 -9.36 -30.66 -16.83
CA SER A 183 -8.53 -30.89 -15.65
CA SER A 183 -8.59 -30.92 -15.60
C SER A 183 -8.76 -29.70 -14.70
C SER A 183 -8.66 -29.72 -14.68
N GLY A 184 -9.05 -29.95 -13.43
CA GLY A 184 -8.83 -28.93 -12.40
C GLY A 184 -7.35 -28.62 -12.28
N ARG A 185 -7.03 -27.51 -11.64
CA ARG A 185 -5.63 -27.14 -11.29
C ARG A 185 -5.63 -26.50 -9.92
N THR A 186 -4.87 -27.08 -9.02
CA THR A 186 -4.60 -26.55 -7.67
C THR A 186 -3.08 -26.47 -7.50
N HIS A 187 -2.57 -25.34 -7.03
CA HIS A 187 -1.11 -25.11 -6.87
C HIS A 187 -0.44 -25.12 -8.24
N LEU A 188 -1.23 -24.92 -9.31
CA LEU A 188 -0.86 -25.02 -10.74
C LEU A 188 -0.69 -26.48 -11.19
N MET A 189 -0.94 -27.44 -10.30
CA MET A 189 -0.77 -28.87 -10.62
C MET A 189 -2.11 -29.49 -10.99
N ASP A 190 -2.04 -30.56 -11.76
CA ASP A 190 -3.24 -31.24 -12.25
C ASP A 190 -4.03 -31.77 -11.04
N ALA A 191 -5.35 -31.65 -11.10
CA ALA A 191 -6.31 -32.09 -10.07
C ALA A 191 -7.53 -32.70 -10.75
N VAL A 192 -8.45 -33.18 -9.96
CA VAL A 192 -9.66 -33.85 -10.48
C VAL A 192 -10.47 -32.89 -11.34
N PRO A 193 -11.36 -33.42 -12.18
CA PRO A 193 -12.04 -32.63 -13.17
C PRO A 193 -13.01 -31.56 -12.64
N VAL A 194 -13.09 -30.48 -13.42
CA VAL A 194 -14.10 -29.41 -13.35
C VAL A 194 -14.65 -29.22 -14.76
N THR A 195 -15.59 -28.31 -14.92
CA THR A 195 -15.97 -27.82 -16.24
C THR A 195 -15.52 -26.37 -16.37
N LEU A 196 -15.26 -25.95 -17.61
CA LEU A 196 -15.00 -24.54 -17.91
C LEU A 196 -16.22 -23.75 -17.40
N GLY A 197 -17.43 -24.29 -17.54
CA GLY A 197 -18.64 -23.64 -17.02
C GLY A 197 -18.58 -23.37 -15.53
N GLN A 198 -18.15 -24.34 -14.74
CA GLN A 198 -18.04 -24.15 -13.27
C GLN A 198 -17.05 -23.01 -13.02
N GLU A 199 -15.90 -23.03 -13.69
CA GLU A 199 -14.88 -21.97 -13.45
C GLU A 199 -15.50 -20.60 -13.76
N PHE A 200 -16.18 -20.46 -14.89
CA PHE A 200 -16.83 -19.18 -15.26
C PHE A 200 -17.97 -18.85 -14.29
N SER A 201 -18.66 -19.83 -13.71
CA SER A 201 -19.70 -19.53 -12.70
C SER A 201 -19.02 -18.88 -11.48
N GLY A 202 -17.79 -19.30 -11.14
CA GLY A 202 -17.01 -18.68 -10.04
C GLY A 202 -16.66 -17.22 -10.38
N TYR A 203 -16.18 -16.99 -11.59
CA TYR A 203 -15.83 -15.62 -12.07
C TYR A 203 -17.09 -14.74 -11.95
N ALA A 204 -18.21 -15.26 -12.41
CA ALA A 204 -19.49 -14.54 -12.36
C ALA A 204 -19.83 -14.21 -10.92
N ARG A 205 -19.69 -15.13 -9.99
CA ARG A 205 -20.02 -14.83 -8.59
C ARG A 205 -19.10 -13.70 -8.12
N GLN A 206 -17.81 -13.72 -8.48
CA GLN A 206 -16.85 -12.67 -8.04
C GLN A 206 -17.40 -11.29 -8.44
N ILE A 207 -17.94 -11.19 -9.65
CA ILE A 207 -18.45 -9.90 -10.18
C ILE A 207 -19.78 -9.57 -9.50
N GLU A 208 -20.68 -10.53 -9.33
CA GLU A 208 -21.94 -10.31 -8.59
C GLU A 208 -21.65 -9.86 -7.16
N ALA A 209 -20.62 -10.42 -6.50
CA ALA A 209 -20.26 -10.03 -5.12
C ALA A 209 -19.67 -8.62 -5.15
N GLY A 210 -18.90 -8.29 -6.17
CA GLY A 210 -18.44 -6.90 -6.42
C GLY A 210 -19.60 -5.91 -6.42
N ILE A 211 -20.65 -6.21 -7.18
CA ILE A 211 -21.88 -5.35 -7.22
C ILE A 211 -22.46 -5.28 -5.80
N GLU A 212 -22.53 -6.38 -5.06
CA GLU A 212 -23.05 -6.35 -3.67
C GLU A 212 -22.17 -5.42 -2.84
N ARG A 213 -20.84 -5.45 -3.03
CA ARG A 213 -19.89 -4.62 -2.25
C ARG A 213 -20.11 -3.13 -2.55
N VAL A 214 -20.33 -2.80 -3.81
CA VAL A 214 -20.60 -1.38 -4.17
C VAL A 214 -21.92 -0.96 -3.56
N ARG A 215 -22.95 -1.79 -3.68
N ARG A 215 -22.98 -1.76 -3.72
CA ARG A 215 -24.28 -1.44 -3.12
CA ARG A 215 -24.48 -1.33 -2.97
CA ARG A 215 -24.32 -1.45 -3.12
C ARG A 215 -24.21 -1.24 -1.60
C ARG A 215 -24.19 -1.22 -1.61
N ALA A 216 -23.39 -2.03 -0.92
CA ALA A 216 -23.27 -1.98 0.54
C ALA A 216 -22.61 -0.66 0.99
N CYS A 217 -21.82 0.00 0.15
CA CYS A 217 -21.11 1.23 0.64
C CYS A 217 -22.01 2.47 0.40
N LEU A 218 -23.09 2.34 -0.37
CA LEU A 218 -23.88 3.53 -0.82
C LEU A 218 -24.56 4.26 0.33
N PRO A 219 -24.99 3.62 1.44
CA PRO A 219 -25.61 4.37 2.53
C PRO A 219 -24.69 5.47 3.05
N ARG A 220 -23.38 5.28 2.96
CA ARG A 220 -22.41 6.25 3.52
C ARG A 220 -21.78 7.02 2.35
N LEU A 221 -21.64 6.44 1.16
CA LEU A 221 -21.04 7.19 0.02
C LEU A 221 -21.97 8.34 -0.38
N GLY A 222 -23.26 8.13 -0.30
CA GLY A 222 -24.22 9.16 -0.73
C GLY A 222 -24.44 10.29 0.27
N GLU A 223 -23.81 10.25 1.44
CA GLU A 223 -23.94 11.30 2.49
C GLU A 223 -23.28 12.60 2.02
N LEU A 224 -24.03 13.71 2.04
CA LEU A 224 -23.56 15.02 1.54
C LEU A 224 -23.41 15.97 2.73
N ALA A 225 -22.33 16.74 2.73
CA ALA A 225 -22.06 17.75 3.79
C ALA A 225 -22.83 19.05 3.57
N ILE A 226 -23.47 19.29 2.42
CA ILE A 226 -24.06 20.62 2.15
C ILE A 226 -24.98 21.04 3.31
N GLY A 227 -24.79 22.27 3.75
CA GLY A 227 -25.56 22.90 4.82
C GLY A 227 -24.73 23.01 6.08
N GLY A 228 -23.58 22.32 6.13
CA GLY A 228 -22.74 22.29 7.34
C GLY A 228 -21.92 23.58 7.41
N THR A 229 -21.81 24.30 6.28
CA THR A 229 -20.98 25.52 6.14
C THR A 229 -19.57 25.28 6.73
N ALA A 230 -18.93 26.27 7.35
CA ALA A 230 -17.45 26.28 7.44
C ALA A 230 -16.93 25.13 8.33
N VAL A 231 -17.64 24.78 9.38
CA VAL A 231 -17.09 23.83 10.40
C VAL A 231 -18.06 22.69 10.69
N GLY A 232 -19.27 22.70 10.13
CA GLY A 232 -20.28 21.63 10.33
C GLY A 232 -21.48 22.10 11.13
N THR A 233 -21.44 23.32 11.67
CA THR A 233 -22.48 23.85 12.57
C THR A 233 -23.64 24.41 11.73
N GLY A 234 -23.42 24.73 10.45
CA GLY A 234 -24.50 25.31 9.63
C GLY A 234 -24.65 26.81 9.90
N LEU A 235 -23.73 27.42 10.66
CA LEU A 235 -23.73 28.91 10.82
C LEU A 235 -23.71 29.60 9.45
N ASN A 236 -24.57 30.59 9.25
CA ASN A 236 -24.68 31.42 8.01
C ASN A 236 -25.40 30.63 6.91
N ALA A 237 -26.09 29.54 7.23
CA ALA A 237 -27.00 28.88 6.27
C ALA A 237 -28.35 28.73 6.94
N PRO A 238 -29.45 28.68 6.18
CA PRO A 238 -30.71 28.19 6.73
C PRO A 238 -30.59 26.84 7.45
N ASP A 239 -31.39 26.63 8.50
CA ASP A 239 -31.34 25.40 9.32
C ASP A 239 -31.67 24.16 8.49
N ASP A 240 -32.56 24.27 7.51
CA ASP A 240 -32.96 23.15 6.64
C ASP A 240 -32.29 23.25 5.25
N PHE A 241 -31.19 23.99 5.09
CA PHE A 241 -30.53 24.10 3.76
C PHE A 241 -30.19 22.72 3.23
N GLY A 242 -29.52 21.90 4.02
CA GLY A 242 -29.08 20.56 3.62
C GLY A 242 -30.25 19.71 3.14
N VAL A 243 -31.30 19.60 3.94
CA VAL A 243 -32.35 18.63 3.54
C VAL A 243 -33.02 19.19 2.27
N ARG A 244 -33.12 20.51 2.16
CA ARG A 244 -33.77 21.12 0.97
C ARG A 244 -32.95 20.88 -0.30
N VAL A 245 -31.63 21.10 -0.24
CA VAL A 245 -30.74 20.97 -1.39
C VAL A 245 -30.69 19.49 -1.80
N VAL A 246 -30.59 18.58 -0.81
CA VAL A 246 -30.58 17.14 -1.15
C VAL A 246 -31.88 16.77 -1.85
N ALA A 247 -33.02 17.31 -1.41
CA ALA A 247 -34.31 16.90 -1.97
C ALA A 247 -34.36 17.38 -3.44
N VAL A 248 -33.87 18.58 -3.70
CA VAL A 248 -33.81 19.10 -5.10
C VAL A 248 -32.87 18.21 -5.95
N LEU A 249 -31.71 17.83 -5.43
CA LEU A 249 -30.74 16.97 -6.18
C LEU A 249 -31.40 15.63 -6.47
N VAL A 250 -32.06 15.04 -5.49
CA VAL A 250 -32.74 13.71 -5.68
C VAL A 250 -33.82 13.86 -6.76
N ALA A 251 -34.66 14.89 -6.66
CA ALA A 251 -35.75 15.12 -7.64
C ALA A 251 -35.20 15.32 -9.06
N GLN A 252 -34.12 16.07 -9.23
CA GLN A 252 -33.55 16.39 -10.57
C GLN A 252 -32.80 15.18 -11.14
N THR A 253 -32.01 14.45 -10.34
CA THR A 253 -31.05 13.43 -10.84
C THR A 253 -31.69 12.04 -10.83
N GLY A 254 -32.70 11.79 -10.03
CA GLY A 254 -33.21 10.43 -9.72
C GLY A 254 -32.29 9.63 -8.83
N LEU A 255 -31.23 10.21 -8.27
CA LEU A 255 -30.26 9.45 -7.44
C LEU A 255 -30.74 9.41 -5.98
N SER A 256 -31.60 8.45 -5.65
N SER A 256 -31.58 8.44 -5.67
CA SER A 256 -32.23 8.34 -4.32
CA SER A 256 -32.23 8.28 -4.35
C SER A 256 -31.19 8.05 -3.25
C SER A 256 -31.18 8.06 -3.26
N GLU A 257 -29.98 7.59 -3.62
CA GLU A 257 -28.88 7.32 -2.67
C GLU A 257 -28.31 8.61 -2.07
N LEU A 258 -28.58 9.76 -2.64
CA LEU A 258 -28.08 11.03 -2.04
C LEU A 258 -28.86 11.32 -0.76
N ARG A 259 -28.16 11.71 0.28
CA ARG A 259 -28.78 11.94 1.59
C ARG A 259 -27.96 12.96 2.36
N THR A 260 -28.60 13.66 3.30
N THR A 260 -28.59 13.66 3.30
CA THR A 260 -27.88 14.50 4.27
CA THR A 260 -27.89 14.58 4.24
C THR A 260 -26.95 13.57 5.07
C THR A 260 -27.11 13.71 5.23
N ALA A 261 -25.90 14.12 5.61
CA ALA A 261 -24.97 13.36 6.46
C ALA A 261 -25.65 13.03 7.79
N ALA A 262 -25.40 11.84 8.33
CA ALA A 262 -25.92 11.42 9.64
C ALA A 262 -25.35 12.37 10.70
N ASN A 263 -24.09 12.79 10.56
CA ASN A 263 -23.44 13.70 11.51
C ASN A 263 -22.67 14.76 10.70
N SER A 264 -23.02 16.03 10.92
CA SER A 264 -22.50 17.11 10.03
C SER A 264 -21.02 17.37 10.31
N PHE A 265 -20.50 16.98 11.48
CA PHE A 265 -19.07 17.18 11.83
C PHE A 265 -18.26 16.06 11.17
N GLU A 266 -18.70 14.82 11.33
CA GLU A 266 -18.07 13.66 10.64
C GLU A 266 -18.04 13.90 9.11
N ALA A 267 -19.04 14.57 8.54
CA ALA A 267 -19.11 14.77 7.07
C ALA A 267 -18.10 15.78 6.52
N GLN A 268 -17.48 16.57 7.38
CA GLN A 268 -16.50 17.59 6.98
C GLN A 268 -15.12 17.27 7.56
N ALA A 269 -15.05 16.73 8.77
CA ALA A 269 -13.76 16.39 9.43
C ALA A 269 -13.14 15.17 8.74
N ALA A 270 -13.95 14.37 8.08
CA ALA A 270 -13.47 13.12 7.47
C ALA A 270 -14.11 12.91 6.11
N ARG A 271 -13.49 12.02 5.33
CA ARG A 271 -13.97 11.58 3.99
C ARG A 271 -14.01 10.04 4.04
N ASP A 272 -14.44 9.49 5.17
CA ASP A 272 -14.37 8.02 5.41
C ASP A 272 -15.27 7.29 4.41
N GLY A 273 -16.34 7.91 3.89
CA GLY A 273 -17.15 7.26 2.84
C GLY A 273 -16.36 7.01 1.55
N LEU A 274 -15.41 7.88 1.20
CA LEU A 274 -14.57 7.66 0.00
C LEU A 274 -13.59 6.51 0.25
N VAL A 275 -13.02 6.45 1.47
CA VAL A 275 -12.11 5.37 1.84
C VAL A 275 -12.88 4.06 1.76
N GLU A 276 -14.10 4.06 2.30
CA GLU A 276 -14.93 2.84 2.31
C GLU A 276 -15.16 2.40 0.87
N ALA A 277 -15.66 3.32 0.02
CA ALA A 277 -15.99 3.03 -1.39
C ALA A 277 -14.74 2.55 -2.13
N SER A 278 -13.59 3.16 -1.89
CA SER A 278 -12.34 2.74 -2.56
C SER A 278 -12.02 1.28 -2.20
N GLY A 279 -12.26 0.87 -0.95
CA GLY A 279 -12.06 -0.55 -0.56
C GLY A 279 -12.91 -1.48 -1.43
N ALA A 280 -14.15 -1.11 -1.74
CA ALA A 280 -15.00 -1.97 -2.60
C ALA A 280 -14.36 -2.02 -3.98
N LEU A 281 -13.90 -0.87 -4.51
CA LEU A 281 -13.29 -0.81 -5.87
C LEU A 281 -12.01 -1.67 -5.87
N ARG A 282 -11.23 -1.60 -4.79
CA ARG A 282 -9.95 -2.36 -4.61
C ARG A 282 -10.30 -3.87 -4.63
N THR A 283 -11.40 -4.25 -3.98
CA THR A 283 -11.82 -5.66 -3.97
C THR A 283 -12.18 -6.09 -5.39
N ILE A 284 -12.95 -5.28 -6.11
CA ILE A 284 -13.27 -5.58 -7.53
C ILE A 284 -11.99 -5.73 -8.35
N ALA A 285 -11.01 -4.85 -8.13
CA ALA A 285 -9.72 -4.92 -8.84
C ALA A 285 -9.00 -6.24 -8.54
N VAL A 286 -9.07 -6.70 -7.31
CA VAL A 286 -8.51 -8.01 -6.88
C VAL A 286 -9.24 -9.14 -7.60
N SER A 287 -10.58 -9.08 -7.69
CA SER A 287 -11.34 -10.14 -8.39
C SER A 287 -10.97 -10.12 -9.87
N LEU A 288 -10.95 -8.96 -10.51
CA LEU A 288 -10.69 -8.84 -11.96
C LEU A 288 -9.30 -9.34 -12.29
N THR A 289 -8.33 -9.13 -11.40
CA THR A 289 -6.97 -9.65 -11.58
C THR A 289 -7.03 -11.16 -11.70
N LYS A 290 -7.70 -11.84 -10.77
CA LYS A 290 -7.83 -13.33 -10.80
C LYS A 290 -8.49 -13.79 -12.11
N ILE A 291 -9.60 -13.18 -12.48
CA ILE A 291 -10.36 -13.56 -13.69
C ILE A 291 -9.49 -13.34 -14.93
N ALA A 292 -8.89 -12.16 -15.06
CA ALA A 292 -8.08 -11.79 -16.27
C ALA A 292 -6.84 -12.69 -16.37
N ASN A 293 -6.21 -12.99 -15.24
N ASN A 293 -6.21 -13.00 -15.24
CA ASN A 293 -4.99 -13.84 -15.22
CA ASN A 293 -4.97 -13.82 -15.24
C ASN A 293 -5.35 -15.27 -15.64
C ASN A 293 -5.32 -15.27 -15.60
N ASP A 294 -6.42 -15.80 -15.09
CA ASP A 294 -6.86 -17.16 -15.51
C ASP A 294 -7.13 -17.20 -17.02
N ILE A 295 -7.82 -16.20 -17.54
CA ILE A 295 -8.20 -16.16 -18.97
C ILE A 295 -6.97 -16.07 -19.87
N ARG A 296 -6.01 -15.20 -19.57
CA ARG A 296 -4.81 -15.16 -20.41
C ARG A 296 -3.95 -16.43 -20.26
N TRP A 297 -3.91 -17.05 -19.09
CA TRP A 297 -3.23 -18.37 -18.94
C TRP A 297 -3.97 -19.45 -19.78
N MET A 298 -5.29 -19.47 -19.75
N MET A 298 -5.30 -19.49 -19.69
CA MET A 298 -6.07 -20.47 -20.52
CA MET A 298 -6.12 -20.42 -20.51
C MET A 298 -5.91 -20.25 -22.04
C MET A 298 -5.78 -20.25 -21.99
N GLY A 299 -5.64 -19.02 -22.47
CA GLY A 299 -5.39 -18.71 -23.89
C GLY A 299 -3.93 -18.88 -24.32
N SER A 300 -3.01 -19.23 -23.42
CA SER A 300 -1.56 -19.27 -23.68
C SER A 300 -1.25 -20.36 -24.71
N GLY A 301 -0.34 -20.06 -25.62
CA GLY A 301 0.10 -21.02 -26.65
C GLY A 301 0.51 -20.27 -27.90
N PRO A 302 0.26 -20.83 -29.08
CA PRO A 302 -0.63 -21.98 -29.26
C PRO A 302 -0.04 -23.38 -29.05
N LEU A 303 1.27 -23.50 -28.89
CA LEU A 303 1.92 -24.82 -28.79
C LEU A 303 2.41 -25.07 -27.37
N THR A 304 3.11 -24.13 -26.72
CA THR A 304 3.84 -24.47 -25.48
C THR A 304 3.07 -24.07 -24.22
N GLY A 305 1.88 -23.51 -24.36
CA GLY A 305 1.07 -23.07 -23.22
C GLY A 305 -0.04 -24.04 -22.89
N LEU A 306 -1.07 -23.56 -22.19
CA LEU A 306 -2.17 -24.43 -21.75
C LEU A 306 -3.12 -24.70 -22.91
N ALA A 307 -3.30 -23.73 -23.82
CA ALA A 307 -4.14 -23.85 -25.04
C ALA A 307 -5.51 -24.47 -24.69
N GLU A 308 -6.16 -23.93 -23.68
CA GLU A 308 -7.54 -24.36 -23.29
C GLU A 308 -8.58 -23.64 -24.12
N ILE A 309 -8.40 -22.34 -24.31
CA ILE A 309 -9.33 -21.46 -25.07
C ILE A 309 -8.55 -20.61 -26.07
N GLN A 310 -9.29 -19.98 -26.97
CA GLN A 310 -8.74 -18.96 -27.89
C GLN A 310 -9.46 -17.65 -27.57
N LEU A 311 -8.68 -16.58 -27.38
CA LEU A 311 -9.20 -15.23 -27.23
C LEU A 311 -9.44 -14.66 -28.62
N PRO A 312 -10.48 -13.85 -28.79
CA PRO A 312 -10.72 -13.16 -30.05
C PRO A 312 -9.66 -12.08 -30.30
N ASP A 313 -9.38 -11.85 -31.60
CA ASP A 313 -8.34 -10.92 -32.15
C ASP A 313 -8.83 -9.47 -32.02
N LEU A 314 -7.89 -8.56 -31.70
CA LEU A 314 -8.10 -7.11 -31.49
C LEU A 314 -6.90 -6.36 -32.09
N GLY A 323 -5.65 -18.54 -32.12
CA GLY A 323 -4.86 -18.99 -30.94
C GLY A 323 -3.46 -18.38 -30.83
N LYS A 324 -3.10 -17.36 -31.65
CA LYS A 324 -1.84 -16.55 -31.54
C LYS A 324 -2.14 -15.08 -31.14
N VAL A 325 -3.41 -14.76 -30.87
CA VAL A 325 -3.79 -13.40 -30.40
C VAL A 325 -3.04 -13.08 -29.08
N ASN A 326 -2.39 -11.91 -28.93
CA ASN A 326 -1.94 -11.49 -27.57
C ASN A 326 -3.17 -11.18 -26.71
N PRO A 327 -3.13 -11.52 -25.40
CA PRO A 327 -4.26 -11.26 -24.50
C PRO A 327 -4.33 -9.78 -24.07
N VAL A 328 -4.55 -8.89 -25.02
CA VAL A 328 -4.44 -7.43 -24.76
C VAL A 328 -5.54 -6.97 -23.80
N LEU A 329 -6.73 -7.53 -23.82
CA LEU A 329 -7.74 -7.00 -22.86
C LEU A 329 -7.42 -7.50 -21.46
N PRO A 330 -7.08 -8.77 -21.26
CA PRO A 330 -6.59 -9.13 -19.92
C PRO A 330 -5.43 -8.25 -19.42
N GLU A 331 -4.51 -7.83 -20.30
CA GLU A 331 -3.44 -6.87 -19.94
C GLU A 331 -4.02 -5.52 -19.55
N ALA A 332 -4.97 -4.99 -20.31
CA ALA A 332 -5.64 -3.73 -19.92
C ALA A 332 -6.31 -3.87 -18.53
N VAL A 333 -7.00 -4.97 -18.30
CA VAL A 333 -7.75 -5.21 -17.05
C VAL A 333 -6.76 -5.31 -15.87
N THR A 334 -5.62 -5.98 -16.03
CA THR A 334 -4.69 -6.16 -14.88
C THR A 334 -3.94 -4.85 -14.63
N GLN A 335 -3.69 -4.07 -15.67
CA GLN A 335 -3.07 -2.73 -15.49
C GLN A 335 -4.04 -1.79 -14.77
N VAL A 336 -5.28 -1.75 -15.21
CA VAL A 336 -6.31 -0.93 -14.51
C VAL A 336 -6.34 -1.37 -13.03
N ALA A 337 -6.38 -2.67 -12.75
CA ALA A 337 -6.48 -3.20 -11.36
C ALA A 337 -5.31 -2.66 -10.54
N ALA A 338 -4.10 -2.66 -11.09
CA ALA A 338 -2.91 -2.08 -10.45
C ALA A 338 -3.14 -0.60 -10.14
N GLN A 339 -3.68 0.16 -11.08
CA GLN A 339 -3.94 1.60 -10.86
C GLN A 339 -4.97 1.78 -9.73
N VAL A 340 -6.04 0.99 -9.73
CA VAL A 340 -7.06 1.04 -8.67
C VAL A 340 -6.42 0.77 -7.29
N ILE A 341 -5.51 -0.17 -7.22
CA ILE A 341 -4.83 -0.51 -5.94
C ILE A 341 -4.00 0.69 -5.50
N GLY A 342 -3.26 1.30 -6.39
CA GLY A 342 -2.44 2.47 -6.04
C GLY A 342 -3.32 3.63 -5.62
N ASN A 343 -4.32 3.95 -6.44
CA ASN A 343 -5.30 5.00 -6.11
C ASN A 343 -5.89 4.78 -4.70
N ASP A 344 -6.22 3.54 -4.36
CA ASP A 344 -6.81 3.17 -3.07
C ASP A 344 -5.84 3.52 -1.92
N ALA A 345 -4.54 3.31 -2.12
CA ALA A 345 -3.53 3.65 -1.11
C ALA A 345 -3.49 5.17 -0.95
N ALA A 346 -3.55 5.94 -2.04
CA ALA A 346 -3.52 7.42 -1.95
C ALA A 346 -4.78 7.90 -1.19
N ILE A 347 -5.94 7.33 -1.52
CA ILE A 347 -7.20 7.72 -0.86
C ILE A 347 -7.13 7.48 0.65
N ALA A 348 -6.64 6.33 1.08
CA ALA A 348 -6.63 6.01 2.55
C ALA A 348 -5.70 7.01 3.27
N TRP A 349 -4.56 7.30 2.64
CA TRP A 349 -3.54 8.21 3.17
C TRP A 349 -4.18 9.58 3.39
N GLY A 350 -4.90 10.08 2.40
CA GLY A 350 -5.58 11.37 2.57
C GLY A 350 -6.65 11.29 3.65
N GLY A 351 -7.40 10.21 3.63
CA GLY A 351 -8.53 10.03 4.54
C GLY A 351 -8.10 10.10 5.98
N ALA A 352 -6.89 9.61 6.32
CA ALA A 352 -6.49 9.40 7.71
C ALA A 352 -6.04 10.75 8.30
N ASN A 353 -5.67 11.70 7.43
CA ASN A 353 -4.84 12.86 7.80
C ASN A 353 -5.66 14.15 7.86
N GLY A 354 -6.95 14.05 8.12
CA GLY A 354 -7.74 15.25 8.49
C GLY A 354 -7.30 15.83 9.81
N ALA A 355 -7.68 17.06 10.09
CA ALA A 355 -7.41 17.65 11.43
C ALA A 355 -8.64 18.44 11.83
N PHE A 356 -9.11 18.19 13.05
CA PHE A 356 -10.20 18.97 13.69
C PHE A 356 -11.37 19.04 12.70
N GLU A 357 -11.82 20.23 12.30
CA GLU A 357 -13.10 20.39 11.63
C GLU A 357 -12.98 20.13 10.13
N LEU A 358 -11.81 19.84 9.55
CA LEU A 358 -11.77 19.74 8.08
C LEU A 358 -10.68 18.75 7.62
N ASN A 359 -11.05 17.79 6.80
CA ASN A 359 -10.07 16.99 6.04
C ASN A 359 -9.68 17.80 4.79
N VAL A 360 -8.39 18.10 4.67
CA VAL A 360 -7.88 18.95 3.56
C VAL A 360 -7.08 18.11 2.56
N TYR A 361 -7.61 16.96 2.18
CA TYR A 361 -7.06 16.11 1.11
C TYR A 361 -8.10 15.83 0.05
N ILE A 362 -9.13 16.65 0.02
CA ILE A 362 -10.33 16.33 -0.77
C ILE A 362 -10.02 16.32 -2.26
N PRO A 363 -9.33 17.31 -2.87
CA PRO A 363 -9.10 17.26 -4.32
C PRO A 363 -8.31 16.02 -4.77
N MET A 364 -7.30 15.63 -3.98
CA MET A 364 -6.48 14.41 -4.28
C MET A 364 -7.40 13.19 -4.13
N MET A 365 -8.15 13.10 -3.03
CA MET A 365 -9.04 11.93 -2.83
C MET A 365 -10.06 11.82 -3.95
N ALA A 366 -10.64 12.93 -4.36
CA ALA A 366 -11.67 12.97 -5.44
C ALA A 366 -11.06 12.50 -6.75
N ARG A 367 -9.88 13.01 -7.11
CA ARG A 367 -9.23 12.57 -8.36
C ARG A 367 -9.15 11.03 -8.39
N ASN A 368 -8.60 10.48 -7.31
CA ASN A 368 -8.27 9.05 -7.22
C ASN A 368 -9.55 8.20 -7.24
N ILE A 369 -10.56 8.57 -6.46
N ILE A 369 -10.57 8.55 -6.49
CA ILE A 369 -11.80 7.75 -6.35
CA ILE A 369 -11.75 7.64 -6.43
C ILE A 369 -12.51 7.82 -7.70
C ILE A 369 -12.54 7.80 -7.72
N LEU A 370 -12.64 9.02 -8.28
CA LEU A 370 -13.39 9.16 -9.54
C LEU A 370 -12.64 8.46 -10.69
N GLU A 371 -11.32 8.50 -10.72
CA GLU A 371 -10.57 7.75 -11.74
C GLU A 371 -10.84 6.26 -11.56
N SER A 372 -10.71 5.74 -10.34
CA SER A 372 -10.96 4.31 -10.11
C SER A 372 -12.34 3.94 -10.66
N PHE A 373 -13.39 4.70 -10.30
CA PHE A 373 -14.73 4.38 -10.85
C PHE A 373 -14.66 4.33 -12.37
N LYS A 374 -14.06 5.31 -13.03
CA LYS A 374 -14.09 5.41 -14.51
C LYS A 374 -13.32 4.25 -15.18
N LEU A 375 -12.12 3.97 -14.69
CA LEU A 375 -11.29 2.89 -15.28
C LEU A 375 -12.06 1.58 -15.14
N LEU A 376 -12.58 1.27 -13.94
CA LEU A 376 -13.24 -0.04 -13.74
C LEU A 376 -14.48 -0.10 -14.66
N THR A 377 -15.21 0.97 -14.75
CA THR A 377 -16.45 1.00 -15.60
C THR A 377 -16.07 0.70 -17.05
N ASN A 378 -15.08 1.43 -17.57
CA ASN A 378 -14.78 1.37 -19.01
C ASN A 378 -14.12 0.03 -19.32
N VAL A 379 -13.25 -0.48 -18.44
CA VAL A 379 -12.49 -1.69 -18.80
C VAL A 379 -13.41 -2.90 -18.64
N SER A 380 -14.39 -2.84 -17.74
CA SER A 380 -15.31 -3.98 -17.48
C SER A 380 -16.17 -4.17 -18.72
N ARG A 381 -16.66 -3.08 -19.30
CA ARG A 381 -17.51 -3.17 -20.51
C ARG A 381 -16.67 -3.73 -21.67
N LEU A 382 -15.46 -3.22 -21.92
CA LEU A 382 -14.56 -3.69 -22.99
C LEU A 382 -14.27 -5.17 -22.77
N PHE A 383 -13.94 -5.54 -21.54
CA PHE A 383 -13.60 -6.95 -21.23
C PHE A 383 -14.81 -7.83 -21.58
N ALA A 384 -16.01 -7.43 -21.15
CA ALA A 384 -17.22 -8.24 -21.38
C ALA A 384 -17.48 -8.41 -22.87
N GLN A 385 -17.40 -7.33 -23.63
CA GLN A 385 -17.86 -7.27 -25.03
C GLN A 385 -16.81 -7.82 -26.01
N ARG A 386 -15.53 -7.47 -25.83
CA ARG A 386 -14.47 -7.73 -26.82
C ARG A 386 -13.56 -8.86 -26.39
N CYS A 387 -13.77 -9.47 -25.23
CA CYS A 387 -12.92 -10.61 -24.82
C CYS A 387 -13.87 -11.76 -24.43
N ILE A 388 -14.62 -11.62 -23.36
CA ILE A 388 -15.41 -12.73 -22.77
C ILE A 388 -16.40 -13.24 -23.81
N ALA A 389 -17.16 -12.36 -24.44
CA ALA A 389 -18.30 -12.78 -25.27
C ALA A 389 -17.78 -13.70 -26.40
N GLY A 390 -16.55 -13.48 -26.89
CA GLY A 390 -16.05 -14.18 -28.09
C GLY A 390 -15.04 -15.28 -27.79
N LEU A 391 -14.81 -15.65 -26.52
CA LEU A 391 -13.86 -16.74 -26.21
C LEU A 391 -14.39 -18.02 -26.89
N THR A 392 -13.48 -18.86 -27.36
N THR A 392 -13.49 -18.86 -27.40
CA THR A 392 -13.85 -20.21 -27.87
CA THR A 392 -13.88 -20.22 -27.88
C THR A 392 -13.06 -21.28 -27.11
C THR A 392 -13.06 -21.27 -27.12
N ALA A 393 -13.70 -22.37 -26.74
CA ALA A 393 -13.04 -23.45 -25.97
C ALA A 393 -12.52 -24.54 -26.91
N ASN A 394 -11.37 -25.12 -26.61
CA ASN A 394 -10.87 -26.33 -27.34
C ASN A 394 -11.50 -27.55 -26.67
N VAL A 395 -12.76 -27.82 -26.98
CA VAL A 395 -13.63 -28.73 -26.18
C VAL A 395 -13.06 -30.14 -26.21
N GLU A 396 -12.78 -30.65 -27.39
CA GLU A 396 -12.30 -32.04 -27.53
C GLU A 396 -10.93 -32.19 -26.86
N HIS A 397 -10.06 -31.23 -27.09
CA HIS A 397 -8.72 -31.25 -26.48
C HIS A 397 -8.82 -31.28 -24.95
N LEU A 398 -9.65 -30.42 -24.36
CA LEU A 398 -9.80 -30.34 -22.89
C LEU A 398 -10.30 -31.69 -22.32
N ARG A 399 -11.25 -32.32 -23.01
CA ARG A 399 -11.77 -33.64 -22.59
C ARG A 399 -10.67 -34.69 -22.72
N ARG A 400 -9.91 -34.70 -23.82
CA ARG A 400 -8.80 -35.67 -23.95
C ARG A 400 -7.81 -35.50 -22.78
N LEU A 401 -7.39 -34.29 -22.43
CA LEU A 401 -6.44 -34.20 -21.31
C LEU A 401 -7.12 -34.67 -20.03
N ALA A 402 -8.39 -34.31 -19.77
CA ALA A 402 -9.05 -34.72 -18.51
C ALA A 402 -9.06 -36.25 -18.45
N GLU A 403 -9.33 -36.89 -19.58
CA GLU A 403 -9.46 -38.38 -19.65
C GLU A 403 -8.09 -39.07 -19.61
N SER A 404 -6.98 -38.31 -19.62
CA SER A 404 -5.62 -38.87 -19.71
C SER A 404 -4.83 -38.51 -18.46
N SER A 405 -5.46 -37.83 -17.50
CA SER A 405 -4.78 -37.35 -16.28
C SER A 405 -4.59 -38.47 -15.27
N PRO A 406 -3.37 -38.65 -14.74
CA PRO A 406 -3.16 -39.44 -13.53
C PRO A 406 -4.11 -39.12 -12.37
N SER A 407 -4.61 -37.89 -12.28
CA SER A 407 -5.53 -37.47 -11.17
C SER A 407 -6.84 -38.28 -11.17
N ILE A 408 -7.21 -38.98 -12.24
CA ILE A 408 -8.55 -39.63 -12.31
C ILE A 408 -8.46 -41.15 -12.07
N VAL A 409 -7.31 -41.69 -11.69
CA VAL A 409 -7.20 -43.18 -11.51
C VAL A 409 -7.76 -43.62 -10.15
N THR A 410 -8.01 -42.73 -9.19
CA THR A 410 -8.51 -43.09 -7.83
C THR A 410 -9.75 -43.98 -7.89
N PRO A 411 -10.79 -43.65 -8.67
CA PRO A 411 -11.95 -44.55 -8.79
C PRO A 411 -11.69 -45.93 -9.42
N LEU A 412 -10.44 -46.20 -9.85
CA LEU A 412 -10.05 -47.57 -10.29
C LEU A 412 -9.63 -48.42 -9.10
N ASN A 413 -9.30 -47.83 -7.93
CA ASN A 413 -8.62 -48.53 -6.81
C ASN A 413 -9.46 -49.69 -6.30
N SER A 414 -10.76 -49.46 -6.06
CA SER A 414 -11.66 -50.52 -5.51
C SER A 414 -11.77 -51.71 -6.48
N ALA A 415 -11.32 -51.61 -7.73
CA ALA A 415 -11.38 -52.70 -8.73
C ALA A 415 -10.00 -53.35 -8.90
N ILE A 416 -8.92 -52.56 -8.99
CA ILE A 416 -7.60 -53.11 -9.42
C ILE A 416 -6.52 -52.87 -8.38
N GLY A 417 -6.80 -52.13 -7.31
CA GLY A 417 -5.87 -51.77 -6.24
C GLY A 417 -4.99 -50.56 -6.61
N TYR A 418 -4.52 -49.85 -5.60
CA TYR A 418 -3.85 -48.53 -5.79
C TYR A 418 -2.49 -48.74 -6.50
N GLU A 419 -1.84 -49.90 -6.35
CA GLU A 419 -0.54 -50.19 -7.00
C GLU A 419 -0.72 -50.32 -8.53
N GLU A 420 -1.70 -51.08 -9.01
CA GLU A 420 -1.98 -51.21 -10.46
C GLU A 420 -2.54 -49.86 -10.96
N ALA A 421 -3.29 -49.13 -10.15
CA ALA A 421 -3.84 -47.83 -10.59
C ALA A 421 -2.67 -46.87 -10.82
N ALA A 422 -1.64 -46.90 -9.97
CA ALA A 422 -0.42 -46.07 -10.09
C ALA A 422 0.37 -46.47 -11.34
N ALA A 423 0.39 -47.76 -11.71
CA ALA A 423 1.08 -48.27 -12.93
C ALA A 423 0.33 -47.78 -14.16
N VAL A 424 -1.00 -47.80 -14.13
CA VAL A 424 -1.82 -47.27 -15.25
C VAL A 424 -1.48 -45.78 -15.46
N ALA A 425 -1.50 -45.00 -14.40
CA ALA A 425 -1.24 -43.54 -14.42
C ALA A 425 0.12 -43.26 -15.05
N LYS A 426 1.16 -43.99 -14.65
CA LYS A 426 2.53 -43.77 -15.17
C LYS A 426 2.58 -44.10 -16.65
N GLN A 427 1.97 -45.21 -17.07
CA GLN A 427 2.03 -45.62 -18.48
C GLN A 427 1.17 -44.68 -19.32
N ALA A 428 -0.01 -44.24 -18.85
CA ALA A 428 -0.87 -43.33 -19.62
C ALA A 428 -0.08 -42.04 -19.89
N LEU A 429 0.65 -41.55 -18.90
CA LEU A 429 1.41 -40.28 -19.07
C LEU A 429 2.58 -40.49 -20.02
N LYS A 430 3.36 -41.57 -19.86
CA LYS A 430 4.55 -41.82 -20.71
C LYS A 430 4.10 -42.03 -22.16
N GLU A 431 3.02 -42.77 -22.40
CA GLU A 431 2.61 -43.18 -23.77
C GLU A 431 1.63 -42.15 -24.34
N ARG A 432 1.27 -41.14 -23.55
CA ARG A 432 0.32 -40.08 -23.98
C ARG A 432 -1.00 -40.69 -24.48
N LYS A 433 -1.59 -41.51 -23.64
CA LYS A 433 -2.87 -42.20 -23.90
C LYS A 433 -3.89 -41.89 -22.79
N THR A 434 -5.16 -42.11 -23.06
CA THR A 434 -6.24 -42.00 -22.04
C THR A 434 -6.02 -43.07 -20.97
N ILE A 435 -6.52 -42.80 -19.77
CA ILE A 435 -6.53 -43.81 -18.67
C ILE A 435 -7.32 -45.02 -19.20
N ARG A 436 -8.45 -44.77 -19.87
CA ARG A 436 -9.31 -45.86 -20.42
C ARG A 436 -8.46 -46.76 -21.33
N GLN A 437 -7.76 -46.18 -22.29
CA GLN A 437 -7.01 -46.97 -23.30
C GLN A 437 -5.88 -47.70 -22.58
N THR A 438 -5.27 -47.08 -21.54
CA THR A 438 -4.17 -47.71 -20.79
C THR A 438 -4.67 -48.93 -20.03
N VAL A 439 -5.85 -48.85 -19.43
CA VAL A 439 -6.44 -49.96 -18.63
C VAL A 439 -6.71 -51.14 -19.60
N ILE A 440 -7.26 -50.86 -20.77
CA ILE A 440 -7.49 -51.87 -21.85
C ILE A 440 -6.13 -52.43 -22.32
N ASP A 441 -5.14 -51.58 -22.61
CA ASP A 441 -3.82 -52.01 -23.14
C ASP A 441 -3.09 -52.92 -22.14
N ARG A 442 -3.31 -52.74 -20.82
CA ARG A 442 -2.58 -53.49 -19.76
C ARG A 442 -3.29 -54.83 -19.47
N GLY A 443 -4.34 -55.11 -20.24
CA GLY A 443 -5.13 -56.36 -20.18
C GLY A 443 -5.97 -56.47 -18.92
N LEU A 444 -6.48 -55.36 -18.37
CA LEU A 444 -7.21 -55.40 -17.08
C LEU A 444 -8.71 -55.64 -17.28
N ILE A 445 -9.23 -55.59 -18.51
CA ILE A 445 -10.68 -55.82 -18.77
C ILE A 445 -10.93 -57.31 -18.51
N GLY A 446 -11.92 -57.64 -17.67
CA GLY A 446 -12.30 -59.03 -17.37
C GLY A 446 -13.45 -59.12 -16.38
N ASP A 447 -13.33 -59.99 -15.38
CA ASP A 447 -14.39 -60.23 -14.35
C ASP A 447 -14.26 -59.20 -13.24
N ARG A 448 -13.04 -58.69 -13.00
CA ARG A 448 -12.77 -57.65 -11.98
C ARG A 448 -13.25 -56.28 -12.49
N LEU A 449 -13.47 -56.12 -13.81
CA LEU A 449 -13.66 -54.80 -14.47
C LEU A 449 -14.16 -54.99 -15.91
N SER A 450 -15.45 -54.79 -16.13
CA SER A 450 -16.06 -54.78 -17.49
C SER A 450 -15.75 -53.45 -18.19
N ILE A 451 -15.90 -53.39 -19.50
CA ILE A 451 -15.77 -52.13 -20.28
C ILE A 451 -16.78 -51.11 -19.72
N GLU A 452 -17.99 -51.54 -19.37
CA GLU A 452 -19.08 -50.66 -18.87
C GLU A 452 -18.73 -50.09 -17.49
N ASP A 453 -18.18 -50.90 -16.58
CA ASP A 453 -17.78 -50.49 -15.21
C ASP A 453 -16.60 -49.51 -15.29
N LEU A 454 -15.69 -49.72 -16.24
CA LEU A 454 -14.53 -48.83 -16.50
C LEU A 454 -15.06 -47.46 -16.92
N ASP A 455 -16.03 -47.43 -17.82
CA ASP A 455 -16.56 -46.17 -18.40
C ASP A 455 -17.36 -45.41 -17.33
N ARG A 456 -18.05 -46.10 -16.42
CA ARG A 456 -18.66 -45.47 -15.23
C ARG A 456 -17.56 -44.89 -14.32
N ARG A 457 -16.48 -45.63 -14.07
CA ARG A 457 -15.45 -45.19 -13.10
C ARG A 457 -14.67 -44.01 -13.69
N LEU A 458 -14.50 -43.95 -14.99
CA LEU A 458 -13.67 -42.88 -15.64
C LEU A 458 -14.55 -41.82 -16.31
N ASP A 459 -15.81 -41.72 -15.93
CA ASP A 459 -16.70 -40.69 -16.49
C ASP A 459 -16.27 -39.34 -15.89
N VAL A 460 -15.43 -38.59 -16.59
CA VAL A 460 -14.80 -37.35 -16.04
C VAL A 460 -15.89 -36.29 -15.86
N LEU A 461 -16.90 -36.23 -16.73
CA LEU A 461 -17.96 -35.21 -16.58
C LEU A 461 -18.76 -35.50 -15.30
N ALA A 462 -19.09 -36.76 -15.04
CA ALA A 462 -19.71 -37.15 -13.75
C ALA A 462 -18.78 -36.78 -12.57
N MET A 463 -17.47 -36.94 -12.71
CA MET A 463 -16.55 -36.56 -11.61
C MET A 463 -16.63 -35.05 -11.32
N ALA A 464 -16.90 -34.23 -12.33
CA ALA A 464 -17.03 -32.76 -12.17
C ALA A 464 -18.33 -32.42 -11.42
N LYS A 465 -19.33 -33.32 -11.36
CA LYS A 465 -20.60 -33.11 -10.59
C LYS A 465 -21.29 -31.77 -10.97
N ALA A 466 -21.49 -31.51 -12.26
CA ALA A 466 -22.25 -30.35 -12.78
C ALA A 466 -23.75 -30.65 -12.62
N GLU A 467 -24.62 -29.64 -12.79
CA GLU A 467 -26.11 -29.80 -12.77
C GLU A 467 -26.56 -30.54 -14.04
N TYR B 10 12.48 -36.68 23.39
CA TYR B 10 12.36 -37.14 21.96
C TYR B 10 11.64 -38.48 21.87
N ARG B 11 11.24 -38.88 20.66
CA ARG B 11 10.61 -40.19 20.33
C ARG B 11 10.47 -40.32 18.81
N ILE B 12 10.90 -41.46 18.25
CA ILE B 12 11.11 -41.66 16.79
C ILE B 12 9.77 -42.04 16.12
N GLU B 13 9.63 -41.74 14.82
CA GLU B 13 8.46 -42.09 13.99
C GLU B 13 8.92 -42.46 12.57
N HIS B 14 8.00 -43.02 11.78
CA HIS B 14 8.25 -43.44 10.37
C HIS B 14 7.23 -42.75 9.47
N ASP B 15 7.72 -41.96 8.51
CA ASP B 15 6.95 -41.36 7.39
C ASP B 15 6.97 -42.39 6.26
N THR B 16 6.46 -42.03 5.07
CA THR B 16 6.68 -42.81 3.82
C THR B 16 8.08 -42.48 3.29
N MET B 17 8.61 -41.28 3.61
CA MET B 17 9.95 -40.80 3.16
C MET B 17 10.97 -40.91 4.30
N GLY B 18 10.74 -41.77 5.31
CA GLY B 18 11.78 -42.20 6.27
C GLY B 18 11.42 -41.96 7.73
N GLU B 19 12.45 -41.82 8.59
CA GLU B 19 12.35 -41.79 10.08
C GLU B 19 12.46 -40.35 10.60
N VAL B 20 11.50 -39.97 11.46
CA VAL B 20 11.42 -38.57 11.98
C VAL B 20 11.41 -38.54 13.52
N ARG B 21 12.20 -37.65 14.11
CA ARG B 21 12.28 -37.50 15.59
C ARG B 21 11.35 -36.34 16.01
N VAL B 22 10.54 -36.55 17.04
CA VAL B 22 9.46 -35.62 17.46
C VAL B 22 9.61 -35.38 18.95
N PRO B 23 9.50 -34.13 19.45
CA PRO B 23 9.56 -33.89 20.90
C PRO B 23 8.55 -34.77 21.66
N ALA B 24 8.90 -35.18 22.89
CA ALA B 24 8.26 -36.30 23.63
C ALA B 24 6.81 -35.95 23.98
N LYS B 25 6.59 -34.77 24.54
CA LYS B 25 5.24 -34.25 24.93
C LYS B 25 4.53 -33.58 23.73
N ALA B 26 4.94 -33.90 22.50
CA ALA B 26 4.27 -33.38 21.28
C ALA B 26 3.10 -34.30 20.95
N LEU B 27 1.91 -33.73 20.73
CA LEU B 27 0.76 -34.49 20.19
C LEU B 27 0.78 -34.50 18.66
N TRP B 28 1.63 -33.73 18.00
CA TRP B 28 1.71 -33.83 16.52
C TRP B 28 2.49 -35.09 16.09
N ARG B 29 2.46 -35.45 14.82
CA ARG B 29 3.17 -36.67 14.33
C ARG B 29 4.09 -36.31 13.15
N ALA B 30 4.31 -37.26 12.24
CA ALA B 30 5.41 -37.18 11.26
C ALA B 30 5.15 -36.02 10.28
N GLN B 31 3.94 -35.87 9.75
CA GLN B 31 3.70 -34.86 8.67
C GLN B 31 3.98 -33.47 9.28
N THR B 32 3.55 -33.22 10.51
CA THR B 32 3.75 -31.91 11.18
C THR B 32 5.25 -31.70 11.37
N GLN B 33 5.98 -32.73 11.80
CA GLN B 33 7.43 -32.54 12.06
C GLN B 33 8.15 -32.26 10.73
N ARG B 34 7.73 -32.83 9.61
CA ARG B 34 8.33 -32.49 8.28
C ARG B 34 8.09 -31.01 7.96
N ALA B 35 6.86 -30.53 8.16
CA ALA B 35 6.50 -29.10 7.92
C ALA B 35 7.35 -28.20 8.82
N VAL B 36 7.63 -28.58 10.06
CA VAL B 36 8.49 -27.81 11.00
C VAL B 36 9.88 -27.71 10.36
N GLU B 37 10.38 -28.80 9.77
CA GLU B 37 11.74 -28.85 9.18
C GLU B 37 11.74 -28.09 7.85
N ASN B 38 10.67 -28.15 7.05
CA ASN B 38 10.53 -27.50 5.71
C ASN B 38 10.40 -25.96 5.76
N PHE B 39 9.77 -25.38 6.78
CA PHE B 39 9.42 -23.94 6.72
C PHE B 39 9.97 -23.17 7.92
N PRO B 40 11.28 -23.20 8.22
CA PRO B 40 11.84 -22.36 9.30
C PRO B 40 11.99 -20.92 8.81
N ILE B 41 10.87 -20.19 8.71
CA ILE B 41 10.88 -18.88 8.00
C ILE B 41 10.66 -17.73 8.99
N SER B 42 9.53 -17.73 9.70
CA SER B 42 9.12 -16.62 10.63
C SER B 42 9.33 -16.98 12.10
N GLY B 43 9.31 -18.26 12.46
CA GLY B 43 9.28 -18.76 13.85
C GLY B 43 7.96 -18.43 14.53
N ARG B 44 6.92 -18.06 13.79
CA ARG B 44 5.56 -17.78 14.34
C ARG B 44 4.58 -18.75 13.66
N GLY B 45 3.71 -19.40 14.44
CA GLY B 45 2.69 -20.34 13.95
C GLY B 45 1.29 -19.77 14.09
N LEU B 46 0.29 -20.62 13.97
CA LEU B 46 -1.14 -20.21 14.07
C LEU B 46 -1.37 -19.55 15.42
N GLU B 47 -2.26 -18.59 15.42
CA GLU B 47 -2.76 -17.93 16.66
C GLU B 47 -3.86 -18.79 17.27
N ARG B 48 -4.19 -18.48 18.51
CA ARG B 48 -5.26 -19.11 19.31
C ARG B 48 -6.56 -19.20 18.51
N THR B 49 -6.99 -18.14 17.81
CA THR B 49 -8.33 -18.05 17.15
C THR B 49 -8.37 -19.04 15.98
N GLN B 50 -7.25 -19.19 15.27
CA GLN B 50 -7.18 -20.15 14.13
C GLN B 50 -7.19 -21.58 14.64
N ILE B 51 -6.41 -21.89 15.66
CA ILE B 51 -6.39 -23.23 16.31
C ILE B 51 -7.81 -23.57 16.78
N ARG B 52 -8.47 -22.64 17.46
CA ARG B 52 -9.84 -22.86 17.93
C ARG B 52 -10.74 -23.22 16.76
N ALA B 53 -10.68 -22.46 15.66
CA ALA B 53 -11.55 -22.64 14.50
C ALA B 53 -11.32 -24.04 13.89
N LEU B 54 -10.06 -24.45 13.79
CA LEU B 54 -9.73 -25.78 13.26
C LEU B 54 -10.37 -26.85 14.16
N GLY B 55 -10.28 -26.70 15.49
CA GLY B 55 -11.00 -27.58 16.46
C GLY B 55 -12.49 -27.61 16.22
N LEU B 56 -13.16 -26.45 16.14
CA LEU B 56 -14.62 -26.37 15.90
C LEU B 56 -14.94 -27.13 14.62
N LEU B 57 -14.18 -26.87 13.55
CA LEU B 57 -14.49 -27.44 12.24
C LEU B 57 -14.35 -28.97 12.33
N LYS B 58 -13.28 -29.50 12.94
CA LYS B 58 -13.08 -30.97 12.89
C LYS B 58 -14.17 -31.70 13.70
N GLY B 59 -14.62 -31.08 14.78
CA GLY B 59 -15.75 -31.59 15.61
C GLY B 59 -17.04 -31.65 14.83
N ALA B 60 -17.36 -30.57 14.10
CA ALA B 60 -18.58 -30.48 13.28
C ALA B 60 -18.51 -31.52 12.16
N CYS B 61 -17.35 -31.67 11.52
CA CYS B 61 -17.19 -32.66 10.44
C CYS B 61 -17.40 -34.09 10.96
N ALA B 62 -16.82 -34.42 12.12
CA ALA B 62 -16.96 -35.76 12.74
C ALA B 62 -18.43 -36.01 13.09
N GLN B 63 -19.13 -34.97 13.53
CA GLN B 63 -20.55 -35.05 13.90
C GLN B 63 -21.43 -35.36 12.71
N VAL B 64 -20.99 -34.71 11.55
CA VAL B 64 -21.85 -34.92 10.35
C VAL B 64 -21.57 -36.31 9.77
N ASN B 65 -20.29 -36.70 9.70
CA ASN B 65 -19.89 -38.02 9.17
C ASN B 65 -20.59 -39.14 9.99
N SER B 66 -20.64 -39.02 11.32
CA SER B 66 -21.41 -39.93 12.21
C SER B 66 -22.88 -39.90 11.82
N ASP B 67 -23.49 -38.72 11.70
CA ASP B 67 -24.94 -38.58 11.38
C ASP B 67 -25.27 -39.28 10.06
N LEU B 68 -24.34 -39.27 9.11
CA LEU B 68 -24.59 -39.79 7.76
C LEU B 68 -24.25 -41.28 7.70
N GLY B 69 -23.72 -41.85 8.80
CA GLY B 69 -23.41 -43.29 8.86
C GLY B 69 -22.11 -43.60 8.13
N LEU B 70 -21.19 -42.63 8.02
CA LEU B 70 -19.91 -42.83 7.31
C LEU B 70 -18.78 -43.13 8.28
N LEU B 71 -18.91 -42.73 9.54
CA LEU B 71 -17.83 -42.84 10.52
C LEU B 71 -18.40 -43.53 11.76
N ALA B 72 -17.72 -44.55 12.27
CA ALA B 72 -18.18 -45.34 13.44
C ALA B 72 -18.34 -44.41 14.63
N PRO B 73 -19.44 -44.53 15.41
CA PRO B 73 -19.74 -43.55 16.45
C PRO B 73 -18.68 -43.41 17.55
N GLU B 74 -17.97 -44.49 17.90
CA GLU B 74 -16.88 -44.47 18.92
C GLU B 74 -15.72 -43.58 18.40
N LYS B 75 -15.45 -43.67 17.11
CA LYS B 75 -14.42 -42.81 16.43
C LYS B 75 -14.89 -41.36 16.40
N ALA B 76 -16.13 -41.08 16.03
CA ALA B 76 -16.71 -39.72 16.00
C ALA B 76 -16.65 -39.10 17.39
N ASP B 77 -17.05 -39.87 18.42
CA ASP B 77 -17.09 -39.36 19.79
C ASP B 77 -15.67 -38.95 20.21
N ALA B 78 -14.66 -39.74 19.85
CA ALA B 78 -13.25 -39.46 20.20
C ALA B 78 -12.78 -38.20 19.46
N ILE B 79 -13.16 -38.03 18.19
CA ILE B 79 -12.77 -36.81 17.41
C ILE B 79 -13.48 -35.61 18.06
N ILE B 80 -14.79 -35.74 18.30
CA ILE B 80 -15.59 -34.65 18.95
C ILE B 80 -14.93 -34.25 20.27
N ALA B 81 -14.52 -35.21 21.11
CA ALA B 81 -13.97 -34.87 22.44
C ALA B 81 -12.61 -34.16 22.26
N ALA B 82 -11.75 -34.67 21.36
CA ALA B 82 -10.41 -34.09 21.10
C ALA B 82 -10.56 -32.69 20.50
N ALA B 83 -11.50 -32.55 19.60
CA ALA B 83 -11.71 -31.26 18.86
C ALA B 83 -12.23 -30.18 19.82
N ALA B 84 -13.05 -30.56 20.81
CA ALA B 84 -13.57 -29.63 21.86
C ALA B 84 -12.41 -29.16 22.72
N GLU B 85 -11.46 -30.04 23.02
CA GLU B 85 -10.26 -29.66 23.80
C GLU B 85 -9.43 -28.64 23.01
N ILE B 86 -9.32 -28.83 21.71
CA ILE B 86 -8.55 -27.88 20.87
C ILE B 86 -9.28 -26.51 20.83
N ALA B 87 -10.58 -26.52 20.60
CA ALA B 87 -11.43 -25.31 20.50
C ALA B 87 -11.48 -24.57 21.84
N ASP B 88 -11.29 -25.29 22.96
CA ASP B 88 -11.26 -24.70 24.33
C ASP B 88 -9.87 -24.15 24.67
N GLY B 89 -8.90 -24.19 23.75
CA GLY B 89 -7.57 -23.57 23.98
C GLY B 89 -6.65 -24.46 24.80
N GLN B 90 -6.95 -25.76 24.92
CA GLN B 90 -6.15 -26.68 25.77
C GLN B 90 -4.88 -27.13 25.05
N HIS B 91 -4.74 -26.89 23.73
CA HIS B 91 -3.64 -27.50 22.94
C HIS B 91 -2.93 -26.46 22.07
N ASP B 92 -2.84 -25.22 22.55
CA ASP B 92 -2.34 -24.09 21.72
C ASP B 92 -0.84 -24.26 21.45
N ASP B 93 -0.17 -25.17 22.17
CA ASP B 93 1.30 -25.38 22.09
C ASP B 93 1.60 -26.57 21.17
N GLN B 94 0.58 -27.18 20.57
CA GLN B 94 0.74 -28.35 19.67
C GLN B 94 0.64 -27.98 18.18
N PHE B 95 0.77 -26.71 17.80
CA PHE B 95 0.67 -26.28 16.39
C PHE B 95 1.93 -25.50 16.03
N PRO B 96 3.06 -26.20 15.76
CA PRO B 96 4.34 -25.54 15.61
C PRO B 96 4.68 -25.03 14.21
N ILE B 97 3.81 -25.32 13.23
CA ILE B 97 4.15 -25.03 11.81
C ILE B 97 4.12 -23.53 11.58
N ASP B 98 5.08 -23.07 10.82
CA ASP B 98 5.18 -21.66 10.38
C ASP B 98 3.90 -21.25 9.67
N VAL B 99 3.52 -19.99 9.81
CA VAL B 99 2.55 -19.31 8.92
C VAL B 99 2.92 -19.51 7.45
N PHE B 100 4.19 -19.38 7.11
CA PHE B 100 4.69 -19.36 5.72
C PHE B 100 4.92 -20.81 5.32
N GLN B 101 3.81 -21.46 5.03
CA GLN B 101 3.73 -22.90 4.71
C GLN B 101 3.09 -23.01 3.34
N THR B 102 2.84 -24.23 2.91
CA THR B 102 2.08 -24.50 1.68
C THR B 102 0.83 -23.65 1.69
N GLY B 103 0.51 -23.04 0.55
CA GLY B 103 -0.45 -21.92 0.52
C GLY B 103 -1.88 -22.32 0.68
N SER B 104 -2.22 -23.61 0.67
CA SER B 104 -3.61 -24.08 0.88
C SER B 104 -3.87 -24.20 2.38
N GLY B 105 -2.81 -24.19 3.18
CA GLY B 105 -2.84 -24.48 4.62
C GLY B 105 -2.97 -25.96 4.92
N THR B 106 -2.67 -26.81 3.94
CA THR B 106 -2.75 -28.29 4.09
C THR B 106 -1.85 -28.73 5.26
N SER B 107 -0.68 -28.13 5.46
CA SER B 107 0.20 -28.53 6.59
C SER B 107 -0.55 -28.36 7.91
N SER B 108 -1.20 -27.23 8.12
CA SER B 108 -1.89 -26.93 9.40
C SER B 108 -3.13 -27.82 9.52
N ASN B 109 -3.78 -28.13 8.40
CA ASN B 109 -4.90 -29.11 8.38
C ASN B 109 -4.38 -30.45 8.93
N MET B 110 -3.25 -30.92 8.43
CA MET B 110 -2.74 -32.26 8.82
C MET B 110 -2.30 -32.22 10.28
N ASN B 111 -1.74 -31.10 10.75
CA ASN B 111 -1.33 -30.85 12.15
C ASN B 111 -2.55 -31.08 13.05
N THR B 112 -3.70 -30.54 12.68
CA THR B 112 -4.95 -30.70 13.45
C THR B 112 -5.35 -32.17 13.44
N ASN B 113 -5.30 -32.83 12.29
CA ASN B 113 -5.71 -34.26 12.17
C ASN B 113 -4.81 -35.12 13.10
N GLU B 114 -3.52 -34.83 13.13
CA GLU B 114 -2.48 -35.62 13.85
C GLU B 114 -2.64 -35.40 15.34
N VAL B 115 -2.85 -34.16 15.77
CA VAL B 115 -3.07 -33.83 17.19
C VAL B 115 -4.36 -34.53 17.66
N ILE B 116 -5.45 -34.46 16.93
CA ILE B 116 -6.71 -35.16 17.31
C ILE B 116 -6.47 -36.69 17.45
N ALA B 117 -5.79 -37.33 16.50
CA ALA B 117 -5.47 -38.77 16.55
C ALA B 117 -4.67 -39.09 17.81
N SER B 118 -3.69 -38.25 18.17
CA SER B 118 -2.86 -38.43 19.37
C SER B 118 -3.68 -38.27 20.66
N ILE B 119 -4.58 -37.29 20.72
CA ILE B 119 -5.48 -37.13 21.91
C ILE B 119 -6.35 -38.37 22.04
N ALA B 120 -6.93 -38.85 20.94
CA ALA B 120 -7.84 -40.02 20.98
C ALA B 120 -7.07 -41.28 21.45
N ALA B 121 -5.81 -41.44 21.02
CA ALA B 121 -4.96 -42.62 21.33
C ALA B 121 -4.72 -42.70 22.84
N LYS B 122 -4.59 -41.56 23.53
CA LYS B 122 -4.42 -41.49 25.00
C LYS B 122 -5.67 -42.03 25.72
N GLY B 123 -6.80 -42.21 25.00
CA GLY B 123 -8.07 -42.70 25.56
C GLY B 123 -8.39 -44.05 24.99
N GLY B 124 -7.43 -44.66 24.28
CA GLY B 124 -7.54 -46.05 23.80
C GLY B 124 -8.27 -46.18 22.48
N VAL B 125 -8.50 -45.08 21.74
CA VAL B 125 -9.18 -45.13 20.43
C VAL B 125 -8.19 -44.77 19.31
N THR B 126 -8.15 -45.63 18.29
CA THR B 126 -7.31 -45.52 17.08
C THR B 126 -8.08 -44.73 16.01
N LEU B 127 -7.53 -43.60 15.60
CA LEU B 127 -8.03 -42.74 14.50
C LEU B 127 -6.92 -42.61 13.46
N HIS B 128 -7.24 -42.83 12.19
CA HIS B 128 -6.35 -42.51 11.04
C HIS B 128 -6.48 -41.01 10.77
N PRO B 129 -5.41 -40.20 10.90
CA PRO B 129 -5.54 -38.75 10.74
C PRO B 129 -6.24 -38.36 9.42
N ASN B 130 -5.85 -38.99 8.30
CA ASN B 130 -6.51 -38.76 7.01
C ASN B 130 -7.88 -39.46 6.93
N ASP B 131 -7.99 -40.78 7.12
CA ASP B 131 -9.20 -41.50 6.62
C ASP B 131 -10.37 -41.25 7.59
N ASP B 132 -10.07 -40.93 8.84
CA ASP B 132 -11.11 -40.68 9.88
C ASP B 132 -11.24 -39.18 10.17
N VAL B 133 -10.16 -38.50 10.60
CA VAL B 133 -10.25 -37.11 11.08
C VAL B 133 -10.47 -36.18 9.88
N ASN B 134 -10.02 -36.56 8.67
CA ASN B 134 -10.17 -35.76 7.43
C ASN B 134 -11.27 -36.33 6.53
N MET B 135 -12.10 -37.23 7.06
CA MET B 135 -13.17 -37.83 6.26
C MET B 135 -14.11 -36.79 5.71
N SER B 136 -14.38 -36.88 4.40
CA SER B 136 -15.27 -36.01 3.58
C SER B 136 -14.74 -34.59 3.36
N GLN B 137 -13.46 -34.41 3.62
CA GLN B 137 -12.77 -33.16 3.56
C GLN B 137 -11.55 -33.32 2.69
N SER B 138 -10.99 -32.21 2.30
CA SER B 138 -9.80 -32.22 1.50
C SER B 138 -8.78 -31.30 2.12
N SER B 139 -7.60 -31.29 1.53
CA SER B 139 -6.52 -30.42 1.95
C SER B 139 -6.73 -28.93 1.59
N ASN B 140 -7.69 -28.62 0.70
CA ASN B 140 -8.02 -27.26 0.25
C ASN B 140 -9.32 -26.57 0.73
N ASP B 141 -10.31 -27.30 1.22
CA ASP B 141 -11.54 -26.65 1.67
C ASP B 141 -11.66 -26.48 3.20
N THR B 142 -10.69 -27.01 3.92
CA THR B 142 -10.73 -26.96 5.37
C THR B 142 -10.07 -25.73 5.98
N PHE B 143 -8.86 -25.43 5.57
CA PHE B 143 -8.11 -24.28 6.15
C PHE B 143 -8.82 -22.96 5.82
N PRO B 144 -9.33 -22.72 4.60
CA PRO B 144 -10.06 -21.49 4.37
C PRO B 144 -11.37 -21.46 5.15
N THR B 145 -12.06 -22.59 5.34
CA THR B 145 -13.27 -22.63 6.20
C THR B 145 -12.86 -22.19 7.60
N ALA B 146 -11.77 -22.72 8.16
CA ALA B 146 -11.38 -22.38 9.54
C ALA B 146 -11.02 -20.89 9.62
N THR B 147 -10.38 -20.38 8.58
CA THR B 147 -10.01 -18.96 8.49
C THR B 147 -11.27 -18.08 8.56
N HIS B 148 -12.29 -18.43 7.81
CA HIS B 148 -13.54 -17.63 7.75
C HIS B 148 -14.33 -17.77 9.05
N ILE B 149 -14.31 -18.93 9.67
CA ILE B 149 -14.93 -19.11 11.01
C ILE B 149 -14.23 -18.15 12.00
N ALA B 150 -12.89 -18.20 12.02
CA ALA B 150 -12.08 -17.39 12.93
C ALA B 150 -12.35 -15.89 12.69
N ALA B 151 -12.38 -15.45 11.44
CA ALA B 151 -12.53 -14.03 11.07
C ALA B 151 -13.96 -13.61 11.45
N THR B 152 -14.96 -14.49 11.25
CA THR B 152 -16.37 -14.15 11.53
C THR B 152 -16.52 -13.99 13.03
N GLU B 153 -16.04 -14.97 13.80
CA GLU B 153 -16.02 -14.91 15.28
C GLU B 153 -15.29 -13.66 15.74
N ALA B 154 -14.16 -13.30 15.17
CA ALA B 154 -13.37 -12.12 15.61
C ALA B 154 -14.21 -10.86 15.36
N ALA B 155 -14.96 -10.81 14.25
CA ALA B 155 -15.73 -9.61 13.87
C ALA B 155 -16.93 -9.46 14.83
N VAL B 156 -17.69 -10.53 15.03
CA VAL B 156 -19.01 -10.51 15.73
C VAL B 156 -18.83 -10.57 17.24
N ALA B 157 -17.98 -11.42 17.78
CA ALA B 157 -17.87 -11.63 19.24
C ALA B 157 -16.89 -10.66 19.91
N HIS B 158 -15.91 -10.10 19.18
CA HIS B 158 -14.82 -9.33 19.80
C HIS B 158 -14.78 -7.91 19.22
N LEU B 159 -14.68 -7.74 17.91
CA LEU B 159 -14.40 -6.38 17.40
C LEU B 159 -15.65 -5.49 17.57
N ILE B 160 -16.80 -5.95 17.13
CA ILE B 160 -18.01 -5.11 17.18
C ILE B 160 -18.26 -4.68 18.63
N PRO B 161 -18.24 -5.56 19.65
CA PRO B 161 -18.41 -5.10 21.03
C PRO B 161 -17.36 -4.09 21.51
N ALA B 162 -16.10 -4.29 21.13
CA ALA B 162 -15.02 -3.36 21.48
C ALA B 162 -15.30 -2.01 20.84
N LEU B 163 -15.69 -2.00 19.56
CA LEU B 163 -16.01 -0.73 18.86
C LEU B 163 -17.23 -0.08 19.51
N GLN B 164 -18.20 -0.88 19.95
CA GLN B 164 -19.38 -0.31 20.64
C GLN B 164 -18.94 0.36 21.94
N GLN B 165 -18.03 -0.25 22.67
CA GLN B 165 -17.55 0.34 23.92
C GLN B 165 -16.88 1.69 23.62
N LEU B 166 -16.08 1.77 22.58
CA LEU B 166 -15.41 3.03 22.25
C LEU B 166 -16.48 4.03 21.80
N HIS B 167 -17.39 3.61 20.94
CA HIS B 167 -18.50 4.51 20.52
C HIS B 167 -19.18 5.11 21.77
N ASP B 168 -19.53 4.27 22.74
CA ASP B 168 -20.31 4.72 23.92
C ASP B 168 -19.44 5.69 24.75
N ALA B 169 -18.14 5.46 24.89
CA ALA B 169 -17.24 6.36 25.63
C ALA B 169 -17.18 7.71 24.91
N LEU B 170 -17.06 7.72 23.59
CA LEU B 170 -17.00 8.98 22.80
C LEU B 170 -18.33 9.72 22.88
N ALA B 171 -19.43 9.00 22.78
CA ALA B 171 -20.79 9.57 22.82
C ALA B 171 -21.03 10.13 24.22
N ALA B 172 -20.52 9.51 25.30
CA ALA B 172 -20.70 9.99 26.69
C ALA B 172 -19.98 11.34 26.82
N LYS B 173 -18.78 11.46 26.26
CA LYS B 173 -18.06 12.75 26.27
C LYS B 173 -18.82 13.79 25.47
N ALA B 174 -19.42 13.41 24.37
CA ALA B 174 -20.14 14.34 23.48
C ALA B 174 -21.26 14.96 24.32
N LEU B 175 -21.91 14.15 25.16
CA LEU B 175 -23.02 14.64 25.99
C LEU B 175 -22.46 15.50 27.14
N ASP B 176 -21.43 15.05 27.86
CA ASP B 176 -20.84 15.80 29.00
C ASP B 176 -20.35 17.17 28.52
N TRP B 177 -19.93 17.28 27.25
CA TRP B 177 -19.26 18.48 26.71
C TRP B 177 -20.17 19.24 25.77
N HIS B 178 -21.45 18.97 25.85
CA HIS B 178 -22.48 19.60 24.99
C HIS B 178 -22.35 21.14 24.96
N THR B 179 -22.05 21.79 26.06
CA THR B 179 -21.98 23.26 26.19
C THR B 179 -20.54 23.77 26.23
N VAL B 180 -19.52 22.93 25.95
CA VAL B 180 -18.11 23.37 26.10
C VAL B 180 -17.66 24.02 24.80
N VAL B 181 -17.89 25.32 24.70
N VAL B 181 -17.95 25.31 24.66
CA VAL B 181 -17.68 26.09 23.45
CA VAL B 181 -17.67 26.08 23.42
C VAL B 181 -16.17 26.34 23.26
C VAL B 181 -16.16 26.22 23.26
N LYS B 182 -15.73 26.34 22.01
CA LYS B 182 -14.33 26.51 21.62
C LYS B 182 -14.30 27.05 20.20
N SER B 183 -13.15 27.52 19.75
CA SER B 183 -12.97 27.93 18.34
C SER B 183 -12.85 26.65 17.50
N GLY B 184 -13.53 26.61 16.37
CA GLY B 184 -13.22 25.59 15.34
C GLY B 184 -11.83 25.80 14.80
N ARG B 185 -11.32 24.79 14.07
CA ARG B 185 -10.03 24.92 13.38
C ARG B 185 -10.23 24.27 12.01
N THR B 186 -9.99 25.04 10.94
CA THR B 186 -10.02 24.52 9.54
C THR B 186 -8.68 24.88 8.91
N HIS B 187 -8.02 23.94 8.24
CA HIS B 187 -6.63 24.13 7.76
C HIS B 187 -5.65 24.44 8.90
N LEU B 188 -5.98 24.11 10.16
CA LEU B 188 -5.23 24.37 11.42
C LEU B 188 -5.34 25.85 11.79
N MET B 189 -6.20 26.60 11.10
CA MET B 189 -6.38 28.05 11.39
C MET B 189 -7.70 28.27 12.12
N ASP B 190 -7.74 29.38 12.89
CA ASP B 190 -8.91 29.76 13.70
C ASP B 190 -10.15 29.84 12.83
N ALA B 191 -11.25 29.28 13.32
CA ALA B 191 -12.54 29.28 12.62
C ALA B 191 -13.67 29.65 13.59
N VAL B 192 -14.91 29.64 13.11
CA VAL B 192 -16.08 30.02 13.95
C VAL B 192 -16.26 28.93 15.01
N PRO B 193 -17.07 29.21 16.04
CA PRO B 193 -17.22 28.31 17.18
C PRO B 193 -17.87 26.94 16.91
N VAL B 194 -17.41 25.98 17.70
CA VAL B 194 -18.00 24.63 17.83
C VAL B 194 -17.99 24.32 19.33
N THR B 195 -18.54 23.20 19.72
CA THR B 195 -18.38 22.64 21.07
C THR B 195 -17.47 21.43 20.96
N LEU B 196 -16.72 21.17 22.02
CA LEU B 196 -15.99 19.90 22.16
C LEU B 196 -16.97 18.75 22.04
N GLY B 197 -18.18 18.92 22.55
CA GLY B 197 -19.22 17.88 22.37
C GLY B 197 -19.55 17.60 20.93
N GLN B 198 -19.68 18.61 20.07
CA GLN B 198 -19.93 18.37 18.62
C GLN B 198 -18.78 17.56 18.00
N GLU B 199 -17.53 17.94 18.32
CA GLU B 199 -16.33 17.25 17.77
C GLU B 199 -16.41 15.78 18.18
N PHE B 200 -16.70 15.51 19.45
CA PHE B 200 -16.75 14.11 19.95
C PHE B 200 -17.94 13.39 19.34
N SER B 201 -19.07 14.08 19.05
CA SER B 201 -20.19 13.43 18.34
C SER B 201 -19.73 12.97 16.94
N GLY B 202 -18.83 13.70 16.28
CA GLY B 202 -18.23 13.31 14.98
C GLY B 202 -17.38 12.06 15.16
N TYR B 203 -16.54 12.05 16.18
CA TYR B 203 -15.69 10.85 16.45
C TYR B 203 -16.60 9.64 16.71
N ALA B 204 -17.64 9.82 17.53
CA ALA B 204 -18.65 8.73 17.77
C ALA B 204 -19.24 8.22 16.46
N ARG B 205 -19.68 9.12 15.59
CA ARG B 205 -20.27 8.71 14.30
C ARG B 205 -19.22 7.93 13.51
N GLN B 206 -17.93 8.34 13.49
CA GLN B 206 -16.87 7.58 12.78
C GLN B 206 -16.87 6.13 13.30
N ILE B 207 -16.93 5.93 14.61
CA ILE B 207 -16.86 4.56 15.19
C ILE B 207 -18.17 3.80 14.88
N GLU B 208 -19.32 4.46 15.00
CA GLU B 208 -20.62 3.85 14.65
C GLU B 208 -20.60 3.44 13.16
N ALA B 209 -20.14 4.29 12.25
CA ALA B 209 -20.02 3.96 10.81
C ALA B 209 -19.06 2.77 10.64
N GLY B 210 -18.06 2.68 11.50
CA GLY B 210 -17.09 1.56 11.52
C GLY B 210 -17.78 0.23 11.79
N ILE B 211 -18.68 0.23 12.75
CA ILE B 211 -19.50 -0.96 13.07
C ILE B 211 -20.36 -1.27 11.85
N GLU B 212 -21.03 -0.28 11.28
CA GLU B 212 -21.86 -0.51 10.09
C GLU B 212 -21.01 -1.15 8.98
N ARG B 213 -19.76 -0.72 8.80
CA ARG B 213 -18.86 -1.28 7.76
C ARG B 213 -18.55 -2.75 8.03
N VAL B 214 -18.27 -3.09 9.27
CA VAL B 214 -18.02 -4.51 9.65
C VAL B 214 -19.30 -5.31 9.39
N ARG B 215 -20.45 -4.81 9.84
N ARG B 215 -20.45 -4.81 9.85
N ARG B 215 -20.45 -4.80 9.83
CA ARG B 215 -21.75 -5.50 9.68
CA ARG B 215 -21.73 -5.54 9.66
CA ARG B 215 -21.71 -5.56 9.65
C ARG B 215 -22.02 -5.73 8.18
C ARG B 215 -21.92 -5.79 8.16
C ARG B 215 -21.93 -5.78 8.15
N ALA B 216 -21.65 -4.78 7.31
CA ALA B 216 -21.93 -4.86 5.86
C ALA B 216 -21.07 -5.93 5.15
N CYS B 217 -19.94 -6.34 5.73
CA CYS B 217 -19.06 -7.37 5.08
C CYS B 217 -19.46 -8.79 5.51
N LEU B 218 -20.19 -8.96 6.59
CA LEU B 218 -20.44 -10.29 7.21
C LEU B 218 -21.16 -11.23 6.25
N PRO B 219 -22.11 -10.80 5.40
CA PRO B 219 -22.77 -11.74 4.49
C PRO B 219 -21.79 -12.52 3.61
N ARG B 220 -20.60 -11.97 3.35
CA ARG B 220 -19.58 -12.63 2.49
C ARG B 220 -18.44 -13.13 3.39
N LEU B 221 -18.09 -12.43 4.46
CA LEU B 221 -17.03 -12.97 5.36
C LEU B 221 -17.44 -14.33 5.92
N GLY B 222 -18.72 -14.51 6.22
CA GLY B 222 -19.20 -15.75 6.89
C GLY B 222 -19.35 -16.93 5.93
N GLU B 223 -19.13 -16.77 4.63
CA GLU B 223 -19.24 -17.86 3.64
C GLU B 223 -18.10 -18.85 3.86
N LEU B 224 -18.48 -20.16 3.90
CA LEU B 224 -17.53 -21.25 4.18
C LEU B 224 -17.40 -22.17 2.96
N ALA B 225 -16.20 -22.60 2.69
CA ALA B 225 -15.88 -23.47 1.52
C ALA B 225 -16.23 -24.94 1.80
N ILE B 226 -16.41 -25.30 3.07
CA ILE B 226 -16.63 -26.70 3.46
C ILE B 226 -17.63 -27.47 2.60
N GLY B 227 -17.20 -28.65 2.17
CA GLY B 227 -17.97 -29.52 1.31
C GLY B 227 -17.55 -29.44 -0.15
N GLY B 228 -16.78 -28.40 -0.48
CA GLY B 228 -16.25 -28.20 -1.82
C GLY B 228 -15.19 -29.19 -2.22
N THR B 229 -14.49 -29.71 -1.24
CA THR B 229 -13.40 -30.66 -1.44
C THR B 229 -12.22 -30.10 -2.26
N ALA B 230 -11.55 -30.94 -3.03
CA ALA B 230 -10.33 -30.48 -3.69
C ALA B 230 -10.40 -29.31 -4.67
N VAL B 231 -11.40 -29.30 -5.53
CA VAL B 231 -11.51 -28.23 -6.52
C VAL B 231 -12.79 -27.41 -6.53
N GLY B 232 -13.67 -27.65 -5.55
CA GLY B 232 -14.95 -26.97 -5.44
C GLY B 232 -16.16 -27.76 -5.93
N THR B 233 -15.91 -28.88 -6.60
CA THR B 233 -16.96 -29.76 -7.11
C THR B 233 -17.73 -30.57 -6.07
N GLY B 234 -17.11 -30.81 -4.93
CA GLY B 234 -17.72 -31.61 -3.88
C GLY B 234 -17.44 -33.09 -4.05
N LEU B 235 -16.56 -33.43 -4.99
CA LEU B 235 -16.23 -34.83 -5.23
C LEU B 235 -15.63 -35.43 -3.98
N ASN B 236 -16.05 -36.66 -3.68
CA ASN B 236 -15.65 -37.46 -2.49
C ASN B 236 -16.24 -36.95 -1.17
N ALA B 237 -17.30 -36.18 -1.25
CA ALA B 237 -17.98 -35.69 -0.06
C ALA B 237 -19.49 -35.80 -0.29
N PRO B 238 -20.27 -35.92 0.79
CA PRO B 238 -21.72 -35.96 0.61
C PRO B 238 -22.22 -34.65 -0.01
N ASP B 239 -23.23 -34.76 -0.86
CA ASP B 239 -23.83 -33.60 -1.59
C ASP B 239 -24.20 -32.45 -0.62
N ASP B 240 -24.61 -32.80 0.58
CA ASP B 240 -25.13 -31.80 1.55
C ASP B 240 -24.16 -31.69 2.73
N PHE B 241 -22.88 -32.04 2.58
CA PHE B 241 -21.93 -32.01 3.71
C PHE B 241 -21.80 -30.57 4.24
N GLY B 242 -21.64 -29.62 3.33
CA GLY B 242 -21.45 -28.19 3.68
C GLY B 242 -22.63 -27.65 4.49
N VAL B 243 -23.88 -27.79 4.01
N VAL B 243 -23.84 -27.83 3.95
CA VAL B 243 -25.04 -27.28 4.81
CA VAL B 243 -25.13 -27.47 4.60
C VAL B 243 -25.11 -28.04 6.15
C VAL B 243 -25.20 -28.07 6.02
N ARG B 244 -24.81 -29.34 6.20
CA ARG B 244 -24.87 -30.05 7.50
C ARG B 244 -23.80 -29.55 8.47
N VAL B 245 -22.58 -29.31 8.00
CA VAL B 245 -21.48 -28.85 8.89
C VAL B 245 -21.82 -27.43 9.37
N VAL B 246 -22.30 -26.57 8.47
CA VAL B 246 -22.70 -25.18 8.80
C VAL B 246 -23.83 -25.23 9.87
N ALA B 247 -24.79 -26.15 9.73
CA ALA B 247 -25.94 -26.23 10.66
C ALA B 247 -25.42 -26.52 12.04
N VAL B 248 -24.42 -27.42 12.14
CA VAL B 248 -23.81 -27.81 13.44
C VAL B 248 -23.02 -26.62 14.00
N LEU B 249 -22.20 -25.97 13.17
CA LEU B 249 -21.39 -24.82 13.63
C LEU B 249 -22.26 -23.71 14.17
N VAL B 250 -23.30 -23.36 13.45
CA VAL B 250 -24.20 -22.27 13.86
C VAL B 250 -24.87 -22.67 15.19
N ALA B 251 -25.42 -23.89 15.26
CA ALA B 251 -26.08 -24.36 16.50
C ALA B 251 -25.12 -24.33 17.68
N GLN B 252 -23.84 -24.68 17.49
CA GLN B 252 -22.91 -24.82 18.65
C GLN B 252 -22.34 -23.45 19.05
N THR B 253 -22.04 -22.59 18.08
CA THR B 253 -21.32 -21.31 18.30
C THR B 253 -22.27 -20.15 18.47
N GLY B 254 -23.48 -20.22 17.96
CA GLY B 254 -24.38 -19.07 17.94
C GLY B 254 -23.99 -18.07 16.85
N LEU B 255 -23.00 -18.37 16.01
CA LEU B 255 -22.57 -17.43 14.93
C LEU B 255 -23.47 -17.58 13.73
N SER B 256 -24.55 -16.81 13.71
N SER B 256 -24.59 -16.85 13.68
CA SER B 256 -25.62 -16.81 12.71
CA SER B 256 -25.59 -16.94 12.60
C SER B 256 -25.10 -16.34 11.35
C SER B 256 -25.01 -16.46 11.28
N GLU B 257 -23.93 -15.69 11.33
CA GLU B 257 -23.33 -15.12 10.09
C GLU B 257 -22.65 -16.23 9.26
N LEU B 258 -22.36 -17.39 9.84
CA LEU B 258 -21.73 -18.50 9.07
C LEU B 258 -22.77 -19.06 8.10
N ARG B 259 -22.37 -19.28 6.85
N ARG B 259 -22.36 -19.39 6.88
CA ARG B 259 -23.25 -19.81 5.78
CA ARG B 259 -23.28 -19.94 5.86
C ARG B 259 -22.39 -20.66 4.85
C ARG B 259 -22.46 -20.62 4.77
N THR B 260 -23.01 -21.57 4.10
N THR B 260 -23.03 -21.61 4.11
CA THR B 260 -22.34 -22.25 2.97
CA THR B 260 -22.38 -22.23 2.93
C THR B 260 -22.19 -21.23 1.82
C THR B 260 -22.12 -21.13 1.89
N ALA B 261 -21.05 -21.28 1.11
CA ALA B 261 -20.73 -20.33 0.01
C ALA B 261 -21.84 -20.27 -1.05
N ALA B 262 -22.10 -19.09 -1.59
CA ALA B 262 -23.07 -18.93 -2.70
C ALA B 262 -22.55 -19.74 -3.91
N ASN B 263 -21.24 -19.72 -4.14
CA ASN B 263 -20.62 -20.44 -5.27
C ASN B 263 -19.39 -21.16 -4.74
N SER B 264 -19.36 -22.48 -4.90
N SER B 264 -19.36 -22.48 -4.87
CA SER B 264 -18.32 -23.35 -4.30
CA SER B 264 -18.28 -23.32 -4.28
C SER B 264 -16.97 -23.16 -4.98
C SER B 264 -16.95 -22.99 -4.92
N PHE B 265 -16.95 -22.66 -6.23
CA PHE B 265 -15.71 -22.38 -6.99
C PHE B 265 -15.12 -21.05 -6.50
N GLU B 266 -15.94 -20.03 -6.40
CA GLU B 266 -15.51 -18.69 -5.91
C GLU B 266 -14.93 -18.86 -4.49
N ALA B 267 -15.53 -19.73 -3.70
CA ALA B 267 -15.11 -19.93 -2.32
C ALA B 267 -13.73 -20.56 -2.13
N GLN B 268 -13.21 -21.20 -3.16
CA GLN B 268 -11.88 -21.81 -3.04
C GLN B 268 -10.83 -21.19 -3.95
N ALA B 269 -11.29 -20.66 -5.08
CA ALA B 269 -10.40 -20.04 -6.05
C ALA B 269 -10.03 -18.62 -5.63
N ALA B 270 -10.83 -18.07 -4.72
CA ALA B 270 -10.60 -16.68 -4.24
C ALA B 270 -10.80 -16.62 -2.73
N ARG B 271 -10.26 -15.57 -2.09
CA ARG B 271 -10.48 -15.19 -0.68
C ARG B 271 -10.98 -13.75 -0.65
N ASP B 272 -11.83 -13.40 -1.60
CA ASP B 272 -12.30 -11.99 -1.76
C ASP B 272 -13.04 -11.51 -0.51
N GLY B 273 -13.64 -12.42 0.25
CA GLY B 273 -14.31 -12.04 1.50
C GLY B 273 -13.35 -11.49 2.52
N LEU B 274 -12.11 -12.02 2.58
CA LEU B 274 -11.05 -11.50 3.47
C LEU B 274 -10.55 -10.14 2.97
N VAL B 275 -10.41 -9.97 1.68
CA VAL B 275 -9.99 -8.65 1.10
C VAL B 275 -11.08 -7.60 1.46
N GLU B 276 -12.35 -7.98 1.30
CA GLU B 276 -13.46 -7.08 1.61
C GLU B 276 -13.43 -6.68 3.09
N ALA B 277 -13.34 -7.65 3.98
CA ALA B 277 -13.32 -7.41 5.42
C ALA B 277 -12.10 -6.55 5.76
N SER B 278 -10.94 -6.80 5.16
CA SER B 278 -9.74 -5.99 5.49
C SER B 278 -10.01 -4.54 5.16
N GLY B 279 -10.73 -4.28 4.08
CA GLY B 279 -11.12 -2.91 3.69
C GLY B 279 -11.91 -2.23 4.82
N ALA B 280 -12.86 -2.93 5.43
CA ALA B 280 -13.59 -2.33 6.57
C ALA B 280 -12.62 -2.04 7.71
N LEU B 281 -11.70 -2.95 8.00
CA LEU B 281 -10.75 -2.73 9.11
C LEU B 281 -9.82 -1.56 8.76
N ARG B 282 -9.45 -1.46 7.47
CA ARG B 282 -8.58 -0.35 7.01
C ARG B 282 -9.31 0.98 7.22
N THR B 283 -10.60 1.03 6.91
CA THR B 283 -11.40 2.26 7.10
C THR B 283 -11.46 2.60 8.58
N ILE B 284 -11.63 1.62 9.46
CA ILE B 284 -11.64 1.88 10.92
C ILE B 284 -10.27 2.43 11.32
N ALA B 285 -9.19 1.88 10.83
CA ALA B 285 -7.83 2.39 11.17
C ALA B 285 -7.69 3.86 10.74
N VAL B 286 -8.27 4.21 9.59
CA VAL B 286 -8.23 5.60 9.08
C VAL B 286 -9.04 6.50 10.02
N SER B 287 -10.26 6.09 10.43
CA SER B 287 -11.07 6.83 11.43
C SER B 287 -10.30 6.98 12.75
N LEU B 288 -9.73 5.89 13.29
CA LEU B 288 -9.01 5.91 14.58
C LEU B 288 -7.81 6.84 14.48
N THR B 289 -7.12 6.90 13.33
CA THR B 289 -5.96 7.79 13.17
C THR B 289 -6.42 9.23 13.42
N LYS B 290 -7.50 9.62 12.78
CA LYS B 290 -8.04 11.01 12.86
C LYS B 290 -8.39 11.28 14.31
N ILE B 291 -9.08 10.38 14.98
CA ILE B 291 -9.59 10.61 16.35
C ILE B 291 -8.39 10.72 17.31
N ALA B 292 -7.46 9.82 17.18
CA ALA B 292 -6.32 9.72 18.13
C ALA B 292 -5.41 10.93 17.88
N ASN B 293 -5.20 11.33 16.62
N ASN B 293 -5.23 11.33 16.62
CA ASN B 293 -4.36 12.53 16.33
CA ASN B 293 -4.35 12.49 16.30
C ASN B 293 -5.02 13.76 16.93
C ASN B 293 -5.00 13.79 16.83
N ASP B 294 -6.32 13.94 16.71
CA ASP B 294 -7.02 15.14 17.23
C ASP B 294 -6.85 15.15 18.75
N ILE B 295 -7.04 13.99 19.39
CA ILE B 295 -6.97 13.92 20.87
C ILE B 295 -5.56 14.24 21.39
N ARG B 296 -4.50 13.69 20.80
CA ARG B 296 -3.16 14.05 21.31
C ARG B 296 -2.84 15.50 20.97
N TRP B 297 -3.29 16.06 19.84
CA TRP B 297 -3.14 17.52 19.64
C TRP B 297 -3.91 18.31 20.71
N MET B 298 -5.14 17.93 21.02
N MET B 298 -5.16 17.94 20.97
CA MET B 298 -5.94 18.69 22.01
CA MET B 298 -5.99 18.62 21.99
C MET B 298 -5.31 18.59 23.41
C MET B 298 -5.26 18.62 23.34
N GLY B 299 -4.59 17.50 23.69
CA GLY B 299 -3.86 17.33 24.97
C GLY B 299 -2.46 17.94 24.97
N SER B 300 -2.00 18.49 23.86
CA SER B 300 -0.59 18.91 23.68
C SER B 300 -0.23 20.05 24.65
N GLY B 301 1.01 20.05 25.12
CA GLY B 301 1.51 21.12 26.02
C GLY B 301 2.17 20.51 27.24
N PRO B 302 1.85 20.93 28.49
CA PRO B 302 0.73 21.82 28.78
C PRO B 302 0.94 23.32 28.56
N LEU B 303 2.15 23.80 28.25
CA LEU B 303 2.40 25.26 28.13
C LEU B 303 2.67 25.68 26.68
N THR B 304 3.21 24.82 25.78
CA THR B 304 3.64 25.22 24.41
C THR B 304 2.70 24.60 23.37
N GLY B 305 1.63 23.94 23.81
CA GLY B 305 0.69 23.33 22.86
C GLY B 305 -0.67 23.97 22.87
N LEU B 306 -1.69 23.17 22.57
CA LEU B 306 -3.07 23.66 22.47
C LEU B 306 -3.77 23.58 23.83
N ALA B 307 -3.43 22.63 24.69
CA ALA B 307 -3.97 22.49 26.07
C ALA B 307 -5.50 22.66 26.14
N GLU B 308 -6.23 21.98 25.26
CA GLU B 308 -7.70 21.97 25.23
C GLU B 308 -8.24 20.96 26.24
N ILE B 309 -7.59 19.81 26.37
CA ILE B 309 -8.01 18.73 27.31
C ILE B 309 -6.77 18.21 28.02
N GLN B 310 -7.01 17.43 29.05
CA GLN B 310 -5.96 16.66 29.74
C GLN B 310 -6.29 15.17 29.63
N LEU B 311 -5.29 14.42 29.20
CA LEU B 311 -5.40 12.95 29.14
C LEU B 311 -5.05 12.41 30.51
N PRO B 312 -5.68 11.31 30.93
CA PRO B 312 -5.25 10.63 32.14
C PRO B 312 -3.82 10.10 32.00
N ASP B 313 -3.08 10.23 33.10
CA ASP B 313 -1.63 9.90 33.21
C ASP B 313 -1.54 8.38 33.30
N LEU B 314 -0.74 7.72 32.46
CA LEU B 314 -0.64 6.24 32.45
C LEU B 314 0.78 5.77 32.82
N GLN B 315 1.81 6.59 32.66
CA GLN B 315 3.19 6.20 33.09
C GLN B 315 4.14 7.38 32.94
N PRO B 316 5.28 7.33 33.63
CA PRO B 316 6.30 8.37 33.54
C PRO B 316 6.82 8.53 32.11
N GLY B 317 6.71 9.74 31.58
CA GLY B 317 7.21 10.05 30.24
C GLY B 317 8.70 10.08 29.97
N SER B 318 9.46 10.64 30.92
CA SER B 318 10.90 10.80 30.75
C SER B 318 11.67 10.95 32.05
N SER B 319 12.98 10.71 31.99
CA SER B 319 13.89 10.79 33.16
C SER B 319 14.59 12.16 33.20
N ILE B 320 14.98 12.67 32.02
CA ILE B 320 15.57 14.02 31.81
C ILE B 320 14.52 15.11 32.15
N MET B 321 13.25 14.87 31.85
CA MET B 321 12.12 15.83 32.07
C MET B 321 11.11 15.18 33.01
N PRO B 322 11.42 15.11 34.34
CA PRO B 322 10.81 14.11 35.21
C PRO B 322 9.27 14.05 35.24
N GLY B 323 8.60 15.19 35.09
CA GLY B 323 7.13 15.29 35.25
C GLY B 323 6.40 15.35 33.92
N LYS B 324 7.11 15.20 32.79
CA LYS B 324 6.50 15.21 31.43
C LYS B 324 5.69 13.90 31.26
N VAL B 325 4.41 13.99 30.89
CA VAL B 325 3.53 12.82 30.67
C VAL B 325 3.04 12.85 29.21
N ASN B 326 2.99 11.69 28.54
CA ASN B 326 2.87 11.60 27.07
C ASN B 326 1.55 10.92 26.69
N PRO B 327 0.96 11.29 25.53
CA PRO B 327 -0.25 10.63 25.02
C PRO B 327 0.04 9.20 24.50
N VAL B 328 0.32 8.29 25.42
CA VAL B 328 0.80 6.93 25.06
C VAL B 328 -0.35 6.14 24.44
N LEU B 329 -1.59 6.36 24.86
CA LEU B 329 -2.67 5.57 24.22
C LEU B 329 -2.92 6.05 22.79
N PRO B 330 -3.09 7.35 22.49
CA PRO B 330 -3.14 7.78 21.09
C PRO B 330 -1.95 7.28 20.26
N GLU B 331 -0.75 7.18 20.82
CA GLU B 331 0.41 6.59 20.08
C GLU B 331 0.19 5.10 19.82
N ALA B 332 -0.30 4.32 20.80
CA ALA B 332 -0.59 2.90 20.55
C ALA B 332 -1.63 2.82 19.41
N VAL B 333 -2.66 3.65 19.46
CA VAL B 333 -3.77 3.59 18.47
C VAL B 333 -3.21 3.89 17.08
N THR B 334 -2.43 4.96 16.94
CA THR B 334 -1.92 5.34 15.59
C THR B 334 -0.92 4.28 15.10
N GLN B 335 -0.14 3.65 15.98
CA GLN B 335 0.77 2.58 15.56
C GLN B 335 -0.04 1.36 15.10
N VAL B 336 -1.06 0.97 15.85
CA VAL B 336 -1.95 -0.12 15.42
C VAL B 336 -2.55 0.21 14.04
N ALA B 337 -3.07 1.40 13.88
CA ALA B 337 -3.65 1.80 12.59
C ALA B 337 -2.65 1.60 11.43
N ALA B 338 -1.38 1.98 11.61
CA ALA B 338 -0.33 1.78 10.60
C ALA B 338 -0.21 0.29 10.30
N GLN B 339 -0.23 -0.55 11.35
CA GLN B 339 -0.08 -1.99 11.16
C GLN B 339 -1.26 -2.51 10.35
N VAL B 340 -2.47 -2.07 10.68
CA VAL B 340 -3.68 -2.54 9.95
C VAL B 340 -3.62 -2.14 8.46
N ILE B 341 -3.04 -0.99 8.14
N ILE B 341 -3.10 -0.94 8.15
CA ILE B 341 -2.91 -0.50 6.74
CA ILE B 341 -2.87 -0.44 6.75
C ILE B 341 -1.86 -1.35 6.00
C ILE B 341 -1.90 -1.40 6.04
N GLY B 342 -0.78 -1.72 6.68
CA GLY B 342 0.21 -2.65 6.07
C GLY B 342 -0.37 -4.03 5.86
N ASN B 343 -0.99 -4.58 6.92
CA ASN B 343 -1.67 -5.88 6.85
C ASN B 343 -2.64 -5.89 5.66
N ASP B 344 -3.44 -4.84 5.52
CA ASP B 344 -4.43 -4.73 4.43
C ASP B 344 -3.77 -4.86 3.03
N ALA B 345 -2.64 -4.21 2.81
CA ALA B 345 -1.86 -4.31 1.58
C ALA B 345 -1.42 -5.78 1.33
N ALA B 346 -0.93 -6.48 2.36
CA ALA B 346 -0.51 -7.90 2.25
C ALA B 346 -1.72 -8.77 1.87
N ILE B 347 -2.88 -8.52 2.47
CA ILE B 347 -4.08 -9.33 2.20
C ILE B 347 -4.56 -9.15 0.75
N ALA B 348 -4.58 -7.92 0.26
CA ALA B 348 -5.05 -7.65 -1.11
C ALA B 348 -4.10 -8.33 -2.10
N TRP B 349 -2.79 -8.26 -1.82
CA TRP B 349 -1.73 -8.84 -2.68
C TRP B 349 -1.96 -10.34 -2.80
N GLY B 350 -2.17 -11.00 -1.66
CA GLY B 350 -2.51 -12.42 -1.65
C GLY B 350 -3.82 -12.70 -2.35
N GLY B 351 -4.81 -11.86 -2.16
CA GLY B 351 -6.16 -12.13 -2.67
C GLY B 351 -6.18 -12.12 -4.19
N ALA B 352 -5.34 -11.29 -4.80
CA ALA B 352 -5.37 -11.07 -6.25
C ALA B 352 -4.75 -12.23 -7.01
N ASN B 353 -3.88 -12.99 -6.32
CA ASN B 353 -2.88 -13.88 -6.98
C ASN B 353 -3.28 -15.36 -6.88
N GLY B 354 -4.57 -15.65 -6.76
CA GLY B 354 -5.05 -17.05 -6.97
C GLY B 354 -4.82 -17.53 -8.40
N ALA B 355 -4.95 -18.83 -8.64
CA ALA B 355 -4.87 -19.39 -10.00
C ALA B 355 -5.88 -20.53 -10.03
N PHE B 356 -6.73 -20.50 -11.02
CA PHE B 356 -7.62 -21.62 -11.35
C PHE B 356 -8.42 -21.95 -10.10
N GLU B 357 -8.33 -23.20 -9.62
CA GLU B 357 -9.27 -23.70 -8.63
C GLU B 357 -8.85 -23.37 -7.19
N LEU B 358 -7.72 -22.69 -6.95
CA LEU B 358 -7.28 -22.47 -5.55
C LEU B 358 -6.45 -21.19 -5.40
N ASN B 359 -6.78 -20.36 -4.43
CA ASN B 359 -5.91 -19.27 -3.97
C ASN B 359 -4.96 -19.84 -2.93
N VAL B 360 -3.66 -19.77 -3.21
CA VAL B 360 -2.63 -20.40 -2.34
C VAL B 360 -1.86 -19.31 -1.55
N TYR B 361 -2.61 -18.34 -1.04
CA TYR B 361 -2.06 -17.32 -0.13
C TYR B 361 -2.77 -17.38 1.23
N ILE B 362 -3.48 -18.45 1.54
CA ILE B 362 -4.44 -18.47 2.68
C ILE B 362 -3.69 -18.24 4.00
N PRO B 363 -2.58 -18.95 4.33
CA PRO B 363 -1.99 -18.81 5.65
C PRO B 363 -1.53 -17.38 5.90
N MET B 364 -0.99 -16.74 4.85
CA MET B 364 -0.51 -15.34 5.00
C MET B 364 -1.72 -14.39 5.13
N MET B 365 -2.73 -14.58 4.31
CA MET B 365 -3.96 -13.73 4.39
C MET B 365 -4.62 -13.92 5.76
N ALA B 366 -4.68 -15.14 6.25
CA ALA B 366 -5.29 -15.44 7.58
C ALA B 366 -4.49 -14.76 8.68
N ARG B 367 -3.16 -14.81 8.64
CA ARG B 367 -2.33 -14.21 9.71
C ARG B 367 -2.67 -12.71 9.80
N ASN B 368 -2.70 -12.05 8.65
CA ASN B 368 -2.83 -10.59 8.59
C ASN B 368 -4.26 -10.19 8.99
N ILE B 369 -5.30 -10.84 8.46
N ILE B 369 -5.30 -10.83 8.49
CA ILE B 369 -6.70 -10.43 8.77
CA ILE B 369 -6.67 -10.33 8.84
C ILE B 369 -6.98 -10.66 10.26
C ILE B 369 -6.94 -10.62 10.32
N LEU B 370 -6.54 -11.78 10.83
CA LEU B 370 -6.83 -12.09 12.26
C LEU B 370 -6.02 -11.16 13.19
N GLU B 371 -4.79 -10.80 12.82
CA GLU B 371 -3.99 -9.81 13.58
C GLU B 371 -4.68 -8.44 13.54
N SER B 372 -5.18 -8.01 12.38
CA SER B 372 -5.88 -6.71 12.30
C SER B 372 -7.10 -6.70 13.23
N PHE B 373 -7.88 -7.78 13.22
CA PHE B 373 -9.03 -7.90 14.13
C PHE B 373 -8.55 -7.76 15.58
N LYS B 374 -7.51 -8.47 15.96
CA LYS B 374 -7.05 -8.53 17.37
C LYS B 374 -6.52 -7.17 17.82
N LEU B 375 -5.65 -6.54 17.01
CA LEU B 375 -5.04 -5.25 17.41
C LEU B 375 -6.18 -4.25 17.57
N LEU B 376 -7.09 -4.17 16.59
CA LEU B 376 -8.18 -3.16 16.64
C LEU B 376 -9.07 -3.41 17.86
N THR B 377 -9.41 -4.65 18.14
CA THR B 377 -10.25 -4.99 19.32
C THR B 377 -9.55 -4.52 20.59
N ASN B 378 -8.30 -4.93 20.77
CA ASN B 378 -7.62 -4.70 22.05
C ASN B 378 -7.39 -3.20 22.21
N VAL B 379 -6.91 -2.52 21.17
CA VAL B 379 -6.52 -1.10 21.35
C VAL B 379 -7.80 -0.24 21.48
N SER B 380 -8.91 -0.64 20.84
N SER B 380 -8.92 -0.64 20.87
CA SER B 380 -10.20 0.09 20.97
CA SER B 380 -10.21 0.10 20.97
C SER B 380 -10.64 0.08 22.43
C SER B 380 -10.73 0.07 22.41
N ARG B 381 -10.64 -1.08 23.08
CA ARG B 381 -11.07 -1.21 24.50
C ARG B 381 -10.16 -0.35 25.37
N LEU B 382 -8.86 -0.44 25.16
CA LEU B 382 -7.87 0.28 25.97
C LEU B 382 -8.04 1.78 25.77
N PHE B 383 -8.27 2.22 24.53
CA PHE B 383 -8.46 3.67 24.24
C PHE B 383 -9.72 4.14 24.97
N ALA B 384 -10.79 3.36 24.92
CA ALA B 384 -12.08 3.76 25.53
C ALA B 384 -11.89 3.86 27.05
N GLN B 385 -11.26 2.84 27.68
CA GLN B 385 -11.24 2.76 29.17
C GLN B 385 -10.13 3.62 29.75
N ARG B 386 -8.95 3.67 29.15
CA ARG B 386 -7.76 4.24 29.80
C ARG B 386 -7.45 5.62 29.24
N CYS B 387 -8.20 6.11 28.26
CA CYS B 387 -7.94 7.47 27.68
C CYS B 387 -9.27 8.24 27.63
N ILE B 388 -10.23 7.81 26.83
CA ILE B 388 -11.44 8.63 26.54
C ILE B 388 -12.22 8.84 27.84
N ALA B 389 -12.44 7.78 28.61
CA ALA B 389 -13.35 7.85 29.76
C ALA B 389 -12.84 8.91 30.74
N GLY B 390 -11.51 9.09 30.90
CA GLY B 390 -10.95 10.01 31.92
C GLY B 390 -10.52 11.35 31.38
N LEU B 391 -10.82 11.69 30.12
CA LEU B 391 -10.43 13.01 29.56
C LEU B 391 -11.14 14.10 30.38
N THR B 392 -10.45 15.21 30.62
N THR B 392 -10.44 15.20 30.62
CA THR B 392 -11.08 16.41 31.23
CA THR B 392 -11.04 16.41 31.24
C THR B 392 -10.81 17.63 30.36
C THR B 392 -10.89 17.54 30.22
N ALA B 393 -11.81 18.49 30.20
CA ALA B 393 -11.79 19.64 29.26
C ALA B 393 -11.29 20.87 30.02
N ASN B 394 -10.47 21.72 29.40
CA ASN B 394 -10.03 23.01 29.98
C ASN B 394 -11.07 24.06 29.56
N VAL B 395 -12.24 24.03 30.20
CA VAL B 395 -13.47 24.75 29.77
C VAL B 395 -13.21 26.26 29.70
N GLU B 396 -12.57 26.84 30.71
CA GLU B 396 -12.41 28.32 30.77
C GLU B 396 -11.41 28.75 29.71
N HIS B 397 -10.35 28.00 29.48
CA HIS B 397 -9.40 28.33 28.37
C HIS B 397 -10.18 28.38 27.07
N LEU B 398 -10.94 27.32 26.79
CA LEU B 398 -11.62 27.18 25.49
C LEU B 398 -12.60 28.33 25.29
N ARG B 399 -13.31 28.70 26.33
CA ARG B 399 -14.33 29.78 26.18
C ARG B 399 -13.61 31.12 26.00
N ARG B 400 -12.55 31.35 26.74
CA ARG B 400 -11.80 32.62 26.60
C ARG B 400 -11.35 32.78 25.15
N LEU B 401 -10.78 31.74 24.52
CA LEU B 401 -10.37 31.88 23.10
C LEU B 401 -11.57 32.15 22.19
N ALA B 402 -12.70 31.46 22.38
CA ALA B 402 -13.88 31.65 21.52
C ALA B 402 -14.36 33.11 21.67
N GLU B 403 -14.29 33.66 22.88
CA GLU B 403 -14.86 35.01 23.13
C GLU B 403 -13.91 36.10 22.60
N SER B 404 -12.67 35.76 22.24
CA SER B 404 -11.63 36.69 21.75
C SER B 404 -11.39 36.51 20.24
N SER B 405 -12.20 35.70 19.58
CA SER B 405 -11.96 35.29 18.17
C SER B 405 -12.52 36.34 17.22
N PRO B 406 -11.68 36.89 16.34
CA PRO B 406 -12.14 37.66 15.17
C PRO B 406 -13.30 37.01 14.40
N SER B 407 -13.36 35.67 14.34
CA SER B 407 -14.40 34.92 13.60
C SER B 407 -15.81 35.25 14.13
N ILE B 408 -15.98 35.79 15.34
CA ILE B 408 -17.36 35.93 15.91
C ILE B 408 -17.92 37.33 15.70
N VAL B 409 -17.24 38.19 14.94
CA VAL B 409 -17.72 39.60 14.70
C VAL B 409 -18.87 39.60 13.69
N THR B 410 -19.05 38.56 12.90
CA THR B 410 -20.07 38.54 11.81
C THR B 410 -21.45 38.97 12.29
N PRO B 411 -21.98 38.46 13.43
CA PRO B 411 -23.33 38.83 13.86
C PRO B 411 -23.49 40.31 14.31
N LEU B 412 -22.39 41.06 14.38
CA LEU B 412 -22.43 42.51 14.68
C LEU B 412 -22.79 43.30 13.41
N ASN B 413 -22.61 42.71 12.22
CA ASN B 413 -22.68 43.41 10.89
C ASN B 413 -23.99 44.22 10.78
N SER B 414 -25.12 43.61 11.06
CA SER B 414 -26.46 44.22 10.89
C SER B 414 -26.67 45.37 11.90
N ALA B 415 -25.83 45.53 12.93
CA ALA B 415 -25.95 46.65 13.89
C ALA B 415 -24.98 47.78 13.53
N ILE B 416 -23.71 47.47 13.22
CA ILE B 416 -22.61 48.48 13.11
C ILE B 416 -21.96 48.42 11.71
N GLY B 417 -22.30 47.45 10.87
CA GLY B 417 -21.73 47.29 9.53
C GLY B 417 -20.42 46.54 9.58
N TYR B 418 -20.12 45.85 8.46
CA TYR B 418 -19.03 44.85 8.31
C TYR B 418 -17.67 45.57 8.39
N GLU B 419 -17.58 46.83 7.93
CA GLU B 419 -16.32 47.63 8.04
C GLU B 419 -15.96 47.88 9.51
N GLU B 420 -16.93 48.27 10.35
CA GLU B 420 -16.68 48.56 11.80
C GLU B 420 -16.42 47.23 12.56
N ALA B 421 -17.13 46.18 12.19
CA ALA B 421 -16.93 44.83 12.76
C ALA B 421 -15.48 44.39 12.50
N ALA B 422 -14.92 44.67 11.32
CA ALA B 422 -13.55 44.28 10.90
C ALA B 422 -12.54 45.06 11.75
N ALA B 423 -12.83 46.32 12.07
CA ALA B 423 -12.02 47.18 12.96
C ALA B 423 -11.99 46.62 14.40
N VAL B 424 -13.14 46.15 14.89
CA VAL B 424 -13.31 45.52 16.24
C VAL B 424 -12.39 44.29 16.30
N ALA B 425 -12.42 43.45 15.26
CA ALA B 425 -11.63 42.20 15.14
C ALA B 425 -10.13 42.54 15.13
N LYS B 426 -9.73 43.46 14.25
CA LYS B 426 -8.32 43.96 14.15
C LYS B 426 -7.83 44.36 15.53
N GLN B 427 -8.58 45.25 16.16
CA GLN B 427 -8.23 45.82 17.48
C GLN B 427 -8.16 44.71 18.53
N ALA B 428 -9.23 43.90 18.66
CA ALA B 428 -9.30 42.85 19.70
C ALA B 428 -8.04 42.01 19.63
N LEU B 429 -7.69 41.55 18.42
CA LEU B 429 -6.59 40.61 18.12
C LEU B 429 -5.25 41.28 18.47
N LYS B 430 -5.12 42.57 18.12
CA LYS B 430 -3.93 43.43 18.41
C LYS B 430 -3.78 43.62 19.92
N GLU B 431 -4.86 43.95 20.63
CA GLU B 431 -4.81 44.32 22.07
C GLU B 431 -5.11 43.12 22.99
N ARG B 432 -5.25 41.91 22.45
CA ARG B 432 -5.58 40.69 23.24
C ARG B 432 -6.79 40.96 24.15
N LYS B 433 -7.90 41.46 23.60
CA LYS B 433 -9.17 41.64 24.35
C LYS B 433 -10.23 40.70 23.80
N THR B 434 -11.30 40.50 24.56
CA THR B 434 -12.55 39.88 24.05
C THR B 434 -13.14 40.84 23.03
N ILE B 435 -13.89 40.30 22.09
CA ILE B 435 -14.66 41.07 21.08
C ILE B 435 -15.64 41.97 21.82
N ARG B 436 -16.33 41.43 22.82
CA ARG B 436 -17.32 42.15 23.63
C ARG B 436 -16.64 43.41 24.20
N GLN B 437 -15.49 43.23 24.84
CA GLN B 437 -14.77 44.35 25.51
C GLN B 437 -14.33 45.36 24.44
N THR B 438 -13.81 44.89 23.30
CA THR B 438 -13.35 45.79 22.22
C THR B 438 -14.54 46.62 21.70
N VAL B 439 -15.70 46.00 21.49
CA VAL B 439 -16.91 46.75 21.01
C VAL B 439 -17.20 47.92 21.99
N ILE B 440 -17.08 47.67 23.29
CA ILE B 440 -17.33 48.69 24.35
C ILE B 440 -16.27 49.80 24.25
N ASP B 441 -14.98 49.45 24.22
CA ASP B 441 -13.82 50.38 24.20
C ASP B 441 -13.80 51.26 22.93
N ARG B 442 -14.78 51.09 22.02
CA ARG B 442 -14.93 51.90 20.79
C ARG B 442 -16.28 52.65 20.79
N GLY B 443 -17.00 52.67 21.92
CA GLY B 443 -18.19 53.50 22.16
C GLY B 443 -19.43 53.12 21.36
N LEU B 444 -19.50 51.92 20.78
CA LEU B 444 -20.56 51.54 19.80
C LEU B 444 -21.87 51.20 20.52
N ILE B 445 -21.87 51.00 21.84
CA ILE B 445 -23.15 50.75 22.59
C ILE B 445 -23.89 52.08 22.67
N GLY B 446 -25.14 52.09 22.20
CA GLY B 446 -26.05 53.25 22.24
C GLY B 446 -27.34 52.93 21.52
N ASP B 447 -27.61 53.62 20.42
CA ASP B 447 -28.91 53.58 19.70
C ASP B 447 -29.09 52.21 19.04
N ARG B 448 -28.14 51.82 18.19
CA ARG B 448 -28.29 50.66 17.27
C ARG B 448 -27.99 49.35 18.00
N LEU B 449 -27.57 49.42 19.27
CA LEU B 449 -26.94 48.27 19.99
C LEU B 449 -26.92 48.49 21.52
N SER B 450 -27.88 47.94 22.25
CA SER B 450 -27.87 47.83 23.74
C SER B 450 -26.79 46.84 24.20
N ILE B 451 -26.47 46.84 25.49
CA ILE B 451 -25.45 45.94 26.10
C ILE B 451 -25.95 44.49 26.03
N GLU B 452 -27.27 44.29 26.19
CA GLU B 452 -27.87 42.93 26.17
C GLU B 452 -27.97 42.46 24.71
N ASP B 453 -28.09 43.40 23.76
CA ASP B 453 -28.14 43.08 22.31
C ASP B 453 -26.75 42.63 21.82
N LEU B 454 -25.68 43.19 22.37
CA LEU B 454 -24.29 42.79 22.08
C LEU B 454 -24.10 41.35 22.59
N ASP B 455 -24.56 41.07 23.81
CA ASP B 455 -24.33 39.76 24.49
C ASP B 455 -25.13 38.68 23.76
N ARG B 456 -26.27 39.04 23.14
CA ARG B 456 -27.07 38.10 22.33
C ARG B 456 -26.36 37.83 20.98
N ARG B 457 -25.79 38.87 20.36
CA ARG B 457 -25.06 38.72 19.07
C ARG B 457 -23.76 37.94 19.27
N LEU B 458 -23.06 38.18 20.38
CA LEU B 458 -21.74 37.57 20.66
C LEU B 458 -21.90 36.32 21.57
N ASP B 459 -23.08 35.72 21.63
CA ASP B 459 -23.31 34.45 22.37
C ASP B 459 -22.58 33.33 21.63
N VAL B 460 -21.40 32.93 22.10
CA VAL B 460 -20.57 31.97 21.34
C VAL B 460 -21.25 30.62 21.32
N LEU B 461 -21.93 30.19 22.40
CA LEU B 461 -22.59 28.86 22.39
C LEU B 461 -23.71 28.84 21.35
N ALA B 462 -24.51 29.90 21.25
CA ALA B 462 -25.57 29.96 20.21
C ALA B 462 -24.96 29.93 18.82
N MET B 463 -23.78 30.53 18.62
N MET B 463 -23.77 30.52 18.65
CA MET B 463 -23.10 30.52 17.30
CA MET B 463 -23.07 30.54 17.34
C MET B 463 -22.72 29.08 16.95
C MET B 463 -22.66 29.11 16.96
N ALA B 464 -22.36 28.26 17.94
CA ALA B 464 -22.05 26.83 17.72
C ALA B 464 -23.31 26.06 17.31
N LYS B 465 -24.51 26.61 17.58
CA LYS B 465 -25.82 26.05 17.14
C LYS B 465 -25.96 24.62 17.63
N ALA B 466 -25.66 24.39 18.90
CA ALA B 466 -25.83 23.07 19.56
C ALA B 466 -27.34 22.76 19.67
N GLU B 467 -27.78 21.59 19.18
CA GLU B 467 -29.21 21.13 19.18
C GLU B 467 -29.87 21.39 20.55
N TYR C 10 4.17 -11.44 44.70
CA TYR C 10 4.49 -10.15 44.11
C TYR C 10 5.26 -9.25 45.08
N ARG C 11 5.93 -8.23 44.56
CA ARG C 11 6.70 -7.30 45.37
C ARG C 11 6.36 -5.85 45.05
N ILE C 12 6.70 -4.94 45.95
CA ILE C 12 6.40 -3.52 45.75
C ILE C 12 7.58 -2.73 45.19
N GLU C 13 7.33 -2.04 44.09
CA GLU C 13 8.31 -1.23 43.39
C GLU C 13 7.69 0.15 43.15
N HIS C 14 8.50 1.15 42.88
CA HIS C 14 7.94 2.48 42.66
C HIS C 14 8.62 3.31 41.58
N ASP C 15 7.95 4.38 41.19
CA ASP C 15 8.49 5.35 40.18
C ASP C 15 7.95 6.74 40.53
N THR C 16 8.25 7.78 39.72
CA THR C 16 7.85 9.20 39.94
C THR C 16 6.30 9.33 40.01
N MET C 17 5.53 8.27 39.71
CA MET C 17 4.04 8.28 39.72
C MET C 17 3.48 7.50 40.92
N GLY C 18 4.31 6.79 41.70
CA GLY C 18 3.85 6.06 42.90
C GLY C 18 4.32 4.61 42.91
N GLU C 19 3.46 3.69 43.38
CA GLU C 19 3.85 2.29 43.74
C GLU C 19 3.08 1.28 42.90
N VAL C 20 3.73 0.16 42.57
CA VAL C 20 3.31 -0.81 41.52
C VAL C 20 3.61 -2.23 42.03
N ARG C 21 2.70 -3.16 41.81
CA ARG C 21 2.92 -4.56 42.17
C ARG C 21 3.60 -5.21 40.99
N VAL C 22 4.68 -5.95 41.25
CA VAL C 22 5.45 -6.62 40.19
C VAL C 22 5.66 -8.07 40.58
N PRO C 23 5.66 -9.01 39.61
CA PRO C 23 5.93 -10.43 39.84
C PRO C 23 7.17 -10.55 40.70
N ALA C 24 7.01 -11.20 41.85
CA ALA C 24 8.04 -11.34 42.90
C ALA C 24 9.38 -11.79 42.25
N LYS C 25 9.32 -12.66 41.23
CA LYS C 25 10.48 -13.30 40.56
C LYS C 25 11.13 -12.42 39.48
N ALA C 26 10.33 -11.66 38.72
CA ALA C 26 10.82 -10.86 37.59
C ALA C 26 11.99 -9.89 37.76
N LEU C 27 12.88 -9.92 36.77
CA LEU C 27 14.05 -9.05 36.67
C LEU C 27 13.68 -7.59 36.39
N TRP C 28 12.54 -7.38 35.74
CA TRP C 28 12.09 -6.03 35.45
C TRP C 28 11.47 -5.38 36.68
N ARG C 29 11.32 -4.07 36.65
CA ARG C 29 10.78 -3.33 37.79
C ARG C 29 9.45 -2.60 37.53
N ALA C 30 9.18 -1.53 38.28
CA ALA C 30 7.90 -0.84 38.17
C ALA C 30 7.52 -0.23 36.83
N GLN C 31 8.44 0.44 36.16
CA GLN C 31 8.09 1.04 34.88
C GLN C 31 7.71 -0.01 33.83
N THR C 32 8.44 -1.12 33.82
CA THR C 32 8.16 -2.19 32.88
C THR C 32 6.78 -2.78 33.16
N GLN C 33 6.47 -2.96 34.45
CA GLN C 33 5.18 -3.52 34.84
C GLN C 33 4.02 -2.62 34.42
N ARG C 34 4.21 -1.31 34.54
CA ARG C 34 3.16 -0.39 34.13
C ARG C 34 2.87 -0.59 32.65
N ALA C 35 3.94 -0.76 31.88
CA ALA C 35 3.85 -0.92 30.41
C ALA C 35 3.19 -2.26 30.11
N VAL C 36 3.44 -3.30 30.90
CA VAL C 36 2.76 -4.61 30.70
C VAL C 36 1.25 -4.37 30.84
N GLU C 37 0.85 -3.57 31.83
CA GLU C 37 -0.60 -3.29 32.07
C GLU C 37 -1.19 -2.30 31.05
N ASN C 38 -0.43 -1.30 30.59
CA ASN C 38 -0.92 -0.26 29.64
C ASN C 38 -1.14 -0.83 28.23
N PHE C 39 -0.39 -1.86 27.82
CA PHE C 39 -0.31 -2.16 26.37
C PHE C 39 -0.58 -3.62 26.04
N PRO C 40 -1.60 -4.30 26.60
CA PRO C 40 -1.95 -5.66 26.18
C PRO C 40 -2.72 -5.65 24.85
N ILE C 41 -1.98 -5.49 23.77
CA ILE C 41 -2.53 -5.23 22.40
C ILE C 41 -2.28 -6.43 21.49
N SER C 42 -1.01 -6.77 21.22
CA SER C 42 -0.59 -7.80 20.23
C SER C 42 -0.21 -9.10 20.95
N GLY C 43 0.20 -9.02 22.19
CA GLY C 43 0.71 -10.20 22.90
C GLY C 43 2.09 -10.57 22.40
N ARG C 44 2.74 -9.76 21.57
CA ARG C 44 4.14 -10.02 21.12
C ARG C 44 5.04 -8.85 21.55
N GLY C 45 6.24 -9.18 22.00
CA GLY C 45 7.26 -8.22 22.45
C GLY C 45 8.41 -8.15 21.50
N LEU C 46 9.51 -7.60 21.96
CA LEU C 46 10.71 -7.41 21.13
C LEU C 46 11.23 -8.79 20.68
N GLU C 47 11.84 -8.81 19.52
CA GLU C 47 12.49 -10.03 18.96
C GLU C 47 13.91 -10.14 19.54
N ARG C 48 14.51 -11.32 19.43
CA ARG C 48 15.90 -11.62 19.86
C ARG C 48 16.85 -10.52 19.35
N THR C 49 16.77 -10.13 18.08
CA THR C 49 17.72 -9.17 17.45
C THR C 49 17.58 -7.81 18.14
N GLN C 50 16.35 -7.46 18.55
CA GLN C 50 16.12 -6.12 19.13
C GLN C 50 16.70 -6.08 20.53
N ILE C 51 16.50 -7.16 21.29
CA ILE C 51 17.00 -7.32 22.70
C ILE C 51 18.54 -7.33 22.67
N ARG C 52 19.13 -8.04 21.70
CA ARG C 52 20.59 -8.09 21.49
C ARG C 52 21.10 -6.68 21.27
N ALA C 53 20.44 -5.91 20.40
CA ALA C 53 20.90 -4.55 20.10
C ALA C 53 20.79 -3.66 21.35
N LEU C 54 19.72 -3.78 22.14
CA LEU C 54 19.61 -2.92 23.34
C LEU C 54 20.78 -3.26 24.32
N GLY C 55 21.12 -4.53 24.41
CA GLY C 55 22.23 -5.03 25.23
C GLY C 55 23.57 -4.50 24.76
N LEU C 56 23.85 -4.60 23.47
CA LEU C 56 25.08 -4.02 22.87
C LEU C 56 25.16 -2.55 23.24
N LEU C 57 24.07 -1.82 23.01
CA LEU C 57 24.08 -0.34 23.20
C LEU C 57 24.34 0.01 24.67
N LYS C 58 23.66 -0.66 25.61
CA LYS C 58 23.79 -0.34 27.07
C LYS C 58 25.24 -0.63 27.52
N GLY C 59 25.86 -1.65 26.94
CA GLY C 59 27.26 -2.02 27.22
C GLY C 59 28.20 -0.95 26.71
N ALA C 60 27.96 -0.46 25.50
CA ALA C 60 28.82 0.54 24.85
C ALA C 60 28.68 1.88 25.59
N CYS C 61 27.47 2.26 26.04
CA CYS C 61 27.23 3.53 26.77
C CYS C 61 28.02 3.50 28.09
N ALA C 62 27.97 2.39 28.81
CA ALA C 62 28.62 2.27 30.13
C ALA C 62 30.13 2.35 29.93
N GLN C 63 30.63 1.75 28.85
CA GLN C 63 32.08 1.76 28.50
C GLN C 63 32.52 3.21 28.32
N VAL C 64 31.77 4.00 27.53
CA VAL C 64 32.15 5.40 27.24
C VAL C 64 32.01 6.26 28.51
N ASN C 65 30.94 6.12 29.26
CA ASN C 65 30.73 6.84 30.54
C ASN C 65 31.91 6.55 31.46
N SER C 66 32.33 5.31 31.56
CA SER C 66 33.55 4.87 32.31
C SER C 66 34.79 5.60 31.76
N ASP C 67 35.01 5.59 30.45
CA ASP C 67 36.20 6.17 29.76
C ASP C 67 36.24 7.68 30.00
N LEU C 68 35.09 8.33 30.19
CA LEU C 68 35.03 9.80 30.42
C LEU C 68 35.02 10.14 31.93
N GLY C 69 35.18 9.14 32.79
CA GLY C 69 35.24 9.32 34.26
C GLY C 69 33.94 9.85 34.81
N LEU C 70 32.82 9.54 34.13
CA LEU C 70 31.49 10.04 34.53
C LEU C 70 30.81 8.97 35.36
N LEU C 71 31.25 7.73 35.22
CA LEU C 71 30.62 6.56 35.88
C LEU C 71 31.72 5.77 36.55
N ALA C 72 31.52 5.37 37.81
CA ALA C 72 32.48 4.59 38.61
C ALA C 72 32.77 3.26 37.91
N PRO C 73 34.05 2.87 37.83
CA PRO C 73 34.44 1.60 37.22
C PRO C 73 33.65 0.35 37.68
N GLU C 74 33.36 0.26 38.97
CA GLU C 74 32.63 -0.91 39.53
C GLU C 74 31.22 -0.95 38.93
N LYS C 75 30.59 0.21 38.74
CA LYS C 75 29.20 0.33 38.20
C LYS C 75 29.26 -0.01 36.71
N ALA C 76 30.22 0.57 35.97
CA ALA C 76 30.37 0.36 34.51
C ALA C 76 30.62 -1.14 34.25
N ASP C 77 31.47 -1.78 35.05
CA ASP C 77 31.80 -3.22 34.91
C ASP C 77 30.54 -4.08 35.08
N ALA C 78 29.71 -3.77 36.07
CA ALA C 78 28.46 -4.52 36.36
C ALA C 78 27.46 -4.32 35.20
N ILE C 79 27.32 -3.10 34.68
CA ILE C 79 26.48 -2.82 33.49
C ILE C 79 26.98 -3.62 32.29
N ILE C 80 28.28 -3.52 31.98
CA ILE C 80 28.92 -4.20 30.83
C ILE C 80 28.65 -5.72 30.95
N ALA C 81 28.82 -6.32 32.13
CA ALA C 81 28.63 -7.79 32.30
C ALA C 81 27.15 -8.16 32.12
N ALA C 82 26.25 -7.42 32.75
CA ALA C 82 24.79 -7.65 32.66
C ALA C 82 24.32 -7.49 31.21
N ALA C 83 24.82 -6.47 30.50
CA ALA C 83 24.44 -6.12 29.11
C ALA C 83 24.96 -7.20 28.17
N ALA C 84 26.11 -7.81 28.49
CA ALA C 84 26.67 -8.94 27.72
C ALA C 84 25.73 -10.15 27.84
N GLU C 85 25.18 -10.42 29.03
CA GLU C 85 24.21 -11.51 29.32
C GLU C 85 22.91 -11.27 28.52
N ILE C 86 22.50 -9.99 28.38
CA ILE C 86 21.30 -9.61 27.57
C ILE C 86 21.58 -9.84 26.08
N ALA C 87 22.72 -9.35 25.57
CA ALA C 87 23.10 -9.47 24.14
C ALA C 87 23.24 -10.93 23.70
N ASP C 88 23.62 -11.82 24.63
N ASP C 88 23.58 -11.82 24.64
CA ASP C 88 23.90 -13.27 24.39
CA ASP C 88 23.89 -13.25 24.38
C ASP C 88 22.60 -14.09 24.41
C ASP C 88 22.61 -14.10 24.46
N GLY C 89 21.55 -13.60 25.08
CA GLY C 89 20.18 -14.17 24.98
C GLY C 89 19.69 -14.87 26.24
N GLN C 90 20.22 -14.53 27.41
CA GLN C 90 19.94 -15.24 28.69
C GLN C 90 18.68 -14.67 29.35
N HIS C 91 18.18 -13.52 28.90
CA HIS C 91 17.18 -12.74 29.65
C HIS C 91 15.97 -12.37 28.77
N ASP C 92 15.81 -13.01 27.62
CA ASP C 92 14.71 -12.71 26.65
C ASP C 92 13.34 -12.74 27.35
N ASP C 93 13.16 -13.61 28.32
CA ASP C 93 11.90 -13.71 29.03
C ASP C 93 11.67 -12.49 29.93
N GLN C 94 12.67 -11.63 30.09
CA GLN C 94 12.55 -10.47 30.99
C GLN C 94 12.15 -9.21 30.19
N PHE C 95 11.79 -9.39 28.91
CA PHE C 95 11.29 -8.30 28.01
C PHE C 95 9.82 -8.56 27.63
N PRO C 96 8.84 -8.38 28.55
CA PRO C 96 7.44 -8.72 28.27
C PRO C 96 6.61 -7.61 27.60
N ILE C 97 7.18 -6.44 27.34
CA ILE C 97 6.39 -5.27 26.87
C ILE C 97 5.97 -5.51 25.42
N ASP C 98 4.73 -5.15 25.12
CA ASP C 98 4.17 -5.16 23.74
C ASP C 98 4.99 -4.27 22.80
N VAL C 99 5.09 -4.69 21.54
CA VAL C 99 5.54 -3.86 20.39
C VAL C 99 4.75 -2.56 20.40
N PHE C 100 3.45 -2.64 20.64
CA PHE C 100 2.57 -1.47 20.52
C PHE C 100 2.59 -0.75 21.86
N GLN C 101 3.69 -0.05 22.07
CA GLN C 101 3.98 0.72 23.31
C GLN C 101 4.15 2.21 22.94
N THR C 102 4.48 3.03 23.91
CA THR C 102 4.82 4.44 23.65
C THR C 102 5.76 4.53 22.46
N GLY C 103 5.40 5.38 21.49
CA GLY C 103 6.10 5.54 20.23
C GLY C 103 7.58 5.77 20.18
N SER C 104 8.16 6.22 21.28
CA SER C 104 9.59 6.47 21.33
C SER C 104 10.35 5.20 21.72
N GLY C 105 9.63 4.19 22.17
CA GLY C 105 10.25 2.98 22.65
C GLY C 105 10.82 3.14 24.05
N THR C 106 10.38 4.16 24.78
CA THR C 106 10.87 4.42 26.12
C THR C 106 10.61 3.26 27.07
N SER C 107 9.45 2.60 26.95
CA SER C 107 9.15 1.51 27.85
C SER C 107 10.18 0.41 27.71
N SER C 108 10.53 0.07 26.48
CA SER C 108 11.54 -0.96 26.24
C SER C 108 12.92 -0.52 26.73
N ASN C 109 13.22 0.76 26.59
CA ASN C 109 14.49 1.26 27.08
C ASN C 109 14.56 1.10 28.59
N MET C 110 13.47 1.42 29.28
CA MET C 110 13.43 1.28 30.73
C MET C 110 13.53 -0.20 31.11
N ASN C 111 12.90 -1.05 30.31
CA ASN C 111 12.90 -2.52 30.52
C ASN C 111 14.36 -2.98 30.54
N THR C 112 15.19 -2.48 29.65
CA THR C 112 16.63 -2.86 29.56
C THR C 112 17.36 -2.35 30.81
N ASN C 113 17.12 -1.10 31.19
CA ASN C 113 17.73 -0.49 32.35
C ASN C 113 17.38 -1.23 33.64
N GLU C 114 16.09 -1.52 33.81
CA GLU C 114 15.64 -2.22 35.01
C GLU C 114 16.19 -3.63 35.11
N VAL C 115 16.21 -4.35 33.99
CA VAL C 115 16.74 -5.71 33.99
C VAL C 115 18.23 -5.71 34.31
N ILE C 116 18.95 -4.75 33.73
CA ILE C 116 20.38 -4.64 33.98
C ILE C 116 20.66 -4.38 35.45
N ALA C 117 19.87 -3.51 36.06
CA ALA C 117 20.05 -3.19 37.47
C ALA C 117 19.83 -4.42 38.34
N SER C 118 18.80 -5.20 38.02
CA SER C 118 18.50 -6.41 38.77
C SER C 118 19.62 -7.44 38.65
N ILE C 119 20.18 -7.57 37.46
CA ILE C 119 21.27 -8.50 37.24
C ILE C 119 22.42 -8.06 38.13
N ALA C 120 22.84 -6.80 37.98
CA ALA C 120 23.91 -6.19 38.81
C ALA C 120 23.69 -6.46 40.31
N ALA C 121 22.44 -6.36 40.82
CA ALA C 121 22.07 -6.48 42.25
C ALA C 121 22.41 -7.86 42.78
N LYS C 122 22.03 -8.91 42.03
CA LYS C 122 22.43 -10.32 42.27
C LYS C 122 23.93 -10.36 42.58
N GLY C 123 24.75 -9.66 41.79
CA GLY C 123 26.21 -9.68 41.86
C GLY C 123 26.77 -8.70 42.88
N GLY C 124 25.90 -8.07 43.69
CA GLY C 124 26.27 -7.25 44.85
C GLY C 124 26.42 -5.76 44.55
N VAL C 125 26.09 -5.29 43.34
CA VAL C 125 26.34 -3.89 42.89
C VAL C 125 25.00 -3.16 42.78
N THR C 126 24.87 -1.98 43.41
CA THR C 126 23.66 -1.15 43.33
C THR C 126 23.80 -0.15 42.18
N LEU C 127 22.98 -0.33 41.14
CA LEU C 127 22.87 0.54 39.94
C LEU C 127 21.49 1.17 39.98
N HIS C 128 21.40 2.45 39.66
CA HIS C 128 20.12 3.10 39.57
C HIS C 128 19.82 2.95 38.08
N PRO C 129 18.65 2.39 37.72
CA PRO C 129 18.28 2.17 36.32
C PRO C 129 18.45 3.42 35.45
N ASN C 130 17.99 4.56 35.94
CA ASN C 130 18.11 5.77 35.17
C ASN C 130 19.39 6.59 35.37
N ASP C 131 19.87 6.73 36.61
CA ASP C 131 21.02 7.65 36.82
C ASP C 131 22.33 6.98 36.35
N ASP C 132 22.39 5.65 36.43
CA ASP C 132 23.59 4.88 36.06
C ASP C 132 23.39 4.22 34.69
N VAL C 133 22.40 3.36 34.51
CA VAL C 133 22.29 2.51 33.30
C VAL C 133 21.89 3.41 32.13
N ASN C 134 21.15 4.49 32.38
CA ASN C 134 20.68 5.45 31.34
C ASN C 134 21.54 6.72 31.30
N MET C 135 22.73 6.72 31.91
CA MET C 135 23.58 7.93 32.00
C MET C 135 23.94 8.40 30.60
N SER C 136 23.84 9.71 30.36
CA SER C 136 24.19 10.38 29.10
C SER C 136 23.18 10.01 27.98
N GLN C 137 22.14 9.26 28.31
CA GLN C 137 21.16 8.84 27.33
C GLN C 137 19.77 9.38 27.57
N SER C 138 18.93 9.15 26.58
CA SER C 138 17.55 9.52 26.58
C SER C 138 16.75 8.37 25.97
N SER C 139 15.45 8.33 26.19
CA SER C 139 14.63 7.32 25.55
C SER C 139 14.63 7.53 24.03
N ASN C 140 14.54 8.79 23.67
CA ASN C 140 14.45 9.26 22.31
C ASN C 140 15.63 8.92 21.43
N ASP C 141 16.84 8.89 21.97
CA ASP C 141 17.98 8.51 21.13
C ASP C 141 18.37 7.03 21.21
N THR C 142 18.10 6.38 22.34
CA THR C 142 18.43 4.97 22.50
C THR C 142 17.64 3.90 21.72
N PHE C 143 16.32 4.01 21.69
CA PHE C 143 15.55 2.97 20.99
C PHE C 143 15.76 2.98 19.48
N PRO C 144 15.82 4.16 18.86
CA PRO C 144 16.09 4.14 17.42
C PRO C 144 17.52 3.70 17.12
N THR C 145 18.45 4.01 18.01
CA THR C 145 19.82 3.57 17.84
C THR C 145 19.83 2.03 17.84
N ALA C 146 19.19 1.43 18.84
CA ALA C 146 19.09 -0.04 18.91
C ALA C 146 18.39 -0.59 17.64
N THR C 147 17.39 0.10 17.14
CA THR C 147 16.66 -0.32 15.91
C THR C 147 17.60 -0.32 14.70
N HIS C 148 18.39 0.72 14.54
CA HIS C 148 19.30 0.88 13.37
C HIS C 148 20.45 -0.09 13.55
N ILE C 149 20.88 -0.43 14.77
CA ILE C 149 21.96 -1.44 14.94
C ILE C 149 21.40 -2.77 14.42
N ALA C 150 20.23 -3.15 14.91
CA ALA C 150 19.56 -4.42 14.57
C ALA C 150 19.35 -4.48 13.06
N ALA C 151 18.86 -3.40 12.42
CA ALA C 151 18.56 -3.39 10.96
C ALA C 151 19.85 -3.47 10.15
N THR C 152 20.90 -2.75 10.55
CA THR C 152 22.20 -2.79 9.88
C THR C 152 22.79 -4.19 9.99
N GLU C 153 22.80 -4.76 11.19
CA GLU C 153 23.30 -6.14 11.39
C GLU C 153 22.49 -7.12 10.53
N ALA C 154 21.16 -7.01 10.49
CA ALA C 154 20.32 -7.91 9.69
C ALA C 154 20.64 -7.74 8.19
N ALA C 155 20.92 -6.53 7.72
CA ALA C 155 21.26 -6.30 6.30
C ALA C 155 22.62 -6.92 5.96
N VAL C 156 23.65 -6.60 6.75
CA VAL C 156 25.06 -6.94 6.43
C VAL C 156 25.36 -8.41 6.74
N ALA C 157 25.00 -8.89 7.94
CA ALA C 157 25.45 -10.21 8.42
C ALA C 157 24.48 -11.30 7.97
N HIS C 158 23.25 -10.99 7.57
CA HIS C 158 22.25 -12.04 7.36
C HIS C 158 21.65 -11.95 5.95
N LEU C 159 21.05 -10.83 5.58
CA LEU C 159 20.32 -10.78 4.31
C LEU C 159 21.30 -10.85 3.12
N ILE C 160 22.34 -10.02 3.10
CA ILE C 160 23.27 -10.01 1.95
C ILE C 160 23.87 -11.40 1.75
N PRO C 161 24.44 -12.10 2.75
CA PRO C 161 24.90 -13.47 2.50
C PRO C 161 23.82 -14.43 1.98
N ALA C 162 22.57 -14.31 2.44
CA ALA C 162 21.45 -15.18 2.00
C ALA C 162 21.17 -14.88 0.53
N LEU C 163 21.09 -13.62 0.17
CA LEU C 163 20.85 -13.25 -1.25
C LEU C 163 22.05 -13.71 -2.07
N GLN C 164 23.27 -13.65 -1.51
CA GLN C 164 24.42 -14.14 -2.30
C GLN C 164 24.29 -15.64 -2.53
N GLN C 165 23.86 -16.41 -1.54
CA GLN C 165 23.65 -17.85 -1.75
C GLN C 165 22.58 -18.08 -2.84
N LEU C 166 21.48 -17.34 -2.81
CA LEU C 166 20.43 -17.53 -3.84
C LEU C 166 20.94 -17.11 -5.22
N HIS C 167 21.69 -16.03 -5.31
CA HIS C 167 22.33 -15.58 -6.56
C HIS C 167 23.21 -16.71 -7.13
N ASP C 168 24.02 -17.32 -6.27
CA ASP C 168 25.01 -18.33 -6.76
C ASP C 168 24.24 -19.57 -7.28
N ALA C 169 23.13 -19.95 -6.65
CA ALA C 169 22.35 -21.15 -7.02
C ALA C 169 21.70 -20.86 -8.37
N LEU C 170 21.19 -19.64 -8.55
CA LEU C 170 20.57 -19.24 -9.84
C LEU C 170 21.66 -19.14 -10.94
N ALA C 171 22.82 -18.56 -10.67
CA ALA C 171 23.92 -18.45 -11.65
C ALA C 171 24.40 -19.86 -12.02
N ALA C 172 24.39 -20.82 -11.09
CA ALA C 172 24.89 -22.19 -11.34
C ALA C 172 23.95 -22.87 -12.32
N LYS C 173 22.65 -22.67 -12.16
CA LYS C 173 21.65 -23.16 -13.15
C LYS C 173 21.82 -22.44 -14.49
N ALA C 174 22.11 -21.15 -14.51
CA ALA C 174 22.31 -20.39 -15.78
C ALA C 174 23.41 -21.11 -16.57
N LEU C 175 24.46 -21.52 -15.88
CA LEU C 175 25.65 -22.17 -16.52
C LEU C 175 25.27 -23.60 -16.92
N ASP C 176 24.67 -24.38 -16.02
CA ASP C 176 24.29 -25.80 -16.27
C ASP C 176 23.32 -25.87 -17.45
N TRP C 177 22.45 -24.87 -17.57
CA TRP C 177 21.37 -24.88 -18.59
C TRP C 177 21.66 -23.97 -19.78
N HIS C 178 22.93 -23.64 -19.99
CA HIS C 178 23.37 -22.70 -21.04
C HIS C 178 22.84 -23.09 -22.44
N THR C 179 22.72 -24.36 -22.76
CA THR C 179 22.30 -24.82 -24.12
C THR C 179 20.93 -25.46 -24.09
N VAL C 180 20.15 -25.29 -23.01
CA VAL C 180 18.81 -25.93 -22.88
C VAL C 180 17.83 -24.99 -23.59
N VAL C 181 17.71 -25.19 -24.89
CA VAL C 181 16.89 -24.31 -25.74
C VAL C 181 15.41 -24.62 -25.48
N LYS C 182 14.59 -23.58 -25.55
CA LYS C 182 13.16 -23.70 -25.29
C LYS C 182 12.47 -22.52 -25.99
N SER C 183 11.15 -22.61 -26.04
N SER C 183 11.16 -22.57 -26.05
CA SER C 183 10.28 -21.51 -26.49
CA SER C 183 10.36 -21.48 -26.65
C SER C 183 10.46 -20.30 -25.56
C SER C 183 10.31 -20.30 -25.66
N GLY C 184 10.68 -19.12 -26.13
CA GLY C 184 10.39 -17.86 -25.41
C GLY C 184 8.90 -17.70 -25.21
N ARG C 185 8.54 -16.85 -24.25
CA ARG C 185 7.12 -16.56 -23.96
C ARG C 185 7.02 -15.09 -23.63
N THR C 186 6.23 -14.37 -24.42
CA THR C 186 5.91 -12.96 -24.22
C THR C 186 4.39 -12.83 -24.25
N HIS C 187 3.83 -12.11 -23.30
CA HIS C 187 2.35 -12.01 -23.12
C HIS C 187 1.73 -13.39 -22.85
N LEU C 188 2.54 -14.35 -22.38
CA LEU C 188 2.21 -15.78 -22.14
C LEU C 188 2.15 -16.53 -23.49
N MET C 189 2.44 -15.86 -24.61
CA MET C 189 2.32 -16.48 -25.95
C MET C 189 3.70 -16.89 -26.46
N ASP C 190 3.70 -17.94 -27.26
CA ASP C 190 4.95 -18.49 -27.81
C ASP C 190 5.70 -17.40 -28.59
N ALA C 191 6.99 -17.33 -28.36
CA ALA C 191 7.89 -16.36 -29.01
C ALA C 191 9.17 -17.08 -29.47
N VAL C 192 10.10 -16.33 -30.07
CA VAL C 192 11.36 -16.93 -30.56
C VAL C 192 12.14 -17.54 -29.41
N PRO C 193 13.06 -18.46 -29.74
CA PRO C 193 13.74 -19.22 -28.70
C PRO C 193 14.63 -18.44 -27.73
N VAL C 194 14.74 -19.03 -26.56
CA VAL C 194 15.68 -18.67 -25.48
C VAL C 194 16.28 -19.94 -24.93
N THR C 195 17.17 -19.86 -23.98
CA THR C 195 17.59 -21.03 -23.19
C THR C 195 17.09 -20.87 -21.75
N LEU C 196 16.90 -21.98 -21.06
CA LEU C 196 16.62 -21.92 -19.60
C LEU C 196 17.76 -21.16 -18.92
N GLY C 197 18.99 -21.36 -19.36
CA GLY C 197 20.19 -20.68 -18.82
C GLY C 197 20.05 -19.18 -18.89
N GLN C 198 19.61 -18.65 -20.02
CA GLN C 198 19.47 -17.20 -20.20
C GLN C 198 18.40 -16.72 -19.19
N GLU C 199 17.28 -17.43 -19.09
CA GLU C 199 16.18 -17.01 -18.18
C GLU C 199 16.74 -16.99 -16.75
N PHE C 200 17.48 -18.02 -16.33
CA PHE C 200 18.11 -18.07 -14.98
C PHE C 200 19.18 -17.00 -14.83
N SER C 201 19.86 -16.59 -15.91
CA SER C 201 20.84 -15.47 -15.80
C SER C 201 20.09 -14.18 -15.45
N GLY C 202 18.91 -14.00 -16.02
CA GLY C 202 18.01 -12.90 -15.65
C GLY C 202 17.62 -12.94 -14.17
N TYR C 203 17.15 -14.07 -13.68
CA TYR C 203 16.82 -14.24 -12.25
C TYR C 203 18.07 -13.92 -11.41
N ALA C 204 19.25 -14.42 -11.79
CA ALA C 204 20.48 -14.13 -11.04
C ALA C 204 20.74 -12.63 -11.02
N ARG C 205 20.61 -11.94 -12.15
CA ARG C 205 20.80 -10.48 -12.16
C ARG C 205 19.82 -9.79 -11.22
N GLN C 206 18.56 -10.22 -11.16
CA GLN C 206 17.56 -9.58 -10.25
C GLN C 206 18.07 -9.66 -8.80
N ILE C 207 18.65 -10.77 -8.42
CA ILE C 207 19.13 -10.98 -7.03
C ILE C 207 20.40 -10.16 -6.80
N GLU C 208 21.34 -10.17 -7.74
CA GLU C 208 22.56 -9.33 -7.69
C GLU C 208 22.18 -7.85 -7.55
N ALA C 209 21.19 -7.38 -8.30
CA ALA C 209 20.75 -5.98 -8.20
C ALA C 209 20.11 -5.75 -6.82
N GLY C 210 19.41 -6.73 -6.28
CA GLY C 210 18.86 -6.67 -4.92
C GLY C 210 19.95 -6.46 -3.88
N ILE C 211 21.08 -7.15 -4.04
CA ILE C 211 22.23 -6.95 -3.13
C ILE C 211 22.75 -5.53 -3.31
N GLU C 212 22.84 -5.03 -4.55
CA GLU C 212 23.30 -3.64 -4.80
C GLU C 212 22.33 -2.63 -4.11
N ARG C 213 21.02 -2.90 -4.13
CA ARG C 213 19.98 -2.04 -3.53
C ARG C 213 20.18 -2.00 -2.00
N VAL C 214 20.44 -3.12 -1.40
CA VAL C 214 20.67 -3.17 0.06
C VAL C 214 21.95 -2.40 0.35
N ARG C 215 23.05 -2.70 -0.37
N ARG C 215 23.05 -2.69 -0.36
CA ARG C 215 24.33 -2.00 -0.16
CA ARG C 215 24.54 -1.79 -0.04
CA ARG C 215 24.34 -1.96 -0.10
C ARG C 215 24.13 -0.48 -0.28
C ARG C 215 24.13 -0.45 -0.26
N ALA C 216 23.36 0.00 -1.26
CA ALA C 216 23.18 1.44 -1.54
C ALA C 216 22.45 2.15 -0.36
N CYS C 217 21.69 1.45 0.47
CA CYS C 217 20.91 2.08 1.55
C CYS C 217 21.75 2.15 2.84
N LEU C 218 22.86 1.41 2.91
CA LEU C 218 23.62 1.25 4.18
C LEU C 218 24.22 2.56 4.69
N PRO C 219 24.67 3.55 3.86
CA PRO C 219 25.20 4.81 4.39
C PRO C 219 24.17 5.54 5.26
N ARG C 220 22.87 5.31 5.04
CA ARG C 220 21.83 6.00 5.85
C ARG C 220 21.22 5.03 6.85
N LEU C 221 21.10 3.75 6.51
CA LEU C 221 20.54 2.80 7.47
C LEU C 221 21.44 2.72 8.72
N GLY C 222 22.78 2.85 8.54
CA GLY C 222 23.75 2.63 9.62
C GLY C 222 23.87 3.85 10.50
N GLU C 223 23.21 4.96 10.16
CA GLU C 223 23.26 6.19 10.99
C GLU C 223 22.57 5.97 12.35
N LEU C 224 23.26 6.35 13.42
CA LEU C 224 22.76 6.16 14.79
C LEU C 224 22.49 7.51 15.46
N ALA C 225 21.38 7.60 16.19
CA ALA C 225 20.93 8.81 16.91
C ALA C 225 21.70 9.02 18.23
N ILE C 226 22.38 7.99 18.76
CA ILE C 226 22.97 8.05 20.14
C ILE C 226 23.81 9.32 20.30
N GLY C 227 23.61 10.00 21.44
CA GLY C 227 24.30 11.27 21.76
C GLY C 227 23.39 12.48 21.59
N GLY C 228 22.25 12.33 20.89
CA GLY C 228 21.35 13.47 20.63
C GLY C 228 20.43 13.75 21.80
N THR C 229 20.33 12.82 22.74
CA THR C 229 19.48 12.87 23.98
C THR C 229 18.04 13.25 23.62
N ALA C 230 17.39 14.11 24.40
CA ALA C 230 15.91 14.22 24.39
C ALA C 230 15.38 14.75 23.05
N VAL C 231 16.02 15.77 22.50
CA VAL C 231 15.47 16.49 21.31
C VAL C 231 16.47 16.59 20.16
N GLY C 232 17.67 16.03 20.28
CA GLY C 232 18.72 16.10 19.25
C GLY C 232 19.86 17.04 19.60
N THR C 233 19.71 17.84 20.65
CA THR C 233 20.69 18.89 20.98
C THR C 233 21.89 18.28 21.70
N GLY C 234 21.76 17.09 22.27
CA GLY C 234 22.85 16.48 23.06
C GLY C 234 22.89 17.00 24.49
N LEU C 235 21.86 17.74 24.92
CA LEU C 235 21.82 18.24 26.31
C LEU C 235 21.88 17.04 27.28
N ASN C 236 22.75 17.14 28.27
CA ASN C 236 22.88 16.13 29.34
C ASN C 236 23.73 14.97 28.84
N ALA C 237 24.43 15.10 27.71
CA ALA C 237 25.45 14.12 27.29
C ALA C 237 26.73 14.85 26.99
N PRO C 238 27.88 14.17 27.14
CA PRO C 238 29.13 14.66 26.57
C PRO C 238 29.02 14.97 25.06
N ASP C 239 29.70 16.01 24.59
CA ASP C 239 29.66 16.52 23.21
C ASP C 239 30.11 15.42 22.23
N ASP C 240 30.98 14.50 22.66
CA ASP C 240 31.54 13.45 21.78
C ASP C 240 30.95 12.07 22.16
N PHE C 241 29.84 12.01 22.90
CA PHE C 241 29.23 10.70 23.29
C PHE C 241 28.95 9.85 22.06
N GLY C 242 28.29 10.42 21.06
CA GLY C 242 27.88 9.69 19.85
C GLY C 242 29.09 9.04 19.17
N VAL C 243 30.13 9.82 18.90
N VAL C 243 30.13 9.84 18.91
CA VAL C 243 31.30 9.30 18.12
CA VAL C 243 31.35 9.40 18.17
C VAL C 243 31.98 8.23 18.97
C VAL C 243 31.97 8.27 18.96
N ARG C 244 32.10 8.42 20.28
CA ARG C 244 32.73 7.40 21.16
C ARG C 244 31.90 6.12 21.21
N VAL C 245 30.57 6.20 21.39
CA VAL C 245 29.72 4.98 21.48
C VAL C 245 29.77 4.25 20.15
N VAL C 246 29.66 4.97 19.03
CA VAL C 246 29.69 4.30 17.70
C VAL C 246 31.03 3.57 17.56
N ALA C 247 32.14 4.19 17.97
CA ALA C 247 33.48 3.55 17.85
C ALA C 247 33.47 2.26 18.66
N VAL C 248 32.88 2.25 19.84
CA VAL C 248 32.82 0.99 20.65
C VAL C 248 31.94 -0.04 19.90
N LEU C 249 30.81 0.38 19.34
CA LEU C 249 29.88 -0.62 18.70
C LEU C 249 30.56 -1.22 17.48
N VAL C 250 31.32 -0.42 16.73
CA VAL C 250 31.99 -0.88 15.47
C VAL C 250 33.05 -1.93 15.87
N ALA C 251 33.82 -1.66 16.93
CA ALA C 251 34.89 -2.57 17.41
C ALA C 251 34.27 -3.85 17.94
N GLN C 252 33.13 -3.78 18.63
CA GLN C 252 32.54 -5.01 19.20
C GLN C 252 31.81 -5.83 18.15
N THR C 253 31.16 -5.22 17.19
CA THR C 253 30.31 -5.96 16.21
C THR C 253 31.06 -6.24 14.91
N GLY C 254 32.04 -5.42 14.55
CA GLY C 254 32.74 -5.47 13.25
C GLY C 254 31.89 -4.85 12.16
N LEU C 255 30.76 -4.22 12.50
CA LEU C 255 29.87 -3.54 11.52
C LEU C 255 30.42 -2.13 11.31
N SER C 256 31.25 -1.98 10.29
CA SER C 256 31.87 -0.69 9.92
C SER C 256 30.83 0.23 9.29
N GLU C 257 29.64 -0.30 8.98
CA GLU C 257 28.55 0.52 8.41
C GLU C 257 27.89 1.38 9.49
N LEU C 258 28.06 1.06 10.77
CA LEU C 258 27.48 1.90 11.86
C LEU C 258 28.23 3.23 11.92
N ARG C 259 27.50 4.33 12.01
CA ARG C 259 28.12 5.67 11.94
C ARG C 259 27.24 6.63 12.73
N THR C 260 27.82 7.74 13.18
N THR C 260 27.82 7.73 13.18
CA THR C 260 27.07 8.85 13.84
CA THR C 260 27.05 8.83 13.81
C THR C 260 26.20 9.54 12.77
C THR C 260 26.12 9.39 12.72
N ALA C 261 24.97 9.93 13.14
CA ALA C 261 24.03 10.62 12.23
C ALA C 261 24.71 11.84 11.61
N ALA C 262 24.40 12.14 10.36
CA ALA C 262 24.89 13.37 9.70
C ALA C 262 24.26 14.57 10.39
N ASN C 263 23.00 14.45 10.77
CA ASN C 263 22.31 15.58 11.44
C ASN C 263 21.52 14.98 12.61
N SER C 264 21.76 15.50 13.83
CA SER C 264 21.25 14.88 15.08
C SER C 264 19.73 15.10 15.19
N PHE C 265 19.19 16.10 14.50
CA PHE C 265 17.75 16.45 14.53
C PHE C 265 17.02 15.49 13.57
N GLU C 266 17.52 15.37 12.35
CA GLU C 266 16.98 14.43 11.33
C GLU C 266 16.93 13.00 11.88
N ALA C 267 17.93 12.61 12.66
CA ALA C 267 18.06 11.23 13.18
C ALA C 267 16.99 10.93 14.24
N GLN C 268 16.30 11.92 14.81
CA GLN C 268 15.33 11.66 15.90
C GLN C 268 13.96 12.08 15.44
N ALA C 269 13.88 13.12 14.63
CA ALA C 269 12.60 13.67 14.14
C ALA C 269 12.05 12.72 13.06
N ALA C 270 12.91 11.92 12.47
CA ALA C 270 12.49 11.04 11.36
C ALA C 270 13.21 9.70 11.43
N ARG C 271 12.64 8.69 10.75
CA ARG C 271 13.23 7.34 10.62
C ARG C 271 13.32 7.06 9.12
N ASP C 272 13.70 8.05 8.31
CA ASP C 272 13.64 7.97 6.83
C ASP C 272 14.60 6.86 6.35
N GLY C 273 15.61 6.51 7.15
CA GLY C 273 16.54 5.41 6.81
C GLY C 273 15.86 4.05 6.85
N LEU C 274 14.87 3.86 7.71
CA LEU C 274 14.10 2.59 7.74
C LEU C 274 13.16 2.57 6.54
N VAL C 275 12.53 3.68 6.21
CA VAL C 275 11.67 3.79 5.00
C VAL C 275 12.47 3.44 3.73
N GLU C 276 13.63 4.08 3.58
CA GLU C 276 14.57 3.82 2.46
C GLU C 276 14.90 2.33 2.42
N ALA C 277 15.33 1.76 3.54
CA ALA C 277 15.75 0.33 3.53
C ALA C 277 14.56 -0.55 3.14
N SER C 278 13.37 -0.26 3.67
CA SER C 278 12.19 -1.10 3.39
C SER C 278 11.89 -1.08 1.89
N GLY C 279 12.14 0.03 1.21
CA GLY C 279 12.02 0.12 -0.25
C GLY C 279 12.95 -0.86 -0.98
N ALA C 280 14.16 -1.06 -0.49
CA ALA C 280 15.11 -2.08 -1.03
C ALA C 280 14.51 -3.45 -0.83
N LEU C 281 14.06 -3.75 0.39
CA LEU C 281 13.41 -5.05 0.72
C LEU C 281 12.16 -5.27 -0.17
N ARG C 282 11.35 -4.23 -0.38
CA ARG C 282 10.12 -4.35 -1.20
C ARG C 282 10.51 -4.67 -2.65
N THR C 283 11.56 -4.04 -3.17
CA THR C 283 12.06 -4.33 -4.51
C THR C 283 12.50 -5.79 -4.63
N ILE C 284 13.22 -6.31 -3.62
CA ILE C 284 13.64 -7.74 -3.60
C ILE C 284 12.39 -8.60 -3.60
N ALA C 285 11.38 -8.24 -2.81
CA ALA C 285 10.13 -9.01 -2.73
C ALA C 285 9.48 -9.02 -4.11
N VAL C 286 9.57 -7.92 -4.87
CA VAL C 286 9.02 -7.85 -6.25
C VAL C 286 9.81 -8.79 -7.17
N SER C 287 11.15 -8.76 -7.09
CA SER C 287 12.02 -9.67 -7.89
C SER C 287 11.68 -11.12 -7.54
N LEU C 288 11.68 -11.46 -6.24
CA LEU C 288 11.40 -12.86 -5.81
C LEU C 288 10.02 -13.32 -6.30
N THR C 289 9.05 -12.43 -6.35
CA THR C 289 7.71 -12.82 -6.85
C THR C 289 7.84 -13.31 -8.30
N LYS C 290 8.54 -12.56 -9.15
CA LYS C 290 8.66 -12.90 -10.59
C LYS C 290 9.42 -14.24 -10.71
N ILE C 291 10.49 -14.40 -9.95
CA ILE C 291 11.33 -15.64 -10.02
C ILE C 291 10.49 -16.82 -9.58
N ALA C 292 9.85 -16.71 -8.41
CA ALA C 292 9.08 -17.84 -7.87
C ALA C 292 7.87 -18.17 -8.75
N ASN C 293 7.21 -17.16 -9.32
N ASN C 293 7.20 -17.18 -9.33
CA ASN C 293 6.04 -17.39 -10.19
CA ASN C 293 6.01 -17.46 -10.16
C ASN C 293 6.47 -18.14 -11.44
C ASN C 293 6.46 -18.14 -11.45
N ASP C 294 7.55 -17.71 -12.07
CA ASP C 294 8.05 -18.37 -13.31
C ASP C 294 8.37 -19.83 -12.95
N ILE C 295 9.06 -20.05 -11.84
CA ILE C 295 9.54 -21.41 -11.48
C ILE C 295 8.33 -22.32 -11.23
N ARG C 296 7.30 -21.85 -10.54
CA ARG C 296 6.14 -22.76 -10.30
C ARG C 296 5.36 -22.96 -11.61
N TRP C 297 5.24 -21.99 -12.49
CA TRP C 297 4.62 -22.22 -13.82
C TRP C 297 5.45 -23.22 -14.66
N MET C 298 6.77 -23.05 -14.66
N MET C 298 6.76 -23.09 -14.65
CA MET C 298 7.73 -24.00 -15.31
CA MET C 298 7.61 -24.05 -15.39
C MET C 298 7.44 -25.43 -14.85
C MET C 298 7.44 -25.48 -14.84
N GLY C 299 7.19 -25.65 -13.56
CA GLY C 299 6.98 -27.00 -12.98
C GLY C 299 5.58 -27.51 -13.14
N SER C 300 4.65 -26.73 -13.67
CA SER C 300 3.22 -27.08 -13.69
C SER C 300 2.96 -28.35 -14.51
N GLY C 301 2.02 -29.16 -14.07
CA GLY C 301 1.65 -30.38 -14.83
C GLY C 301 1.25 -31.49 -13.86
N PRO C 302 1.59 -32.77 -14.07
CA PRO C 302 2.55 -33.22 -15.08
C PRO C 302 2.01 -33.33 -16.52
N LEU C 303 0.70 -33.22 -16.69
CA LEU C 303 0.06 -33.45 -17.98
C LEU C 303 -0.44 -32.14 -18.58
N THR C 304 -1.16 -31.31 -17.81
CA THR C 304 -1.95 -30.23 -18.47
C THR C 304 -1.22 -28.88 -18.41
N GLY C 305 -0.06 -28.81 -17.79
CA GLY C 305 0.69 -27.58 -17.56
C GLY C 305 1.85 -27.43 -18.53
N LEU C 306 2.79 -26.58 -18.20
CA LEU C 306 3.91 -26.32 -19.13
C LEU C 306 4.93 -27.45 -19.08
N ALA C 307 5.11 -28.08 -17.92
CA ALA C 307 6.01 -29.25 -17.73
C ALA C 307 7.39 -28.99 -18.35
N GLU C 308 8.00 -27.84 -18.05
CA GLU C 308 9.36 -27.49 -18.51
C GLU C 308 10.39 -28.08 -17.56
N ILE C 309 10.10 -28.07 -16.26
CA ILE C 309 11.06 -28.52 -15.23
C ILE C 309 10.30 -29.36 -14.21
N GLN C 310 11.06 -30.06 -13.38
CA GLN C 310 10.52 -30.73 -12.17
C GLN C 310 11.15 -30.11 -10.94
N LEU C 311 10.31 -29.73 -9.98
CA LEU C 311 10.81 -29.20 -8.68
C LEU C 311 11.08 -30.38 -7.79
N PRO C 312 12.06 -30.30 -6.89
CA PRO C 312 12.31 -31.40 -5.96
C PRO C 312 11.17 -31.46 -4.93
N ASP C 313 10.89 -32.69 -4.47
CA ASP C 313 9.72 -33.08 -3.63
C ASP C 313 9.96 -32.72 -2.16
N LEU C 314 9.02 -32.02 -1.55
CA LEU C 314 9.12 -31.64 -0.12
C LEU C 314 7.90 -32.21 0.58
N PRO C 322 7.95 -36.89 -8.68
CA PRO C 322 8.64 -36.45 -9.90
C PRO C 322 7.67 -35.93 -10.96
N GLY C 323 7.48 -34.60 -11.01
CA GLY C 323 6.50 -33.92 -11.88
C GLY C 323 5.14 -33.65 -11.22
N LYS C 324 4.87 -34.22 -10.04
CA LYS C 324 3.58 -34.12 -9.26
C LYS C 324 3.78 -33.40 -7.90
N VAL C 325 4.98 -32.91 -7.65
CA VAL C 325 5.31 -32.13 -6.44
C VAL C 325 4.51 -30.79 -6.46
N ASN C 326 3.82 -30.42 -5.38
CA ASN C 326 3.33 -29.03 -5.22
C ASN C 326 4.51 -28.09 -5.08
N PRO C 327 4.46 -26.89 -5.72
CA PRO C 327 5.55 -25.90 -5.63
C PRO C 327 5.50 -25.15 -4.29
N VAL C 328 5.77 -25.86 -3.20
CA VAL C 328 5.50 -25.29 -1.86
C VAL C 328 6.54 -24.20 -1.58
N LEU C 329 7.79 -24.36 -2.03
N LEU C 329 7.77 -24.34 -2.06
CA LEU C 329 8.76 -23.27 -1.73
CA LEU C 329 8.78 -23.28 -1.77
C LEU C 329 8.35 -22.02 -2.52
C LEU C 329 8.41 -22.02 -2.52
N PRO C 330 8.12 -22.07 -3.84
CA PRO C 330 7.57 -20.91 -4.53
C PRO C 330 6.39 -20.27 -3.80
N GLU C 331 5.49 -21.07 -3.26
CA GLU C 331 4.35 -20.55 -2.47
C GLU C 331 4.86 -19.82 -1.23
N ALA C 332 5.82 -20.37 -0.49
CA ALA C 332 6.35 -19.66 0.71
C ALA C 332 7.01 -18.35 0.28
N VAL C 333 7.74 -18.37 -0.83
CA VAL C 333 8.45 -17.16 -1.29
C VAL C 333 7.41 -16.09 -1.67
N THR C 334 6.38 -16.47 -2.40
CA THR C 334 5.38 -15.42 -2.84
C THR C 334 4.55 -14.93 -1.64
N GLN C 335 4.31 -15.77 -0.63
CA GLN C 335 3.63 -15.33 0.61
C GLN C 335 4.53 -14.39 1.41
N VAL C 336 5.81 -14.70 1.54
CA VAL C 336 6.78 -13.81 2.22
C VAL C 336 6.78 -12.47 1.50
N ALA C 337 6.81 -12.48 0.18
CA ALA C 337 6.86 -11.26 -0.67
C ALA C 337 5.64 -10.38 -0.36
N ALA C 338 4.46 -10.99 -0.27
CA ALA C 338 3.20 -10.30 0.10
C ALA C 338 3.39 -9.60 1.47
N GLN C 339 3.96 -10.32 2.45
CA GLN C 339 4.15 -9.80 3.82
C GLN C 339 5.13 -8.64 3.78
N VAL C 340 6.19 -8.73 2.95
CA VAL C 340 7.20 -7.64 2.88
C VAL C 340 6.53 -6.39 2.31
N ILE C 341 5.72 -6.55 1.28
CA ILE C 341 4.94 -5.44 0.66
C ILE C 341 4.04 -4.82 1.75
N GLY C 342 3.29 -5.61 2.53
CA GLY C 342 2.46 -5.05 3.63
C GLY C 342 3.26 -4.31 4.66
N ASN C 343 4.30 -4.95 5.15
CA ASN C 343 5.22 -4.36 6.13
C ASN C 343 5.74 -3.04 5.62
N ASP C 344 6.10 -2.98 4.34
CA ASP C 344 6.63 -1.76 3.73
C ASP C 344 5.61 -0.61 3.82
N ALA C 345 4.35 -0.91 3.58
CA ALA C 345 3.29 0.13 3.64
C ALA C 345 3.16 0.65 5.09
N ALA C 346 3.25 -0.23 6.08
CA ALA C 346 3.15 0.14 7.49
C ALA C 346 4.35 1.02 7.85
N ILE C 347 5.55 0.63 7.40
CA ILE C 347 6.78 1.41 7.66
C ILE C 347 6.65 2.81 7.09
N ALA C 348 6.20 2.95 5.86
CA ALA C 348 6.14 4.32 5.22
C ALA C 348 5.12 5.19 5.99
N TRP C 349 3.99 4.59 6.38
CA TRP C 349 2.92 5.27 7.14
C TRP C 349 3.51 5.83 8.45
N GLY C 350 4.23 5.04 9.22
CA GLY C 350 4.83 5.54 10.47
C GLY C 350 5.88 6.59 10.15
N GLY C 351 6.67 6.39 9.09
CA GLY C 351 7.76 7.30 8.72
C GLY C 351 7.27 8.70 8.48
N ALA C 352 6.11 8.81 7.86
CA ALA C 352 5.58 10.12 7.44
C ALA C 352 5.09 10.96 8.63
N ASN C 353 4.77 10.32 9.76
CA ASN C 353 3.83 10.91 10.76
C ASN C 353 4.59 11.34 12.01
N GLY C 354 5.89 11.65 11.89
CA GLY C 354 6.63 12.33 12.97
C GLY C 354 6.11 13.73 13.26
N ALA C 355 6.46 14.31 14.39
CA ALA C 355 6.13 15.71 14.69
C ALA C 355 7.30 16.34 15.43
N PHE C 356 7.73 17.49 14.94
CA PHE C 356 8.74 18.33 15.63
C PHE C 356 9.97 17.47 15.91
N GLU C 357 10.33 17.29 17.16
CA GLU C 357 11.66 16.74 17.51
C GLU C 357 11.62 15.21 17.55
N LEU C 358 10.50 14.52 17.30
CA LEU C 358 10.49 13.04 17.50
C LEU C 358 9.45 12.34 16.62
N ASN C 359 9.88 11.31 15.89
CA ASN C 359 8.96 10.33 15.25
C ASN C 359 8.58 9.29 16.31
N VAL C 360 7.31 9.18 16.61
CA VAL C 360 6.80 8.27 17.67
C VAL C 360 6.07 7.10 17.01
N TYR C 361 6.70 6.52 16.02
CA TYR C 361 6.21 5.24 15.45
C TYR C 361 7.28 4.16 15.50
N ILE C 362 8.32 4.38 16.29
CA ILE C 362 9.56 3.57 16.21
C ILE C 362 9.28 2.11 16.50
N PRO C 363 8.59 1.70 17.58
CA PRO C 363 8.40 0.27 17.83
C PRO C 363 7.69 -0.48 16.71
N MET C 364 6.68 0.15 16.13
CA MET C 364 5.96 -0.47 15.01
C MET C 364 6.87 -0.52 13.77
N MET C 365 7.55 0.56 13.41
CA MET C 365 8.47 0.54 12.25
C MET C 365 9.55 -0.53 12.49
N ALA C 366 10.05 -0.67 13.72
CA ALA C 366 11.13 -1.66 14.03
C ALA C 366 10.59 -3.08 13.81
N ARG C 367 9.40 -3.37 14.35
CA ARG C 367 8.80 -4.71 14.19
C ARG C 367 8.78 -5.06 12.70
N ASN C 368 8.32 -4.14 11.87
CA ASN C 368 8.05 -4.43 10.46
C ASN C 368 9.34 -4.58 9.66
N ILE C 369 10.31 -3.70 9.83
N ILE C 369 10.31 -3.67 9.78
CA ILE C 369 11.52 -3.76 8.97
CA ILE C 369 11.54 -3.76 8.95
C ILE C 369 12.35 -4.96 9.42
C ILE C 369 12.30 -5.00 9.41
N LEU C 370 12.38 -5.27 10.72
CA LEU C 370 13.19 -6.44 11.17
C LEU C 370 12.51 -7.73 10.72
N GLU C 371 11.19 -7.77 10.73
CA GLU C 371 10.47 -8.95 10.22
C GLU C 371 10.80 -9.12 8.73
N SER C 372 10.71 -8.06 7.93
CA SER C 372 11.00 -8.13 6.47
C SER C 372 12.42 -8.69 6.28
N PHE C 373 13.41 -8.19 7.02
CA PHE C 373 14.80 -8.73 6.93
C PHE C 373 14.82 -10.24 7.19
N LYS C 374 14.20 -10.65 8.27
CA LYS C 374 14.20 -12.05 8.73
C LYS C 374 13.52 -12.98 7.70
N LEU C 375 12.33 -12.56 7.19
CA LEU C 375 11.57 -13.42 6.28
C LEU C 375 12.39 -13.56 5.02
N LEU C 376 12.95 -12.48 4.49
CA LEU C 376 13.65 -12.54 3.20
C LEU C 376 14.93 -13.36 3.36
N THR C 377 15.62 -13.19 4.49
CA THR C 377 16.87 -13.95 4.75
C THR C 377 16.51 -15.45 4.74
N ASN C 378 15.54 -15.85 5.56
CA ASN C 378 15.24 -17.28 5.80
C ASN C 378 14.67 -17.91 4.52
N VAL C 379 13.76 -17.24 3.84
CA VAL C 379 13.11 -17.85 2.65
C VAL C 379 14.14 -17.90 1.53
N SER C 380 15.05 -16.95 1.45
CA SER C 380 16.04 -16.92 0.33
C SER C 380 16.95 -18.15 0.46
N ARG C 381 17.36 -18.48 1.69
CA ARG C 381 18.30 -19.62 1.83
C ARG C 381 17.52 -20.90 1.55
N LEU C 382 16.27 -21.05 2.04
CA LEU C 382 15.47 -22.26 1.77
C LEU C 382 15.26 -22.41 0.26
N PHE C 383 14.90 -21.33 -0.41
CA PHE C 383 14.59 -21.38 -1.87
C PHE C 383 15.84 -21.86 -2.61
N ALA C 384 17.01 -21.30 -2.27
CA ALA C 384 18.31 -21.62 -2.91
C ALA C 384 18.61 -23.12 -2.73
N GLN C 385 18.52 -23.63 -1.51
CA GLN C 385 19.04 -24.98 -1.16
C GLN C 385 18.01 -26.05 -1.52
N ARG C 386 16.72 -25.79 -1.31
CA ARG C 386 15.70 -26.86 -1.32
C ARG C 386 14.79 -26.76 -2.54
N CYS C 387 14.99 -25.77 -3.41
CA CYS C 387 14.21 -25.67 -4.66
C CYS C 387 15.19 -25.46 -5.81
N ILE C 388 15.95 -24.39 -5.83
CA ILE C 388 16.76 -24.02 -7.01
C ILE C 388 17.78 -25.14 -7.28
N ALA C 389 18.53 -25.55 -6.26
CA ALA C 389 19.70 -26.43 -6.43
C ALA C 389 19.23 -27.75 -7.05
N GLY C 390 18.01 -28.20 -6.76
CA GLY C 390 17.54 -29.53 -7.17
C GLY C 390 16.63 -29.52 -8.38
N LEU C 391 16.42 -28.38 -9.06
CA LEU C 391 15.54 -28.36 -10.25
C LEU C 391 16.15 -29.25 -11.34
N THR C 392 15.32 -30.00 -12.05
N THR C 392 15.29 -30.00 -12.02
CA THR C 392 15.76 -30.75 -13.26
CA THR C 392 15.59 -30.84 -13.21
C THR C 392 14.90 -30.33 -14.46
C THR C 392 14.89 -30.25 -14.44
N ALA C 393 15.57 -30.10 -15.59
CA ALA C 393 14.94 -29.63 -16.85
C ALA C 393 14.53 -30.81 -17.74
N ASN C 394 13.37 -30.73 -18.36
CA ASN C 394 12.95 -31.71 -19.40
C ASN C 394 13.61 -31.32 -20.74
N VAL C 395 14.90 -31.61 -20.85
CA VAL C 395 15.74 -30.98 -21.91
C VAL C 395 15.23 -31.36 -23.31
N GLU C 396 15.06 -32.65 -23.61
CA GLU C 396 14.67 -33.03 -24.99
C GLU C 396 13.26 -32.53 -25.32
N HIS C 397 12.39 -32.58 -24.34
CA HIS C 397 11.02 -32.06 -24.46
C HIS C 397 11.04 -30.59 -24.83
N LEU C 398 11.77 -29.76 -24.07
CA LEU C 398 11.89 -28.31 -24.34
C LEU C 398 12.38 -28.07 -25.77
N ARG C 399 13.41 -28.82 -26.20
CA ARG C 399 13.99 -28.65 -27.56
C ARG C 399 12.95 -29.05 -28.61
N ARG C 400 12.23 -30.14 -28.40
CA ARG C 400 11.21 -30.60 -29.39
C ARG C 400 10.12 -29.52 -29.54
N LEU C 401 9.64 -28.92 -28.45
CA LEU C 401 8.63 -27.83 -28.58
C LEU C 401 9.26 -26.63 -29.30
N ALA C 402 10.50 -26.25 -29.00
CA ALA C 402 11.12 -25.08 -29.63
C ALA C 402 11.21 -25.30 -31.14
N GLU C 403 11.55 -26.52 -31.54
CA GLU C 403 11.74 -26.91 -32.97
C GLU C 403 10.41 -27.10 -33.68
N SER C 404 9.29 -27.03 -32.93
CA SER C 404 7.94 -27.30 -33.47
C SER C 404 7.06 -26.06 -33.42
N SER C 405 7.60 -24.93 -32.98
CA SER C 405 6.82 -23.68 -32.76
C SER C 405 6.69 -22.90 -34.06
N PRO C 406 5.45 -22.47 -34.44
CA PRO C 406 5.28 -21.51 -35.52
C PRO C 406 6.18 -20.27 -35.44
N SER C 407 6.68 -19.91 -34.25
CA SER C 407 7.55 -18.71 -34.06
C SER C 407 8.83 -18.84 -34.85
N ILE C 408 9.32 -20.05 -35.17
CA ILE C 408 10.65 -20.14 -35.80
C ILE C 408 10.53 -20.19 -37.32
N VAL C 409 9.34 -20.03 -37.91
CA VAL C 409 9.19 -20.12 -39.40
C VAL C 409 9.69 -18.84 -40.07
N THR C 410 9.74 -17.71 -39.37
CA THR C 410 10.11 -16.40 -39.94
C THR C 410 11.36 -16.49 -40.80
N PRO C 411 12.46 -17.14 -40.38
CA PRO C 411 13.66 -17.13 -41.22
C PRO C 411 13.55 -17.96 -42.50
N LEU C 412 12.41 -18.63 -42.72
CA LEU C 412 12.13 -19.32 -44.00
C LEU C 412 11.49 -18.37 -45.02
N ASN C 413 10.96 -17.23 -44.58
CA ASN C 413 10.08 -16.38 -45.43
C ASN C 413 10.79 -16.06 -46.74
N SER C 414 12.07 -15.72 -46.66
CA SER C 414 12.85 -15.21 -47.82
C SER C 414 13.08 -16.36 -48.82
N ALA C 415 12.98 -17.63 -48.41
CA ALA C 415 13.17 -18.82 -49.28
C ALA C 415 11.82 -19.29 -49.82
N ILE C 416 10.78 -19.39 -48.99
CA ILE C 416 9.51 -20.07 -49.37
C ILE C 416 8.35 -19.08 -49.50
N GLY C 417 8.48 -17.82 -49.09
CA GLY C 417 7.35 -16.85 -49.11
C GLY C 417 6.48 -16.90 -47.85
N TYR C 418 5.81 -15.80 -47.53
CA TYR C 418 4.93 -15.63 -46.36
C TYR C 418 3.82 -16.69 -46.34
N GLU C 419 3.14 -16.87 -47.47
CA GLU C 419 1.93 -17.72 -47.57
C GLU C 419 2.32 -19.16 -47.20
N GLU C 420 3.43 -19.67 -47.75
CA GLU C 420 3.85 -21.07 -47.51
C GLU C 420 4.45 -21.19 -46.10
N ALA C 421 5.19 -20.19 -45.62
CA ALA C 421 5.65 -20.22 -44.21
C ALA C 421 4.43 -20.36 -43.29
N ALA C 422 3.32 -19.67 -43.56
CA ALA C 422 2.09 -19.74 -42.75
C ALA C 422 1.47 -21.15 -42.84
N ALA C 423 1.51 -21.76 -44.02
CA ALA C 423 0.96 -23.12 -44.23
C ALA C 423 1.83 -24.14 -43.49
N VAL C 424 3.14 -23.95 -43.48
CA VAL C 424 4.05 -24.82 -42.70
C VAL C 424 3.69 -24.71 -41.22
N ALA C 425 3.55 -23.49 -40.68
CA ALA C 425 3.27 -23.31 -39.24
C ALA C 425 1.93 -23.98 -38.90
N LYS C 426 0.91 -23.77 -39.73
CA LYS C 426 -0.42 -24.37 -39.45
C LYS C 426 -0.33 -25.90 -39.44
N GLN C 427 0.35 -26.49 -40.41
CA GLN C 427 0.43 -27.98 -40.53
C GLN C 427 1.28 -28.54 -39.39
N ALA C 428 2.40 -27.91 -39.09
CA ALA C 428 3.28 -28.39 -38.00
C ALA C 428 2.48 -28.47 -36.70
N LEU C 429 1.67 -27.45 -36.44
CA LEU C 429 0.90 -27.43 -35.18
C LEU C 429 -0.19 -28.49 -35.22
N LYS C 430 -0.90 -28.62 -36.32
CA LYS C 430 -2.00 -29.60 -36.43
C LYS C 430 -1.48 -31.04 -36.33
N GLU C 431 -0.34 -31.35 -36.95
CA GLU C 431 0.19 -32.73 -37.04
C GLU C 431 1.13 -32.98 -35.86
N ARG C 432 1.44 -31.95 -35.06
CA ARG C 432 2.38 -32.04 -33.92
C ARG C 432 3.74 -32.55 -34.43
N LYS C 433 4.28 -31.87 -35.42
CA LYS C 433 5.61 -32.17 -35.98
C LYS C 433 6.53 -30.98 -35.82
N THR C 434 7.82 -31.20 -36.02
CA THR C 434 8.78 -30.09 -36.09
C THR C 434 8.54 -29.25 -37.35
N ILE C 435 9.03 -28.02 -37.32
CA ILE C 435 9.03 -27.17 -38.53
C ILE C 435 9.86 -27.91 -39.59
N ARG C 436 11.02 -28.41 -39.20
CA ARG C 436 11.95 -29.06 -40.17
C ARG C 436 11.19 -30.20 -40.87
N GLN C 437 10.52 -31.07 -40.12
CA GLN C 437 9.81 -32.23 -40.70
C GLN C 437 8.66 -31.75 -41.61
N THR C 438 7.96 -30.68 -41.24
CA THR C 438 6.83 -30.18 -42.03
C THR C 438 7.34 -29.60 -43.36
N VAL C 439 8.44 -28.86 -43.33
CA VAL C 439 9.01 -28.28 -44.59
C VAL C 439 9.34 -29.44 -45.55
N ILE C 440 9.91 -30.51 -45.03
CA ILE C 440 10.24 -31.72 -45.85
C ILE C 440 8.95 -32.39 -46.34
N ASP C 441 7.96 -32.57 -45.45
N ASP C 441 7.95 -32.55 -45.47
CA ASP C 441 6.69 -33.27 -45.77
CA ASP C 441 6.68 -33.26 -45.81
C ASP C 441 5.94 -32.49 -46.88
C ASP C 441 5.92 -32.48 -46.89
N ARG C 442 6.05 -31.16 -46.93
CA ARG C 442 5.33 -30.31 -47.91
C ARG C 442 6.10 -30.28 -49.25
N GLY C 443 7.29 -30.88 -49.30
CA GLY C 443 8.06 -31.04 -50.54
C GLY C 443 8.80 -29.79 -50.91
N LEU C 444 9.14 -28.92 -49.94
CA LEU C 444 9.76 -27.64 -50.26
C LEU C 444 11.27 -27.77 -50.48
N ILE C 445 11.87 -28.90 -50.11
CA ILE C 445 13.35 -29.04 -50.28
C ILE C 445 13.66 -29.21 -51.77
N GLY C 446 14.77 -28.60 -52.21
CA GLY C 446 15.26 -28.61 -53.61
C GLY C 446 14.81 -27.34 -54.31
N ASP C 447 13.50 -27.22 -54.48
CA ASP C 447 12.85 -26.04 -55.08
C ASP C 447 13.48 -24.80 -54.44
N ARG C 448 13.09 -24.50 -53.21
CA ARG C 448 13.29 -23.18 -52.57
C ARG C 448 14.63 -23.17 -51.83
N LEU C 449 14.97 -24.26 -51.16
CA LEU C 449 16.18 -24.33 -50.31
C LEU C 449 16.65 -25.77 -50.11
N SER C 450 17.91 -25.90 -49.73
CA SER C 450 18.54 -27.21 -49.50
C SER C 450 18.36 -27.60 -48.04
N ILE C 451 18.68 -28.84 -47.73
CA ILE C 451 18.74 -29.30 -46.32
C ILE C 451 19.73 -28.48 -45.52
N GLU C 452 20.89 -28.16 -46.10
CA GLU C 452 21.96 -27.39 -45.40
C GLU C 452 21.36 -26.04 -45.02
N ASP C 453 20.67 -25.38 -45.95
CA ASP C 453 20.08 -24.04 -45.71
C ASP C 453 18.95 -24.15 -44.66
N LEU C 454 18.15 -25.19 -44.75
CA LEU C 454 17.05 -25.40 -43.79
C LEU C 454 17.63 -25.54 -42.39
N ASP C 455 18.69 -26.34 -42.22
CA ASP C 455 19.28 -26.63 -40.90
C ASP C 455 19.96 -25.36 -40.37
N ARG C 456 20.50 -24.50 -41.23
CA ARG C 456 21.07 -23.22 -40.75
C ARG C 456 19.92 -22.33 -40.24
N ARG C 457 18.86 -22.18 -41.03
CA ARG C 457 17.78 -21.20 -40.74
C ARG C 457 16.98 -21.65 -39.51
N LEU C 458 16.83 -22.94 -39.28
CA LEU C 458 15.98 -23.45 -38.18
C LEU C 458 16.79 -23.91 -36.96
N ASP C 459 18.08 -23.64 -36.88
CA ASP C 459 18.90 -24.03 -35.70
C ASP C 459 18.43 -23.21 -34.47
N VAL C 460 17.64 -23.82 -33.59
CA VAL C 460 16.95 -23.02 -32.52
C VAL C 460 17.98 -22.51 -31.51
N LEU C 461 19.07 -23.22 -31.28
CA LEU C 461 20.08 -22.73 -30.31
C LEU C 461 20.78 -21.50 -30.87
N ALA C 462 21.04 -21.48 -32.17
CA ALA C 462 21.63 -20.30 -32.85
C ALA C 462 20.65 -19.14 -32.78
N MET C 463 19.38 -19.43 -32.96
CA MET C 463 18.32 -18.43 -32.89
C MET C 463 18.29 -17.78 -31.50
N ALA C 464 18.55 -18.55 -30.43
CA ALA C 464 18.60 -18.05 -29.04
C ALA C 464 19.88 -17.24 -28.81
N LYS C 465 20.81 -17.26 -29.79
CA LYS C 465 22.10 -16.53 -29.75
C LYS C 465 22.89 -17.06 -28.56
N ALA C 466 22.88 -18.37 -28.35
CA ALA C 466 23.70 -19.10 -27.36
C ALA C 466 24.58 -20.12 -28.09
N GLU C 467 25.59 -20.66 -27.40
CA GLU C 467 26.66 -21.54 -27.96
C GLU C 467 26.85 -22.77 -27.05
N TYR D 10 -10.74 13.31 -42.31
CA TYR D 10 -11.76 12.22 -42.28
C TYR D 10 -11.45 11.14 -43.32
N ARG D 11 -10.15 10.91 -43.61
CA ARG D 11 -9.67 10.03 -44.72
C ARG D 11 -9.84 8.57 -44.30
N ILE D 12 -9.89 7.66 -45.28
CA ILE D 12 -10.02 6.18 -45.06
C ILE D 12 -8.66 5.54 -45.40
N GLU D 13 -8.23 4.56 -44.59
CA GLU D 13 -6.97 3.77 -44.79
C GLU D 13 -7.31 2.27 -44.84
N HIS D 14 -6.34 1.45 -45.26
CA HIS D 14 -6.56 0.02 -45.62
C HIS D 14 -5.70 -0.88 -44.74
N ASP D 15 -6.32 -1.48 -43.72
CA ASP D 15 -5.68 -2.41 -42.74
C ASP D 15 -6.02 -3.83 -43.17
N THR D 16 -5.15 -4.80 -42.89
CA THR D 16 -5.35 -6.24 -43.22
C THR D 16 -6.41 -6.85 -42.27
N MET D 17 -7.40 -6.04 -41.83
CA MET D 17 -8.74 -6.51 -41.37
C MET D 17 -9.83 -5.50 -41.81
N GLY D 18 -9.55 -4.65 -42.81
CA GLY D 18 -10.56 -3.83 -43.52
C GLY D 18 -10.24 -2.34 -43.55
N GLU D 19 -11.28 -1.51 -43.52
CA GLU D 19 -11.21 -0.04 -43.78
C GLU D 19 -11.27 0.75 -42.45
N VAL D 20 -10.31 1.67 -42.27
CA VAL D 20 -10.10 2.46 -41.02
C VAL D 20 -10.18 3.95 -41.38
N ARG D 21 -11.16 4.68 -40.84
CA ARG D 21 -11.28 6.16 -40.98
C ARG D 21 -10.32 6.84 -39.99
N VAL D 22 -9.52 7.81 -40.46
CA VAL D 22 -8.50 8.51 -39.63
C VAL D 22 -8.67 10.02 -39.80
N PRO D 23 -8.67 10.83 -38.72
CA PRO D 23 -8.73 12.29 -38.82
C PRO D 23 -7.69 12.84 -39.80
N ALA D 24 -8.02 13.88 -40.58
CA ALA D 24 -7.27 14.26 -41.80
C ALA D 24 -5.95 14.94 -41.43
N LYS D 25 -5.92 15.73 -40.35
CA LYS D 25 -4.70 16.44 -39.84
C LYS D 25 -3.83 15.49 -38.99
N ALA D 26 -4.27 14.24 -38.77
CA ALA D 26 -3.52 13.22 -38.00
C ALA D 26 -2.36 12.68 -38.83
N LEU D 27 -1.19 12.55 -38.22
CA LEU D 27 0.01 11.91 -38.82
C LEU D 27 0.07 10.42 -38.46
N TRP D 28 -0.75 9.96 -37.52
CA TRP D 28 -0.78 8.50 -37.24
C TRP D 28 -1.57 7.83 -38.36
N ARG D 29 -1.50 6.51 -38.43
CA ARG D 29 -2.15 5.73 -39.51
C ARG D 29 -2.97 4.62 -38.87
N ALA D 30 -3.15 3.50 -39.56
CA ALA D 30 -4.19 2.49 -39.28
C ALA D 30 -3.95 1.83 -37.91
N GLN D 31 -2.73 1.39 -37.60
CA GLN D 31 -2.47 0.62 -36.35
C GLN D 31 -2.83 1.52 -35.16
N THR D 32 -2.41 2.77 -35.16
CA THR D 32 -2.74 3.73 -34.08
C THR D 32 -4.25 3.92 -34.01
N GLN D 33 -4.93 4.06 -35.13
CA GLN D 33 -6.39 4.31 -35.11
C GLN D 33 -7.11 3.08 -34.54
N ARG D 34 -6.65 1.86 -34.85
CA ARG D 34 -7.19 0.61 -34.26
C ARG D 34 -6.96 0.63 -32.72
N ALA D 35 -5.80 1.05 -32.24
CA ALA D 35 -5.49 1.11 -30.79
C ALA D 35 -6.40 2.15 -30.12
N VAL D 36 -6.74 3.24 -30.82
CA VAL D 36 -7.68 4.28 -30.29
C VAL D 36 -9.05 3.62 -30.07
N GLU D 37 -9.50 2.82 -31.03
CA GLU D 37 -10.81 2.14 -30.95
C GLU D 37 -10.78 1.02 -29.89
N ASN D 38 -9.64 0.37 -29.68
N ASN D 38 -9.64 0.38 -29.66
CA ASN D 38 -9.50 -0.82 -28.79
CA ASN D 38 -9.55 -0.83 -28.79
C ASN D 38 -9.45 -0.45 -27.30
C ASN D 38 -9.42 -0.46 -27.30
N PHE D 39 -8.92 0.73 -26.96
CA PHE D 39 -8.58 1.08 -25.56
C PHE D 39 -9.24 2.38 -25.09
N PRO D 40 -10.57 2.57 -25.20
CA PRO D 40 -11.21 3.77 -24.62
C PRO D 40 -11.44 3.63 -23.10
N ILE D 41 -10.36 3.74 -22.33
CA ILE D 41 -10.37 3.33 -20.90
C ILE D 41 -10.21 4.57 -20.00
N SER D 42 -9.08 5.28 -20.07
CA SER D 42 -8.80 6.46 -19.21
C SER D 42 -9.08 7.79 -19.96
N GLY D 43 -8.99 7.80 -21.28
CA GLY D 43 -9.05 9.01 -22.13
C GLY D 43 -7.81 9.88 -21.99
N ARG D 44 -6.69 9.33 -21.50
CA ARG D 44 -5.42 10.07 -21.37
C ARG D 44 -4.35 9.24 -22.07
N GLY D 45 -3.48 9.91 -22.83
CA GLY D 45 -2.40 9.28 -23.59
C GLY D 45 -1.04 9.60 -22.99
N LEU D 46 0.01 9.31 -23.74
CA LEU D 46 1.39 9.54 -23.28
C LEU D 46 1.57 11.01 -22.94
N GLU D 47 2.36 11.24 -21.93
CA GLU D 47 2.84 12.61 -21.58
C GLU D 47 3.96 13.04 -22.53
N ARG D 48 4.23 14.32 -22.54
CA ARG D 48 5.22 14.90 -23.45
C ARG D 48 6.60 14.29 -23.18
N THR D 49 6.93 13.96 -21.94
CA THR D 49 8.25 13.38 -21.61
C THR D 49 8.40 12.04 -22.34
N GLN D 50 7.31 11.30 -22.41
CA GLN D 50 7.32 9.93 -22.98
C GLN D 50 7.40 10.04 -24.50
N ILE D 51 6.64 10.97 -25.09
CA ILE D 51 6.66 11.24 -26.56
C ILE D 51 8.08 11.66 -26.93
N ARG D 52 8.67 12.54 -26.14
CA ARG D 52 10.05 13.05 -26.40
C ARG D 52 11.02 11.86 -26.42
N ALA D 53 10.95 10.99 -25.41
CA ALA D 53 11.88 9.85 -25.29
C ALA D 53 11.70 8.90 -26.48
N LEU D 54 10.48 8.72 -26.97
CA LEU D 54 10.22 7.84 -28.13
C LEU D 54 10.85 8.46 -29.38
N GLY D 55 10.72 9.77 -29.56
CA GLY D 55 11.40 10.50 -30.64
C GLY D 55 12.92 10.38 -30.54
N LEU D 56 13.50 10.58 -29.38
CA LEU D 56 14.97 10.41 -29.20
C LEU D 56 15.40 8.99 -29.60
N LEU D 57 14.67 7.99 -29.14
CA LEU D 57 15.07 6.59 -29.39
C LEU D 57 15.00 6.29 -30.89
N LYS D 58 13.97 6.75 -31.60
CA LYS D 58 13.82 6.45 -33.05
C LYS D 58 14.92 7.15 -33.86
N GLY D 59 15.30 8.36 -33.48
CA GLY D 59 16.41 9.06 -34.18
C GLY D 59 17.72 8.32 -33.97
N ALA D 60 17.97 7.83 -32.77
CA ALA D 60 19.24 7.18 -32.41
C ALA D 60 19.31 5.83 -33.15
N CYS D 61 18.21 5.08 -33.19
CA CYS D 61 18.16 3.76 -33.88
C CYS D 61 18.47 3.96 -35.38
N ALA D 62 17.83 4.93 -36.02
CA ALA D 62 18.03 5.28 -37.43
C ALA D 62 19.49 5.66 -37.66
N GLN D 63 20.08 6.46 -36.78
CA GLN D 63 21.52 6.83 -36.88
C GLN D 63 22.37 5.55 -36.94
N VAL D 64 22.12 4.60 -36.05
CA VAL D 64 23.00 3.44 -35.89
C VAL D 64 22.74 2.50 -37.06
N ASN D 65 21.48 2.32 -37.47
CA ASN D 65 21.18 1.50 -38.66
C ASN D 65 21.87 2.13 -39.90
N SER D 66 21.97 3.45 -39.98
CA SER D 66 22.65 4.13 -41.12
C SER D 66 24.16 3.85 -41.00
N ASP D 67 24.76 4.07 -39.82
CA ASP D 67 26.22 3.84 -39.58
C ASP D 67 26.62 2.41 -39.88
N LEU D 68 25.69 1.46 -39.73
CA LEU D 68 25.97 0.02 -39.95
C LEU D 68 25.64 -0.38 -41.40
N GLY D 69 25.20 0.56 -42.26
CA GLY D 69 24.84 0.31 -43.67
C GLY D 69 23.58 -0.53 -43.83
N LEU D 70 22.70 -0.61 -42.80
CA LEU D 70 21.50 -1.48 -42.87
C LEU D 70 20.36 -0.66 -43.42
N LEU D 71 20.46 0.66 -43.29
CA LEU D 71 19.39 1.60 -43.69
C LEU D 71 19.97 2.65 -44.63
N ALA D 72 19.33 2.88 -45.79
CA ALA D 72 19.83 3.82 -46.80
C ALA D 72 19.91 5.21 -46.17
N PRO D 73 21.00 5.98 -46.37
CA PRO D 73 21.14 7.28 -45.72
C PRO D 73 20.01 8.29 -45.99
N GLU D 74 19.33 8.23 -47.14
CA GLU D 74 18.15 9.07 -47.44
C GLU D 74 17.03 8.78 -46.42
N LYS D 75 16.69 7.52 -46.20
CA LYS D 75 15.65 7.13 -45.20
C LYS D 75 16.10 7.51 -43.78
N ALA D 76 17.36 7.28 -43.44
CA ALA D 76 17.89 7.53 -42.07
C ALA D 76 17.75 9.02 -41.80
N ASP D 77 18.11 9.83 -42.79
CA ASP D 77 18.07 11.30 -42.69
C ASP D 77 16.64 11.75 -42.40
N ALA D 78 15.65 11.17 -43.09
CA ALA D 78 14.23 11.55 -42.96
C ALA D 78 13.73 11.11 -41.57
N ILE D 79 14.14 9.92 -41.10
CA ILE D 79 13.73 9.43 -39.74
C ILE D 79 14.35 10.36 -38.71
N ILE D 80 15.64 10.65 -38.83
CA ILE D 80 16.35 11.52 -37.86
C ILE D 80 15.68 12.90 -37.78
N ALA D 81 15.33 13.49 -38.93
CA ALA D 81 14.68 14.83 -38.93
C ALA D 81 13.29 14.74 -38.30
N ALA D 82 12.48 13.74 -38.65
CA ALA D 82 11.11 13.59 -38.09
C ALA D 82 11.21 13.30 -36.58
N ALA D 83 12.09 12.39 -36.17
CA ALA D 83 12.39 12.10 -34.74
C ALA D 83 12.80 13.37 -33.98
N ALA D 84 13.55 14.31 -34.58
CA ALA D 84 14.00 15.52 -33.84
C ALA D 84 12.79 16.40 -33.56
N GLU D 85 11.87 16.48 -34.51
CA GLU D 85 10.64 17.28 -34.33
C GLU D 85 9.84 16.71 -33.15
N ILE D 86 9.66 15.38 -33.10
CA ILE D 86 8.92 14.69 -31.99
C ILE D 86 9.64 14.97 -30.67
N ALA D 87 10.96 14.80 -30.62
CA ALA D 87 11.75 15.02 -29.38
C ALA D 87 11.66 16.49 -28.93
N ASP D 88 11.38 17.42 -29.88
CA ASP D 88 11.33 18.88 -29.67
C ASP D 88 9.92 19.32 -29.23
N GLY D 89 8.95 18.40 -29.19
CA GLY D 89 7.58 18.69 -28.72
C GLY D 89 6.67 19.17 -29.84
N GLN D 90 7.04 19.06 -31.10
CA GLN D 90 6.21 19.63 -32.20
C GLN D 90 5.01 18.74 -32.50
N HIS D 91 4.92 17.52 -31.95
CA HIS D 91 3.90 16.54 -32.41
C HIS D 91 3.20 15.89 -31.20
N ASP D 92 3.09 16.62 -30.09
CA ASP D 92 2.54 16.09 -28.83
C ASP D 92 1.06 15.74 -28.99
N ASP D 93 0.41 16.18 -30.08
CA ASP D 93 -1.03 15.94 -30.37
C ASP D 93 -1.20 14.75 -31.32
N GLN D 94 -0.13 14.10 -31.74
CA GLN D 94 -0.18 12.95 -32.68
C GLN D 94 -0.12 11.60 -31.95
N PHE D 95 -0.29 11.56 -30.63
CA PHE D 95 -0.15 10.30 -29.85
C PHE D 95 -1.42 10.04 -29.06
N PRO D 96 -2.50 9.56 -29.70
CA PRO D 96 -3.80 9.54 -29.02
C PRO D 96 -4.14 8.29 -28.20
N ILE D 97 -3.23 7.31 -28.21
CA ILE D 97 -3.52 5.98 -27.60
C ILE D 97 -3.58 6.13 -26.09
N ASP D 98 -4.54 5.44 -25.49
CA ASP D 98 -4.68 5.35 -24.03
C ASP D 98 -3.40 4.79 -23.40
N VAL D 99 -3.08 5.29 -22.23
CA VAL D 99 -2.09 4.67 -21.29
C VAL D 99 -2.40 3.18 -21.13
N PHE D 100 -3.66 2.83 -20.93
CA PHE D 100 -4.08 1.45 -20.62
C PHE D 100 -4.22 0.71 -21.97
N GLN D 101 -3.07 0.29 -22.47
CA GLN D 101 -2.93 -0.36 -23.80
C GLN D 101 -2.21 -1.70 -23.62
N THR D 102 -1.95 -2.40 -24.72
CA THR D 102 -1.15 -3.64 -24.65
C THR D 102 0.10 -3.39 -23.78
N GLY D 103 0.41 -4.34 -22.91
CA GLY D 103 1.27 -4.09 -21.74
C GLY D 103 2.75 -3.99 -22.08
N SER D 104 3.13 -4.28 -23.32
CA SER D 104 4.49 -4.09 -23.86
C SER D 104 4.70 -2.63 -24.25
N GLY D 105 3.60 -1.91 -24.49
CA GLY D 105 3.67 -0.58 -25.12
C GLY D 105 3.85 -0.64 -26.63
N THR D 106 3.65 -1.80 -27.25
CA THR D 106 3.78 -1.95 -28.70
C THR D 106 2.90 -0.95 -29.42
N SER D 107 1.70 -0.64 -28.93
CA SER D 107 0.78 0.27 -29.65
C SER D 107 1.44 1.63 -29.75
N SER D 108 1.97 2.17 -28.64
CA SER D 108 2.65 3.48 -28.69
C SER D 108 3.92 3.42 -29.55
N ASN D 109 4.64 2.30 -29.53
CA ASN D 109 5.83 2.10 -30.41
C ASN D 109 5.39 2.29 -31.87
N MET D 110 4.34 1.61 -32.30
CA MET D 110 3.81 1.68 -33.70
C MET D 110 3.29 3.09 -34.01
N ASN D 111 2.68 3.77 -33.04
CA ASN D 111 2.22 5.16 -33.15
C ASN D 111 3.42 6.03 -33.54
N THR D 112 4.59 5.82 -32.92
CA THR D 112 5.80 6.61 -33.20
C THR D 112 6.25 6.30 -34.62
N ASN D 113 6.21 5.04 -35.01
CA ASN D 113 6.71 4.59 -36.33
C ASN D 113 5.85 5.24 -37.42
N GLU D 114 4.53 5.22 -37.23
CA GLU D 114 3.53 5.77 -38.19
C GLU D 114 3.68 7.29 -38.30
N VAL D 115 3.79 8.01 -37.21
CA VAL D 115 3.92 9.50 -37.23
C VAL D 115 5.22 9.86 -37.97
N ILE D 116 6.31 9.14 -37.71
CA ILE D 116 7.58 9.46 -38.42
C ILE D 116 7.41 9.22 -39.93
N ALA D 117 6.73 8.15 -40.32
CA ALA D 117 6.47 7.79 -41.73
C ALA D 117 5.70 8.91 -42.41
N SER D 118 4.74 9.52 -41.70
CA SER D 118 3.85 10.56 -42.24
C SER D 118 4.64 11.86 -42.30
N ILE D 119 5.53 12.09 -41.34
CA ILE D 119 6.33 13.35 -41.38
C ILE D 119 7.29 13.29 -42.57
N ALA D 120 7.91 12.14 -42.79
CA ALA D 120 8.88 11.87 -43.88
C ALA D 120 8.23 12.06 -45.26
N ALA D 121 7.00 11.57 -45.41
CA ALA D 121 6.22 11.61 -46.67
C ALA D 121 5.95 13.08 -47.07
N LYS D 122 5.75 13.97 -46.11
CA LYS D 122 5.59 15.45 -46.34
C LYS D 122 6.85 16.07 -46.98
N GLY D 123 8.04 15.51 -46.72
CA GLY D 123 9.33 15.92 -47.32
C GLY D 123 9.74 15.03 -48.49
N GLY D 124 8.84 14.17 -48.99
CA GLY D 124 9.02 13.40 -50.24
C GLY D 124 9.73 12.06 -50.08
N VAL D 125 9.98 11.59 -48.85
CA VAL D 125 10.64 10.27 -48.64
C VAL D 125 9.59 9.26 -48.15
N THR D 126 9.57 8.08 -48.77
CA THR D 126 8.74 6.90 -48.42
C THR D 126 9.48 6.00 -47.40
N LEU D 127 8.91 5.86 -46.20
CA LEU D 127 9.36 4.96 -45.10
C LEU D 127 8.25 3.96 -44.82
N HIS D 128 8.64 2.72 -44.61
CA HIS D 128 7.79 1.68 -44.02
C HIS D 128 7.90 1.82 -42.49
N PRO D 129 6.77 2.01 -41.75
CA PRO D 129 6.83 2.15 -40.29
C PRO D 129 7.58 0.99 -39.63
N ASN D 130 7.31 -0.24 -40.03
CA ASN D 130 7.94 -1.44 -39.44
C ASN D 130 9.36 -1.61 -39.99
N ASP D 131 9.51 -1.75 -41.30
CA ASP D 131 10.75 -2.29 -41.90
C ASP D 131 11.86 -1.26 -41.82
N ASP D 132 11.52 0.03 -41.91
CA ASP D 132 12.47 1.16 -41.84
C ASP D 132 12.51 1.76 -40.42
N VAL D 133 11.40 2.27 -39.91
CA VAL D 133 11.48 3.09 -38.65
C VAL D 133 11.67 2.15 -37.44
N ASN D 134 11.25 0.88 -37.54
CA ASN D 134 11.40 -0.15 -36.48
C ASN D 134 12.54 -1.11 -36.80
N MET D 135 13.39 -0.79 -37.78
CA MET D 135 14.53 -1.67 -38.15
C MET D 135 15.39 -1.96 -36.92
N SER D 136 15.72 -3.22 -36.69
CA SER D 136 16.63 -3.73 -35.62
C SER D 136 15.96 -3.65 -34.23
N GLN D 137 14.69 -3.25 -34.15
CA GLN D 137 13.96 -3.08 -32.88
C GLN D 137 12.84 -4.10 -32.85
N SER D 138 12.26 -4.31 -31.69
CA SER D 138 11.08 -5.21 -31.67
C SER D 138 9.91 -4.44 -31.09
N SER D 139 8.80 -5.14 -30.93
CA SER D 139 7.61 -4.60 -30.27
C SER D 139 7.85 -4.47 -28.74
N ASN D 140 8.95 -5.03 -28.17
CA ASN D 140 9.12 -5.27 -26.71
C ASN D 140 10.33 -4.59 -26.06
N ASP D 141 11.32 -4.08 -26.80
CA ASP D 141 12.56 -3.49 -26.21
C ASP D 141 12.53 -1.97 -26.41
N THR D 142 11.52 -1.43 -27.10
CA THR D 142 11.45 -0.01 -27.49
C THR D 142 10.73 0.78 -26.37
N PHE D 143 9.52 0.40 -26.01
CA PHE D 143 8.75 1.20 -25.03
C PHE D 143 9.44 1.19 -23.66
N PRO D 144 9.97 0.07 -23.13
CA PRO D 144 10.73 0.15 -21.87
C PRO D 144 11.97 1.03 -22.00
N THR D 145 12.65 1.01 -23.16
CA THR D 145 13.84 1.90 -23.35
C THR D 145 13.39 3.35 -23.20
N ALA D 146 12.32 3.74 -23.94
CA ALA D 146 11.84 5.13 -23.89
C ALA D 146 11.41 5.50 -22.45
N THR D 147 10.81 4.56 -21.73
CA THR D 147 10.39 4.77 -20.33
C THR D 147 11.60 5.11 -19.46
N HIS D 148 12.64 4.33 -19.52
CA HIS D 148 13.89 4.52 -18.73
C HIS D 148 14.61 5.80 -19.15
N ILE D 149 14.62 6.15 -20.44
CA ILE D 149 15.18 7.47 -20.89
C ILE D 149 14.41 8.61 -20.21
N ALA D 150 13.08 8.56 -20.28
CA ALA D 150 12.21 9.59 -19.66
C ALA D 150 12.44 9.66 -18.15
N ALA D 151 12.48 8.54 -17.46
CA ALA D 151 12.65 8.50 -15.99
C ALA D 151 14.02 9.02 -15.61
N THR D 152 15.06 8.65 -16.38
CA THR D 152 16.44 9.10 -16.06
C THR D 152 16.56 10.61 -16.26
N GLU D 153 16.05 11.13 -17.37
CA GLU D 153 16.02 12.59 -17.65
C GLU D 153 15.25 13.29 -16.51
N ALA D 154 14.09 12.75 -16.13
CA ALA D 154 13.24 13.34 -15.07
C ALA D 154 14.06 13.40 -13.78
N ALA D 155 14.82 12.36 -13.42
CA ALA D 155 15.62 12.32 -12.19
C ALA D 155 16.76 13.35 -12.24
N VAL D 156 17.54 13.32 -13.32
CA VAL D 156 18.83 14.06 -13.42
C VAL D 156 18.58 15.51 -13.75
N ALA D 157 17.78 15.83 -14.76
CA ALA D 157 17.67 17.19 -15.30
C ALA D 157 16.63 18.01 -14.52
N HIS D 158 15.70 17.37 -13.82
CA HIS D 158 14.54 18.07 -13.21
C HIS D 158 14.45 17.85 -11.71
N LEU D 159 14.34 16.60 -11.26
CA LEU D 159 14.01 16.39 -9.83
C LEU D 159 15.19 16.84 -8.98
N ILE D 160 16.37 16.36 -9.27
CA ILE D 160 17.55 16.64 -8.41
C ILE D 160 17.73 18.14 -8.31
N PRO D 161 17.73 18.94 -9.41
CA PRO D 161 17.83 20.39 -9.22
C PRO D 161 16.69 21.03 -8.44
N ALA D 162 15.45 20.54 -8.59
CA ALA D 162 14.33 21.05 -7.77
C ALA D 162 14.54 20.73 -6.27
N LEU D 163 14.98 19.52 -5.94
CA LEU D 163 15.26 19.17 -4.52
C LEU D 163 16.44 20.02 -4.01
N GLN D 164 17.42 20.32 -4.85
CA GLN D 164 18.58 21.12 -4.40
C GLN D 164 18.13 22.54 -4.06
N GLN D 165 17.24 23.10 -4.88
CA GLN D 165 16.62 24.43 -4.63
C GLN D 165 15.90 24.39 -3.26
N LEU D 166 15.13 23.36 -2.98
CA LEU D 166 14.40 23.20 -1.70
C LEU D 166 15.39 23.01 -0.55
N HIS D 167 16.43 22.19 -0.73
CA HIS D 167 17.51 22.05 0.27
C HIS D 167 18.11 23.43 0.58
N ASP D 168 18.42 24.20 -0.44
CA ASP D 168 19.16 25.47 -0.23
C ASP D 168 18.26 26.48 0.49
N ALA D 169 16.96 26.47 0.19
CA ALA D 169 15.97 27.32 0.90
C ALA D 169 15.88 26.91 2.39
N LEU D 170 15.80 25.62 2.67
CA LEU D 170 15.77 25.10 4.08
C LEU D 170 17.09 25.41 4.78
N ALA D 171 18.24 25.20 4.15
CA ALA D 171 19.55 25.45 4.77
C ALA D 171 19.72 26.96 5.05
N ALA D 172 19.22 27.83 4.18
CA ALA D 172 19.34 29.30 4.40
C ALA D 172 18.57 29.69 5.67
N LYS D 173 17.39 29.11 5.88
CA LYS D 173 16.59 29.34 7.13
C LYS D 173 17.30 28.75 8.33
N ALA D 174 17.90 27.58 8.21
CA ALA D 174 18.64 26.94 9.32
C ALA D 174 19.73 27.92 9.79
N LEU D 175 20.37 28.64 8.87
CA LEU D 175 21.42 29.63 9.26
C LEU D 175 20.78 30.93 9.80
N ASP D 176 19.79 31.51 9.12
N ASP D 176 19.74 31.45 9.13
CA ASP D 176 19.13 32.76 9.61
CA ASP D 176 19.01 32.70 9.49
C ASP D 176 18.74 32.51 11.08
C ASP D 176 18.44 32.60 10.92
N TRP D 177 18.11 31.38 11.35
CA TRP D 177 17.40 31.15 12.62
C TRP D 177 18.25 30.36 13.60
N HIS D 178 19.57 30.37 13.41
CA HIS D 178 20.51 29.59 14.24
C HIS D 178 20.30 29.85 15.74
N THR D 179 19.98 31.08 16.14
CA THR D 179 19.83 31.49 17.57
C THR D 179 18.38 31.85 17.92
N VAL D 180 17.41 31.52 17.07
CA VAL D 180 15.98 31.72 17.39
C VAL D 180 15.49 30.57 18.25
N VAL D 181 15.66 30.75 19.56
CA VAL D 181 15.35 29.70 20.56
C VAL D 181 13.82 29.53 20.68
N LYS D 182 13.41 28.31 21.00
CA LYS D 182 11.98 27.94 21.14
C LYS D 182 11.91 26.71 21.98
N SER D 183 10.71 26.24 22.28
CA SER D 183 10.54 25.00 23.04
C SER D 183 10.68 23.81 22.07
N GLY D 184 11.41 22.79 22.47
CA GLY D 184 11.30 21.46 21.85
C GLY D 184 9.92 20.90 22.08
N ARG D 185 9.49 19.98 21.24
CA ARG D 185 8.25 19.22 21.50
C ARG D 185 8.54 17.77 21.13
N THR D 186 8.32 16.88 22.09
CA THR D 186 8.37 15.42 21.82
C THR D 186 7.04 14.83 22.26
N HIS D 187 6.49 13.95 21.45
CA HIS D 187 5.13 13.38 21.71
C HIS D 187 4.09 14.51 21.71
N LEU D 188 4.41 15.68 21.14
CA LEU D 188 3.56 16.91 21.10
C LEU D 188 3.59 17.63 22.47
N MET D 189 4.40 17.16 23.42
CA MET D 189 4.50 17.72 24.79
C MET D 189 5.74 18.58 24.93
N ASP D 190 5.68 19.54 25.86
CA ASP D 190 6.77 20.50 26.10
C ASP D 190 8.05 19.73 26.41
N ALA D 191 9.12 20.03 25.68
CA ALA D 191 10.44 19.45 25.93
C ALA D 191 11.46 20.59 26.10
N VAL D 192 12.69 20.21 26.36
CA VAL D 192 13.80 21.19 26.48
C VAL D 192 13.99 21.99 25.21
N PRO D 193 14.62 23.18 25.35
CA PRO D 193 14.78 24.07 24.20
C PRO D 193 15.56 23.53 23.01
N VAL D 194 15.15 24.03 21.85
CA VAL D 194 15.88 23.88 20.57
C VAL D 194 15.85 25.21 19.87
N THR D 195 16.50 25.35 18.74
CA THR D 195 16.33 26.53 17.92
C THR D 195 15.49 26.17 16.70
N LEU D 196 14.82 27.18 16.17
CA LEU D 196 14.14 27.04 14.85
C LEU D 196 15.16 26.67 13.78
N GLY D 197 16.37 27.20 13.87
CA GLY D 197 17.46 26.84 12.94
C GLY D 197 17.81 25.37 13.01
N GLN D 198 17.91 24.78 14.20
CA GLN D 198 18.23 23.34 14.33
C GLN D 198 17.14 22.52 13.64
N GLU D 199 15.88 22.85 13.84
CA GLU D 199 14.77 22.08 13.23
C GLU D 199 14.90 22.17 11.71
N PHE D 200 15.21 23.36 11.19
CA PHE D 200 15.34 23.56 9.72
C PHE D 200 16.60 22.82 9.21
N SER D 201 17.64 22.65 10.02
CA SER D 201 18.83 21.89 9.62
C SER D 201 18.42 20.42 9.43
N GLY D 202 17.51 19.93 10.24
CA GLY D 202 16.95 18.57 10.11
C GLY D 202 16.15 18.43 8.84
N TYR D 203 15.26 19.38 8.55
CA TYR D 203 14.52 19.37 7.27
C TYR D 203 15.50 19.37 6.08
N ALA D 204 16.52 20.22 6.12
CA ALA D 204 17.48 20.31 5.00
C ALA D 204 18.17 18.98 4.83
N ARG D 205 18.56 18.32 5.92
CA ARG D 205 19.22 17.02 5.81
C ARG D 205 18.26 16.02 5.17
N GLN D 206 16.96 16.06 5.50
CA GLN D 206 16.01 15.09 4.90
C GLN D 206 16.02 15.24 3.38
N ILE D 207 16.01 16.45 2.87
CA ILE D 207 16.00 16.70 1.39
C ILE D 207 17.39 16.35 0.84
N GLU D 208 18.47 16.66 1.54
CA GLU D 208 19.83 16.23 1.08
C GLU D 208 19.90 14.70 0.96
N ALA D 209 19.40 13.96 1.97
CA ALA D 209 19.34 12.49 1.93
C ALA D 209 18.42 12.03 0.79
N GLY D 210 17.39 12.78 0.49
CA GLY D 210 16.51 12.53 -0.66
C GLY D 210 17.31 12.54 -1.95
N ILE D 211 18.14 13.56 -2.13
CA ILE D 211 18.97 13.68 -3.37
C ILE D 211 19.94 12.48 -3.40
N GLU D 212 20.50 12.09 -2.24
CA GLU D 212 21.41 10.93 -2.19
C GLU D 212 20.66 9.67 -2.63
N ARG D 213 19.41 9.53 -2.17
CA ARG D 213 18.55 8.37 -2.52
C ARG D 213 18.29 8.32 -4.02
N VAL D 214 17.97 9.44 -4.64
CA VAL D 214 17.76 9.46 -6.10
C VAL D 214 19.09 9.10 -6.79
N ARG D 215 20.18 9.75 -6.40
N ARG D 215 20.20 9.73 -6.42
CA ARG D 215 21.52 9.46 -7.01
CA ARG D 215 21.47 9.41 -7.11
C ARG D 215 21.77 7.95 -6.94
C ARG D 215 21.79 7.92 -6.95
N ALA D 216 21.49 7.31 -5.79
CA ALA D 216 21.84 5.91 -5.53
C ALA D 216 21.11 4.98 -6.52
N CYS D 217 19.97 5.38 -7.05
CA CYS D 217 19.19 4.44 -7.93
C CYS D 217 19.60 4.59 -9.42
N LEU D 218 20.43 5.58 -9.76
CA LEU D 218 20.68 5.95 -11.18
C LEU D 218 21.41 4.83 -11.92
N PRO D 219 22.32 4.05 -11.30
CA PRO D 219 23.00 2.98 -12.05
C PRO D 219 22.02 1.95 -12.61
N ARG D 220 20.87 1.79 -11.96
CA ARG D 220 19.88 0.79 -12.43
C ARG D 220 18.76 1.48 -13.21
N LEU D 221 18.35 2.67 -12.82
CA LEU D 221 17.26 3.38 -13.51
C LEU D 221 17.67 3.65 -14.96
N GLY D 222 18.98 3.93 -15.15
CA GLY D 222 19.45 4.34 -16.48
C GLY D 222 19.71 3.16 -17.42
N GLU D 223 19.48 1.91 -17.00
CA GLU D 223 19.67 0.70 -17.86
C GLU D 223 18.58 0.64 -18.94
N LEU D 224 18.99 0.55 -20.20
CA LEU D 224 18.10 0.50 -21.37
C LEU D 224 18.11 -0.91 -21.97
N ALA D 225 16.94 -1.40 -22.36
CA ALA D 225 16.75 -2.72 -22.98
C ALA D 225 17.13 -2.74 -24.45
N ILE D 226 17.35 -1.59 -25.10
CA ILE D 226 17.43 -1.52 -26.57
C ILE D 226 18.54 -2.47 -27.06
N GLY D 227 18.26 -3.22 -28.13
CA GLY D 227 19.16 -4.24 -28.66
C GLY D 227 18.73 -5.65 -28.24
N GLY D 228 17.85 -5.81 -27.24
CA GLY D 228 17.43 -7.12 -26.77
C GLY D 228 16.38 -7.75 -27.68
N THR D 229 15.70 -6.95 -28.51
CA THR D 229 14.61 -7.39 -29.43
C THR D 229 13.54 -8.17 -28.66
N ALA D 230 12.89 -9.16 -29.27
CA ALA D 230 11.58 -9.67 -28.78
C ALA D 230 11.68 -10.28 -27.39
N VAL D 231 12.74 -11.02 -27.09
CA VAL D 231 12.82 -11.85 -25.86
C VAL D 231 14.08 -11.59 -25.04
N GLY D 232 14.94 -10.70 -25.51
CA GLY D 232 16.18 -10.35 -24.79
C GLY D 232 17.42 -10.95 -25.44
N THR D 233 17.27 -11.84 -26.46
CA THR D 233 18.41 -12.52 -27.09
C THR D 233 19.11 -11.60 -28.10
N GLY D 234 18.46 -10.55 -28.58
CA GLY D 234 19.03 -9.68 -29.62
C GLY D 234 18.88 -10.27 -31.01
N LEU D 235 18.10 -11.35 -31.16
CA LEU D 235 17.82 -11.88 -32.51
C LEU D 235 17.24 -10.77 -33.39
N ASN D 236 17.81 -10.64 -34.60
CA ASN D 236 17.37 -9.71 -35.68
C ASN D 236 17.85 -8.28 -35.33
N ALA D 237 18.79 -8.14 -34.40
CA ALA D 237 19.46 -6.85 -34.19
C ALA D 237 20.94 -7.14 -34.38
N PRO D 238 21.72 -6.16 -34.84
CA PRO D 238 23.18 -6.25 -34.71
C PRO D 238 23.65 -6.52 -33.29
N ASP D 239 24.74 -7.26 -33.16
CA ASP D 239 25.31 -7.64 -31.84
C ASP D 239 25.57 -6.40 -30.98
N ASP D 240 25.98 -5.31 -31.59
CA ASP D 240 26.42 -4.11 -30.81
C ASP D 240 25.33 -3.02 -30.86
N PHE D 241 24.13 -3.34 -31.34
CA PHE D 241 23.04 -2.33 -31.53
C PHE D 241 22.86 -1.52 -30.26
N GLY D 242 22.75 -2.16 -29.10
CA GLY D 242 22.39 -1.49 -27.84
C GLY D 242 23.47 -0.51 -27.47
N VAL D 243 24.72 -0.97 -27.48
CA VAL D 243 25.88 -0.13 -27.08
C VAL D 243 25.99 1.09 -28.01
N ARG D 244 25.76 0.91 -29.31
CA ARG D 244 25.84 2.02 -30.29
C ARG D 244 24.68 3.01 -30.08
N VAL D 245 23.47 2.51 -29.85
CA VAL D 245 22.27 3.39 -29.64
C VAL D 245 22.45 4.17 -28.34
N VAL D 246 22.92 3.51 -27.29
CA VAL D 246 23.09 4.22 -26.00
C VAL D 246 24.10 5.34 -26.23
N ALA D 247 25.19 5.08 -26.95
CA ALA D 247 26.23 6.12 -27.14
C ALA D 247 25.60 7.31 -27.87
N VAL D 248 24.81 7.11 -28.92
CA VAL D 248 24.12 8.24 -29.59
C VAL D 248 23.22 8.99 -28.60
N LEU D 249 22.45 8.26 -27.79
CA LEU D 249 21.49 8.90 -26.85
C LEU D 249 22.29 9.73 -25.85
N VAL D 250 23.37 9.19 -25.29
CA VAL D 250 24.18 9.95 -24.30
C VAL D 250 24.68 11.23 -24.97
N ALA D 251 25.18 11.13 -26.21
CA ALA D 251 25.77 12.27 -26.96
C ALA D 251 24.71 13.36 -27.19
N GLN D 252 23.50 12.93 -27.51
CA GLN D 252 22.41 13.86 -27.90
C GLN D 252 21.77 14.49 -26.65
N THR D 253 21.59 13.74 -25.58
CA THR D 253 20.88 14.23 -24.36
C THR D 253 21.85 14.79 -23.33
N GLY D 254 23.12 14.42 -23.35
CA GLY D 254 24.05 14.77 -22.26
C GLY D 254 23.82 13.93 -21.01
N LEU D 255 22.97 12.88 -21.06
CA LEU D 255 22.66 12.05 -19.86
C LEU D 255 23.64 10.88 -19.82
N SER D 256 24.76 11.08 -19.13
CA SER D 256 25.82 10.06 -18.95
C SER D 256 25.31 8.85 -18.16
N GLU D 257 24.17 9.00 -17.46
CA GLU D 257 23.54 7.94 -16.64
C GLU D 257 22.92 6.85 -17.51
N LEU D 258 22.64 7.11 -18.78
CA LEU D 258 22.04 6.08 -19.64
C LEU D 258 23.11 5.01 -19.87
N ARG D 259 22.76 3.73 -19.76
CA ARG D 259 23.69 2.62 -19.98
C ARG D 259 22.93 1.44 -20.59
N THR D 260 23.69 0.55 -21.22
N THR D 260 23.67 0.55 -21.25
CA THR D 260 23.20 -0.76 -21.72
CA THR D 260 23.10 -0.73 -21.72
C THR D 260 22.80 -1.59 -20.48
C THR D 260 22.77 -1.56 -20.47
N ALA D 261 21.79 -2.44 -20.59
CA ALA D 261 21.40 -3.33 -19.47
C ALA D 261 22.56 -4.24 -19.07
N ALA D 262 22.74 -4.52 -17.78
CA ALA D 262 23.74 -5.49 -17.29
C ALA D 262 23.37 -6.87 -17.87
N ASN D 263 22.08 -7.18 -17.86
CA ASN D 263 21.54 -8.46 -18.33
C ASN D 263 20.35 -8.18 -19.22
N SER D 264 20.40 -8.60 -20.47
CA SER D 264 19.36 -8.21 -21.48
C SER D 264 18.02 -8.92 -21.15
N PHE D 265 18.05 -10.05 -20.43
CA PHE D 265 16.83 -10.79 -20.03
C PHE D 265 16.15 -10.08 -18.86
N GLU D 266 16.92 -9.74 -17.82
CA GLU D 266 16.41 -8.96 -16.67
C GLU D 266 15.76 -7.68 -17.19
N ALA D 267 16.35 -7.02 -18.19
CA ALA D 267 15.89 -5.69 -18.60
C ALA D 267 14.55 -5.74 -19.32
N GLN D 268 14.09 -6.94 -19.77
CA GLN D 268 12.79 -7.05 -20.46
C GLN D 268 11.78 -7.86 -19.66
N ALA D 269 12.24 -8.84 -18.91
CA ALA D 269 11.42 -9.69 -18.02
C ALA D 269 10.90 -8.87 -16.81
N ALA D 270 11.62 -7.84 -16.44
CA ALA D 270 11.37 -7.05 -15.21
C ALA D 270 11.57 -5.57 -15.46
N ARG D 271 10.88 -4.76 -14.66
CA ARG D 271 11.03 -3.29 -14.60
C ARG D 271 11.47 -2.91 -13.18
N ASP D 272 12.31 -3.73 -12.56
CA ASP D 272 12.69 -3.55 -11.14
C ASP D 272 13.38 -2.20 -10.92
N GLY D 273 14.02 -1.64 -11.94
CA GLY D 273 14.63 -0.29 -11.88
C GLY D 273 13.60 0.80 -11.60
N LEU D 274 12.40 0.66 -12.17
CA LEU D 274 11.29 1.61 -11.87
C LEU D 274 10.80 1.45 -10.45
N VAL D 275 10.67 0.21 -9.99
CA VAL D 275 10.22 -0.11 -8.62
C VAL D 275 11.23 0.50 -7.62
N GLU D 276 12.53 0.22 -7.82
CA GLU D 276 13.60 0.83 -7.01
C GLU D 276 13.47 2.36 -6.97
N ALA D 277 13.37 3.00 -8.14
CA ALA D 277 13.33 4.46 -8.19
C ALA D 277 12.07 4.96 -7.47
N SER D 278 10.94 4.33 -7.68
CA SER D 278 9.69 4.73 -7.00
C SER D 278 9.92 4.71 -5.48
N GLY D 279 10.65 3.72 -4.90
CA GLY D 279 10.99 3.68 -3.47
C GLY D 279 11.72 4.94 -3.04
N ALA D 280 12.67 5.46 -3.83
CA ALA D 280 13.37 6.72 -3.52
C ALA D 280 12.32 7.85 -3.48
N LEU D 281 11.47 7.93 -4.51
CA LEU D 281 10.45 8.99 -4.55
C LEU D 281 9.50 8.88 -3.36
N ARG D 282 9.09 7.68 -3.03
CA ARG D 282 8.21 7.44 -1.87
C ARG D 282 8.91 7.93 -0.59
N THR D 283 10.21 7.67 -0.43
CA THR D 283 10.94 8.13 0.78
C THR D 283 10.91 9.67 0.81
N ILE D 284 11.13 10.29 -0.33
CA ILE D 284 11.08 11.78 -0.41
C ILE D 284 9.67 12.25 -0.02
N ALA D 285 8.62 11.61 -0.52
CA ALA D 285 7.23 11.95 -0.13
C ALA D 285 7.06 11.85 1.40
N VAL D 286 7.65 10.84 2.01
CA VAL D 286 7.58 10.64 3.47
C VAL D 286 8.30 11.80 4.18
N SER D 287 9.48 12.21 3.69
CA SER D 287 10.22 13.36 4.27
C SER D 287 9.39 14.63 4.10
N LEU D 288 8.89 14.89 2.90
CA LEU D 288 8.14 16.13 2.60
C LEU D 288 6.89 16.20 3.49
N THR D 289 6.24 15.08 3.75
CA THR D 289 5.05 15.09 4.63
C THR D 289 5.46 15.61 6.03
N LYS D 290 6.54 15.15 6.63
CA LYS D 290 6.97 15.61 7.98
C LYS D 290 7.33 17.10 7.90
N ILE D 291 8.01 17.52 6.85
CA ILE D 291 8.46 18.93 6.76
C ILE D 291 7.21 19.82 6.63
N ALA D 292 6.34 19.49 5.68
CA ALA D 292 5.11 20.28 5.41
C ALA D 292 4.19 20.31 6.64
N ASN D 293 4.05 19.18 7.32
N ASN D 293 4.06 19.18 7.32
CA ASN D 293 3.17 19.09 8.51
CA ASN D 293 3.14 19.09 8.48
C ASN D 293 3.71 20.00 9.62
C ASN D 293 3.69 19.95 9.64
N ASP D 294 5.01 19.95 9.87
CA ASP D 294 5.63 20.77 10.93
C ASP D 294 5.37 22.25 10.56
N ILE D 295 5.59 22.61 9.32
CA ILE D 295 5.46 24.02 8.89
C ILE D 295 4.01 24.51 9.04
N ARG D 296 3.02 23.71 8.64
CA ARG D 296 1.63 24.20 8.85
C ARG D 296 1.28 24.24 10.32
N TRP D 297 1.72 23.30 11.12
CA TRP D 297 1.50 23.42 12.59
C TRP D 297 2.18 24.66 13.15
N MET D 298 3.44 24.90 12.78
N MET D 298 3.42 24.94 12.77
CA MET D 298 4.17 26.10 13.23
CA MET D 298 4.13 26.14 13.29
C MET D 298 3.33 27.34 12.88
C MET D 298 3.42 27.41 12.82
N GLY D 299 2.71 27.39 11.69
CA GLY D 299 1.97 28.59 11.26
C GLY D 299 0.55 28.68 11.80
N SER D 300 0.07 27.65 12.48
CA SER D 300 -1.33 27.53 12.94
C SER D 300 -1.74 28.72 13.84
N GLY D 301 -3.04 29.03 13.77
CA GLY D 301 -3.71 30.00 14.67
C GLY D 301 -4.41 31.08 13.85
N PRO D 302 -4.18 32.38 14.11
CA PRO D 302 -3.17 32.84 15.07
C PRO D 302 -3.50 32.89 16.57
N LEU D 303 -4.70 32.58 17.04
CA LEU D 303 -5.06 32.60 18.49
C LEU D 303 -5.15 31.18 19.05
N THR D 304 -5.58 30.21 18.25
CA THR D 304 -5.93 28.83 18.72
C THR D 304 -4.80 27.87 18.38
N GLY D 305 -3.69 28.35 17.84
CA GLY D 305 -2.62 27.46 17.33
C GLY D 305 -1.28 27.74 17.99
N LEU D 306 -0.18 27.42 17.31
CA LEU D 306 1.16 27.52 17.90
C LEU D 306 1.73 28.90 17.57
N ALA D 307 1.36 29.46 16.41
CA ALA D 307 1.69 30.83 15.98
C ALA D 307 3.22 31.07 16.09
N GLU D 308 4.02 30.09 15.74
CA GLU D 308 5.49 30.22 15.80
C GLU D 308 6.03 31.00 14.60
N ILE D 309 5.43 30.82 13.42
CA ILE D 309 5.95 31.45 12.18
C ILE D 309 4.73 31.97 11.43
N GLN D 310 5.00 32.78 10.41
N GLN D 310 4.97 32.85 10.46
CA GLN D 310 3.97 33.32 9.49
CA GLN D 310 3.96 33.33 9.48
C GLN D 310 4.31 32.88 8.06
C GLN D 310 4.33 32.85 8.07
N LEU D 311 3.42 32.12 7.42
CA LEU D 311 3.61 31.67 6.02
C LEU D 311 3.24 32.82 5.09
N PRO D 312 3.93 32.99 3.94
CA PRO D 312 3.50 33.96 2.93
C PRO D 312 2.07 33.66 2.44
N ASP D 313 1.29 34.72 2.31
CA ASP D 313 -0.07 34.68 1.77
C ASP D 313 0.00 34.54 0.24
N LEU D 314 -0.72 33.54 -0.28
CA LEU D 314 -0.92 33.26 -1.72
C LEU D 314 -2.41 33.45 -2.04
N LYS D 324 -4.86 35.95 8.51
CA LYS D 324 -5.17 34.50 8.66
C LYS D 324 -4.93 33.80 7.30
N VAL D 325 -3.69 33.36 7.11
CA VAL D 325 -3.17 32.73 5.87
C VAL D 325 -3.39 31.21 5.96
N ASN D 326 -4.14 30.61 5.05
CA ASN D 326 -4.24 29.13 4.98
C ASN D 326 -2.90 28.55 4.47
N PRO D 327 -2.38 27.45 5.05
CA PRO D 327 -1.10 26.88 4.61
C PRO D 327 -1.29 26.10 3.30
N VAL D 328 -1.59 26.81 2.21
CA VAL D 328 -2.05 26.13 0.97
C VAL D 328 -0.88 25.36 0.34
N LEU D 329 0.37 25.84 0.40
N LEU D 329 0.36 25.85 0.41
CA LEU D 329 1.47 25.03 -0.20
CA LEU D 329 1.49 25.05 -0.15
C LEU D 329 1.80 23.80 0.67
C LEU D 329 1.76 23.79 0.67
N PRO D 330 1.86 23.84 2.02
CA PRO D 330 1.92 22.60 2.79
C PRO D 330 0.80 21.61 2.41
N GLU D 331 -0.41 22.10 2.10
CA GLU D 331 -1.52 21.18 1.74
C GLU D 331 -1.23 20.57 0.36
N ALA D 332 -0.74 21.39 -0.57
CA ALA D 332 -0.38 20.84 -1.90
C ALA D 332 0.75 19.82 -1.74
N VAL D 333 1.73 20.09 -0.90
CA VAL D 333 2.87 19.15 -0.72
C VAL D 333 2.34 17.82 -0.18
N THR D 334 1.50 17.87 0.87
CA THR D 334 1.04 16.64 1.56
C THR D 334 0.11 15.86 0.62
N GLN D 335 -0.63 16.57 -0.24
CA GLN D 335 -1.51 15.87 -1.19
C GLN D 335 -0.62 15.18 -2.26
N VAL D 336 0.40 15.88 -2.74
CA VAL D 336 1.37 15.28 -3.71
C VAL D 336 1.97 14.03 -3.07
N ALA D 337 2.38 14.10 -1.82
CA ALA D 337 3.04 12.98 -1.12
C ALA D 337 2.07 11.79 -1.13
N ALA D 338 0.79 12.05 -0.85
CA ALA D 338 -0.22 10.96 -0.85
C ALA D 338 -0.24 10.31 -2.23
N GLN D 339 -0.30 11.13 -3.28
CA GLN D 339 -0.34 10.63 -4.68
C GLN D 339 0.92 9.83 -5.00
N VAL D 340 2.10 10.24 -4.53
CA VAL D 340 3.35 9.48 -4.81
C VAL D 340 3.28 8.11 -4.12
N ILE D 341 2.70 8.07 -2.94
CA ILE D 341 2.53 6.80 -2.16
C ILE D 341 1.58 5.87 -2.92
N GLY D 342 0.48 6.40 -3.48
CA GLY D 342 -0.42 5.52 -4.24
C GLY D 342 0.23 5.05 -5.53
N ASN D 343 0.82 5.97 -6.28
CA ASN D 343 1.56 5.64 -7.49
C ASN D 343 2.59 4.57 -7.19
N ASP D 344 3.30 4.67 -6.08
CA ASP D 344 4.36 3.72 -5.73
C ASP D 344 3.76 2.32 -5.56
N ALA D 345 2.59 2.22 -4.92
CA ALA D 345 1.92 0.93 -4.76
C ALA D 345 1.56 0.34 -6.14
N ALA D 346 1.03 1.15 -7.07
CA ALA D 346 0.69 0.66 -8.43
C ALA D 346 1.95 0.15 -9.15
N ILE D 347 3.06 0.88 -9.03
CA ILE D 347 4.33 0.51 -9.67
C ILE D 347 4.76 -0.84 -9.15
N ALA D 348 4.76 -1.05 -7.84
CA ALA D 348 5.30 -2.30 -7.27
C ALA D 348 4.40 -3.47 -7.75
N TRP D 349 3.09 -3.24 -7.82
CA TRP D 349 2.12 -4.27 -8.25
C TRP D 349 2.43 -4.69 -9.68
N GLY D 350 2.59 -3.74 -10.59
CA GLY D 350 2.96 -4.08 -11.97
C GLY D 350 4.34 -4.74 -12.03
N GLY D 351 5.32 -4.24 -11.26
CA GLY D 351 6.69 -4.77 -11.21
C GLY D 351 6.71 -6.25 -10.92
N ALA D 352 5.81 -6.71 -10.06
CA ALA D 352 5.91 -8.09 -9.49
C ALA D 352 5.33 -9.06 -10.50
N ASN D 353 4.50 -8.60 -11.44
CA ASN D 353 3.55 -9.47 -12.19
C ASN D 353 4.02 -9.74 -13.63
N GLY D 354 5.31 -9.58 -13.89
CA GLY D 354 6.00 -10.08 -15.08
C GLY D 354 5.82 -11.58 -15.30
N ALA D 355 6.00 -12.05 -16.54
CA ALA D 355 5.97 -13.51 -16.77
C ALA D 355 7.02 -13.83 -17.83
N PHE D 356 7.90 -14.75 -17.51
CA PHE D 356 8.88 -15.28 -18.49
C PHE D 356 9.64 -14.10 -19.10
N GLU D 357 9.58 -13.91 -20.43
CA GLU D 357 10.51 -12.97 -21.10
C GLU D 357 10.03 -11.54 -21.07
N LEU D 358 8.84 -11.22 -20.50
CA LEU D 358 8.30 -9.87 -20.65
C LEU D 358 7.42 -9.45 -19.48
N ASN D 359 7.73 -8.28 -18.91
CA ASN D 359 6.80 -7.62 -17.97
C ASN D 359 5.82 -6.80 -18.82
N VAL D 360 4.53 -7.08 -18.72
CA VAL D 360 3.48 -6.43 -19.56
C VAL D 360 2.64 -5.45 -18.71
N TYR D 361 3.32 -4.66 -17.87
CA TYR D 361 2.68 -3.59 -17.07
C TYR D 361 3.36 -2.27 -17.40
N ILE D 362 4.10 -2.21 -18.52
CA ILE D 362 5.02 -1.06 -18.71
C ILE D 362 4.23 0.23 -18.84
N PRO D 363 3.16 0.35 -19.66
CA PRO D 363 2.52 1.65 -19.80
C PRO D 363 1.97 2.21 -18.47
N MET D 364 1.39 1.34 -17.63
CA MET D 364 0.89 1.76 -16.29
C MET D 364 2.06 2.18 -15.42
N MET D 365 3.09 1.36 -15.33
CA MET D 365 4.27 1.70 -14.49
C MET D 365 4.88 3.02 -14.96
N ALA D 366 5.02 3.25 -16.26
CA ALA D 366 5.57 4.49 -16.85
C ALA D 366 4.72 5.69 -16.42
N ARG D 367 3.39 5.55 -16.57
CA ARG D 367 2.51 6.68 -16.19
C ARG D 367 2.78 7.08 -14.74
N ASN D 368 2.83 6.08 -13.86
CA ASN D 368 2.92 6.30 -12.42
C ASN D 368 4.28 6.86 -12.01
N ILE D 369 5.39 6.28 -12.49
N ILE D 369 5.39 6.26 -12.49
CA ILE D 369 6.70 6.81 -12.03
CA ILE D 369 6.75 6.74 -12.12
C ILE D 369 6.95 8.18 -12.68
C ILE D 369 6.93 8.15 -12.68
N LEU D 370 6.52 8.40 -13.92
CA LEU D 370 6.78 9.72 -14.54
C LEU D 370 5.90 10.79 -13.88
N GLU D 371 4.69 10.44 -13.47
CA GLU D 371 3.87 11.42 -12.72
C GLU D 371 4.54 11.72 -11.39
N SER D 372 5.01 10.71 -10.68
CA SER D 372 5.65 10.94 -9.36
C SER D 372 6.83 11.92 -9.52
N PHE D 373 7.72 11.64 -10.47
CA PHE D 373 8.83 12.60 -10.77
C PHE D 373 8.32 14.02 -10.97
N LYS D 374 7.29 14.19 -11.78
CA LYS D 374 6.80 15.54 -12.14
C LYS D 374 6.19 16.25 -10.92
N LEU D 375 5.31 15.57 -10.19
CA LEU D 375 4.67 16.16 -9.02
C LEU D 375 5.75 16.59 -8.05
N LEU D 376 6.70 15.72 -7.74
CA LEU D 376 7.72 16.05 -6.74
C LEU D 376 8.58 17.21 -7.24
N THR D 377 8.91 17.21 -8.52
CA THR D 377 9.75 18.29 -9.07
C THR D 377 9.01 19.61 -8.86
N ASN D 378 7.78 19.65 -9.37
CA ASN D 378 7.03 20.93 -9.47
C ASN D 378 6.69 21.43 -8.07
N VAL D 379 6.20 20.57 -7.18
CA VAL D 379 5.77 21.04 -5.83
C VAL D 379 7.02 21.38 -5.00
N SER D 380 8.17 20.74 -5.22
CA SER D 380 9.38 21.08 -4.43
C SER D 380 9.81 22.53 -4.76
N ARG D 381 9.83 22.89 -6.04
CA ARG D 381 10.25 24.24 -6.46
C ARG D 381 9.25 25.22 -5.90
N LEU D 382 7.93 24.95 -6.03
CA LEU D 382 6.90 25.88 -5.51
C LEU D 382 7.07 26.06 -3.98
N PHE D 383 7.25 24.96 -3.27
CA PHE D 383 7.38 24.96 -1.79
C PHE D 383 8.60 25.82 -1.41
N ALA D 384 9.72 25.63 -2.11
CA ALA D 384 10.98 26.36 -1.83
C ALA D 384 10.77 27.86 -2.03
N GLN D 385 10.20 28.26 -3.16
CA GLN D 385 10.19 29.67 -3.63
C GLN D 385 9.03 30.42 -2.94
N ARG D 386 7.85 29.81 -2.79
CA ARG D 386 6.61 30.55 -2.43
C ARG D 386 6.13 30.25 -1.01
N CYS D 387 6.85 29.40 -0.29
CA CYS D 387 6.57 29.10 1.12
C CYS D 387 7.86 29.27 1.92
N ILE D 388 8.86 28.41 1.76
CA ILE D 388 10.06 28.39 2.65
C ILE D 388 10.77 29.76 2.62
N ALA D 389 11.06 30.28 1.44
CA ALA D 389 11.91 31.49 1.30
C ALA D 389 11.29 32.66 2.07
N GLY D 390 9.97 32.75 2.12
CA GLY D 390 9.25 33.89 2.72
C GLY D 390 8.75 33.69 4.14
N LEU D 391 9.05 32.57 4.78
CA LEU D 391 8.61 32.33 6.18
C LEU D 391 9.22 33.43 7.07
N THR D 392 8.46 33.92 8.03
CA THR D 392 8.94 34.85 9.08
C THR D 392 8.69 34.23 10.46
N ALA D 393 9.73 34.22 11.27
CA ALA D 393 9.72 33.70 12.64
C ALA D 393 9.14 34.76 13.60
N ASN D 394 8.25 34.35 14.52
CA ASN D 394 7.70 35.23 15.60
C ASN D 394 8.69 35.13 16.77
N VAL D 395 9.83 35.78 16.66
CA VAL D 395 11.01 35.58 17.56
C VAL D 395 10.64 35.76 19.05
N GLU D 396 9.93 36.81 19.42
N GLU D 396 9.97 36.86 19.41
CA GLU D 396 9.64 37.06 20.85
CA GLU D 396 9.53 37.18 20.82
C GLU D 396 8.69 35.96 21.35
C GLU D 396 8.70 35.99 21.32
N HIS D 397 7.69 35.59 20.56
CA HIS D 397 6.77 34.46 20.94
C HIS D 397 7.58 33.19 21.18
N LEU D 398 8.51 32.88 20.28
CA LEU D 398 9.31 31.63 20.34
C LEU D 398 10.19 31.64 21.59
N ARG D 399 10.79 32.80 21.93
CA ARG D 399 11.57 32.90 23.18
C ARG D 399 10.65 32.70 24.40
N ARG D 400 9.45 33.25 24.39
CA ARG D 400 8.51 33.04 25.53
C ARG D 400 8.17 31.56 25.65
N LEU D 401 8.02 30.83 24.54
CA LEU D 401 7.79 29.36 24.64
C LEU D 401 9.02 28.66 25.19
N ALA D 402 10.23 29.06 24.76
CA ALA D 402 11.48 28.49 25.27
C ALA D 402 11.56 28.70 26.78
N GLU D 403 11.22 29.91 27.24
CA GLU D 403 11.27 30.27 28.69
C GLU D 403 10.16 29.56 29.46
N SER D 404 9.31 28.78 28.76
CA SER D 404 8.29 27.95 29.44
C SER D 404 8.59 26.45 29.34
N SER D 405 9.67 26.05 28.66
CA SER D 405 10.10 24.64 28.53
C SER D 405 10.56 24.14 29.89
N PRO D 406 10.57 22.82 30.12
CA PRO D 406 11.22 22.26 31.29
C PRO D 406 12.71 22.61 31.25
N SER D 407 13.25 22.75 32.45
CA SER D 407 14.68 22.97 32.70
C SER D 407 15.26 21.71 33.34
N ILE D 408 16.57 21.64 33.46
CA ILE D 408 17.30 20.53 34.13
C ILE D 408 18.26 21.14 35.15
N VAL D 409 18.72 20.36 36.14
CA VAL D 409 19.57 20.84 37.27
C VAL D 409 21.06 20.65 36.93
N THR D 410 21.38 19.79 35.95
CA THR D 410 22.76 19.40 35.55
C THR D 410 23.67 20.62 35.47
N PRO D 411 23.27 21.72 34.80
CA PRO D 411 24.10 22.93 34.72
C PRO D 411 24.33 23.69 36.05
N LEU D 412 23.79 23.20 37.17
CA LEU D 412 24.00 23.76 38.54
C LEU D 412 25.02 22.92 39.30
N ASN D 413 25.30 21.68 38.87
CA ASN D 413 26.20 20.72 39.58
C ASN D 413 27.46 21.43 40.09
N SER D 414 28.15 22.20 39.23
CA SER D 414 29.48 22.76 39.56
C SER D 414 29.37 23.85 40.63
N ALA D 415 28.15 24.28 40.99
CA ALA D 415 27.90 25.39 41.93
C ALA D 415 27.38 24.86 43.28
N ILE D 416 26.47 23.88 43.27
CA ILE D 416 25.74 23.41 44.49
C ILE D 416 26.04 21.93 44.74
N GLY D 417 26.70 21.24 43.79
CA GLY D 417 27.04 19.81 43.89
C GLY D 417 25.89 18.89 43.52
N TYR D 418 26.23 17.65 43.13
CA TYR D 418 25.33 16.56 42.69
C TYR D 418 24.18 16.38 43.69
N GLU D 419 24.47 16.52 44.99
CA GLU D 419 23.55 16.16 46.10
C GLU D 419 22.43 17.22 46.18
N GLU D 420 22.79 18.50 46.29
CA GLU D 420 21.83 19.64 46.33
C GLU D 420 21.06 19.70 45.01
N ALA D 421 21.74 19.56 43.87
CA ALA D 421 21.12 19.58 42.53
C ALA D 421 20.03 18.49 42.48
N ALA D 422 20.33 17.28 42.95
CA ALA D 422 19.37 16.16 43.01
C ALA D 422 18.21 16.51 43.94
N ALA D 423 18.46 17.23 45.03
CA ALA D 423 17.41 17.68 45.99
C ALA D 423 16.54 18.77 45.34
N VAL D 424 17.15 19.69 44.59
CA VAL D 424 16.40 20.70 43.78
C VAL D 424 15.45 19.97 42.82
N ALA D 425 15.96 19.00 42.05
CA ALA D 425 15.16 18.28 41.02
C ALA D 425 13.94 17.64 41.70
N LYS D 426 14.15 16.96 42.83
CA LYS D 426 13.09 16.23 43.56
C LYS D 426 12.03 17.25 44.02
N GLN D 427 12.45 18.33 44.68
CA GLN D 427 11.49 19.33 45.23
C GLN D 427 10.73 20.02 44.08
N ALA D 428 11.41 20.32 42.97
CA ALA D 428 10.75 20.95 41.80
C ALA D 428 9.62 20.02 41.30
N LEU D 429 9.90 18.72 41.18
CA LEU D 429 8.91 17.75 40.66
C LEU D 429 7.72 17.67 41.64
N LYS D 430 8.00 17.55 42.94
CA LYS D 430 6.98 17.33 44.00
C LYS D 430 6.08 18.57 44.13
N GLU D 431 6.64 19.76 44.10
CA GLU D 431 5.88 21.03 44.36
C GLU D 431 5.43 21.63 43.02
N ARG D 432 5.77 21.00 41.88
CA ARG D 432 5.36 21.46 40.52
C ARG D 432 5.88 22.90 40.30
N LYS D 433 7.16 23.11 40.60
CA LYS D 433 7.85 24.42 40.47
C LYS D 433 8.92 24.32 39.39
N THR D 434 9.38 25.45 38.85
CA THR D 434 10.55 25.47 37.96
C THR D 434 11.80 25.13 38.80
N ILE D 435 12.87 24.73 38.13
CA ILE D 435 14.21 24.59 38.75
C ILE D 435 14.60 25.95 39.35
N ARG D 436 14.37 27.01 38.58
CA ARG D 436 14.84 28.37 38.94
C ARG D 436 14.22 28.78 40.29
N GLN D 437 12.90 28.73 40.36
CA GLN D 437 12.14 29.17 41.55
C GLN D 437 12.52 28.26 42.74
N THR D 438 12.72 26.95 42.50
CA THR D 438 13.09 25.97 43.53
C THR D 438 14.47 26.36 44.10
N VAL D 439 15.43 26.70 43.24
CA VAL D 439 16.76 27.15 43.73
C VAL D 439 16.56 28.34 44.67
N ILE D 440 15.77 29.33 44.25
CA ILE D 440 15.50 30.57 45.06
C ILE D 440 14.81 30.18 46.37
N ASP D 441 13.72 29.43 46.30
CA ASP D 441 12.89 29.04 47.48
C ASP D 441 13.73 28.27 48.51
N ARG D 442 14.72 27.48 48.06
CA ARG D 442 15.61 26.68 48.95
C ARG D 442 16.72 27.57 49.53
N GLY D 443 16.69 28.89 49.28
CA GLY D 443 17.69 29.84 49.83
C GLY D 443 19.09 29.60 49.28
N LEU D 444 19.25 29.23 48.01
CA LEU D 444 20.55 28.78 47.47
C LEU D 444 21.33 29.95 46.88
N ILE D 445 20.69 31.10 46.68
CA ILE D 445 21.39 32.33 46.24
C ILE D 445 22.29 32.80 47.39
N GLY D 446 23.59 32.93 47.10
CA GLY D 446 24.69 33.17 48.07
C GLY D 446 26.01 33.26 47.34
N ASP D 447 27.13 33.05 48.03
CA ASP D 447 28.51 33.16 47.47
C ASP D 447 28.76 32.03 46.46
N ARG D 448 28.09 30.88 46.65
CA ARG D 448 28.23 29.68 45.78
C ARG D 448 27.47 29.89 44.47
N LEU D 449 26.49 30.82 44.43
CA LEU D 449 25.54 30.94 43.30
C LEU D 449 24.83 32.28 43.35
N SER D 450 25.28 33.23 42.54
CA SER D 450 24.57 34.52 42.38
C SER D 450 23.36 34.26 41.52
N ILE D 451 22.47 35.24 41.44
CA ILE D 451 21.36 35.24 40.45
C ILE D 451 21.98 35.19 39.04
N GLU D 452 22.95 36.07 38.74
CA GLU D 452 23.58 36.14 37.39
C GLU D 452 23.96 34.71 37.01
N ASP D 453 24.64 34.01 37.89
CA ASP D 453 25.15 32.64 37.63
C ASP D 453 24.03 31.63 37.43
N LEU D 454 22.96 31.75 38.20
CA LEU D 454 21.75 30.90 38.03
C LEU D 454 21.19 31.14 36.64
N ASP D 455 21.03 32.40 36.25
CA ASP D 455 20.41 32.80 34.95
C ASP D 455 21.34 32.42 33.79
N ARG D 456 22.66 32.47 33.97
CA ARG D 456 23.62 32.09 32.91
C ARG D 456 23.57 30.57 32.74
N ARG D 457 23.57 29.80 33.84
CA ARG D 457 23.63 28.33 33.83
C ARG D 457 22.35 27.74 33.20
N LEU D 458 21.20 28.39 33.38
CA LEU D 458 19.85 27.88 32.98
C LEU D 458 19.39 28.60 31.72
N ASP D 459 20.26 29.39 31.10
CA ASP D 459 19.87 30.22 29.94
C ASP D 459 19.30 29.32 28.84
N VAL D 460 18.13 29.64 28.27
CA VAL D 460 17.45 28.69 27.33
C VAL D 460 18.27 28.54 26.05
N LEU D 461 18.91 29.58 25.53
CA LEU D 461 19.69 29.42 24.28
C LEU D 461 20.91 28.53 24.56
N ALA D 462 21.57 28.68 25.71
CA ALA D 462 22.67 27.75 26.09
C ALA D 462 22.13 26.33 26.21
N MET D 463 20.92 26.14 26.76
CA MET D 463 20.32 24.79 26.86
C MET D 463 20.08 24.19 25.47
N ALA D 464 19.84 25.01 24.43
CA ALA D 464 19.62 24.51 23.04
C ALA D 464 20.96 24.09 22.42
N LYS D 465 22.10 24.47 23.01
CA LYS D 465 23.47 24.06 22.59
C LYS D 465 23.66 24.34 21.10
N ALA D 466 23.35 25.54 20.59
CA ALA D 466 23.45 25.87 19.15
C ALA D 466 24.91 26.19 18.78
O3 L0K E . 3.86 -33.65 -23.91
C4 L0K E . 2.60 -27.76 -22.95
C5 L0K E . 2.77 -31.09 -24.45
O4 L0K E . 1.33 -32.11 -28.57
C6 L0K E . 3.22 -33.03 -23.05
N1 L0K E . 3.16 -36.00 -21.41
C7 L0K E . 2.83 -33.66 -21.74
C8 L0K E . 3.66 -34.82 -21.28
N2 L0K E . 3.96 -37.07 -21.09
C9 L0K E . 5.04 -34.60 -20.82
C10 L0K E . 5.82 -35.74 -20.51
C11 L0K E . 7.16 -35.59 -20.14
C12 L0K E . 7.69 -34.32 -20.01
N3 L0K E . 3.59 -33.04 -28.34
C13 L0K E . 6.91 -33.18 -20.30
C14 L0K E . 5.60 -33.32 -20.71
C15 L0K E . 5.22 -37.06 -20.66
S L0K E . 2.68 -31.70 -28.41
O L0K E . 3.28 -30.82 -29.36
C26 L0K E . 3.14 -34.29 -29.01
C25 L0K E . 3.37 -35.53 -28.18
C24 L0K E . 4.78 -36.07 -28.12
C23 L0K E . 5.00 -37.41 -28.44
C22 L0K E . 6.24 -38.00 -28.22
C21 L0K E . 7.28 -37.26 -27.69
C20 L0K E . 7.10 -35.92 -27.40
C19 L0K E . 5.85 -35.31 -27.59
C18 L0K E . 5.60 -33.89 -27.14
C17 L0K E . 5.06 -32.96 -28.21
C L0K E . 2.81 -30.92 -26.84
C16 L0K E . 2.77 -31.71 -25.70
C3 L0K E . 2.80 -29.69 -24.38
O1 L0K E . 2.75 -29.17 -23.10
C2 L0K E . 2.83 -28.94 -25.53
C1 L0K E . 2.85 -29.55 -26.76
N L0K E . 2.78 -31.77 -23.22
O2 L0K E . 5.81 -38.11 -20.40
C FMT F . 10.31 12.36 26.18
O1 FMT F . 10.72 13.16 25.36
O2 FMT F . 9.18 12.48 26.83
MG MG G . -2.82 28.54 23.02
O3 L0K H . -1.55 -30.75 -27.83
C4 L0K H . -0.84 -28.48 -22.17
C5 L0K H . -0.61 -30.67 -25.09
O4 L0K H . 1.16 -34.81 -25.07
C6 L0K H . -1.00 -29.75 -27.37
N1 L0K H . -0.92 -28.90 -30.62
C7 L0K H . -0.62 -28.60 -28.27
C8 L0K H . -1.47 -28.58 -29.51
N2 L0K H . -1.68 -28.88 -31.76
C9 L0K H . -2.90 -28.17 -29.47
C10 L0K H . -3.66 -28.18 -30.65
C11 L0K H . -4.99 -27.77 -30.65
C12 L0K H . -5.56 -27.35 -29.45
N3 L0K H . -1.07 -34.89 -26.10
C13 L0K H . -4.82 -27.32 -28.29
C14 L0K H . -3.48 -27.70 -28.28
C15 L0K H . -3.00 -28.58 -31.90
S L0K H . -0.22 -34.65 -24.76
O L0K H . -0.83 -35.43 -23.73
C26 L0K H . -2.55 -34.84 -25.98
C25 L0K H . -3.22 -34.15 -27.18
C24 L0K H . -3.29 -34.93 -28.48
C23 L0K H . -4.54 -35.09 -29.10
C22 L0K H . -4.67 -35.78 -30.30
C21 L0K H . -3.54 -36.31 -30.91
C20 L0K H . -2.29 -36.16 -30.32
C19 L0K H . -2.14 -35.47 -29.10
C18 L0K H . -0.77 -35.28 -28.53
C17 L0K H . -0.58 -35.83 -27.12
C L0K H . -0.49 -32.96 -24.37
C16 L0K H . -0.52 -32.02 -25.41
C3 L0K H . -0.72 -30.30 -23.73
O1 L0K H . -0.74 -28.95 -23.53
C2 L0K H . -0.72 -31.25 -22.72
C1 L0K H . -0.62 -32.59 -23.05
N L0K H . -0.62 -29.63 -26.07
O2 L0K H . -3.57 -28.66 -32.99
#